data_2NNE
# 
_entry.id   2NNE 
# 
_audit_conform.dict_name       mmcif_pdbx.dic 
_audit_conform.dict_version    5.380 
_audit_conform.dict_location   http://mmcif.pdb.org/dictionaries/ascii/mmcif_pdbx.dic 
# 
loop_
_database_2.database_id 
_database_2.database_code 
_database_2.pdbx_database_accession 
_database_2.pdbx_DOI 
PDB   2NNE         pdb_00002nne 10.2210/pdb2nne/pdb 
RCSB  RCSB040073   ?            ?                   
WWPDB D_1000040073 ?            ?                   
# 
_pdbx_database_related.db_name        PDB 
_pdbx_database_related.db_id          2NND 
_pdbx_database_related.details        'the same protein' 
_pdbx_database_related.content_type   unspecified 
# 
_pdbx_database_status.status_code                     REL 
_pdbx_database_status.entry_id                        2NNE 
_pdbx_database_status.recvd_initial_deposition_date   2006-10-24 
_pdbx_database_status.deposit_site                    RCSB 
_pdbx_database_status.process_site                    PDBJ 
_pdbx_database_status.status_code_sf                  REL 
_pdbx_database_status.status_code_mr                  ? 
_pdbx_database_status.SG_entry                        ? 
_pdbx_database_status.pdb_format_compatible           Y 
_pdbx_database_status.status_code_cs                  ? 
_pdbx_database_status.methods_development_category    ? 
_pdbx_database_status.status_code_nmr_data            ? 
# 
loop_
_audit_author.name 
_audit_author.pdbx_ordinal 
'Redondo, C.'     1 
'Bingham, R.J.'   2 
'Vouropoulou, M.' 3 
'Homans, S.W.'    4 
'Findlay, J.B.'   5 
# 
_citation.id                        primary 
_citation.title                     
'Identification of the retinol-binding protein (RBP) interaction site and functional state of RBPs for the membrane receptor.' 
_citation.journal_abbrev            'Faseb J.' 
_citation.journal_volume            22 
_citation.page_first                1043 
_citation.page_last                 1054 
_citation.year                      2008 
_citation.journal_id_ASTM           FAJOEC 
_citation.country                   US 
_citation.journal_id_ISSN           0892-6638 
_citation.journal_id_CSD            2074 
_citation.book_publisher            ? 
_citation.pdbx_database_id_PubMed   17991731 
_citation.pdbx_database_id_DOI      10.1096/fj.07-8939com 
# 
loop_
_citation_author.citation_id 
_citation_author.name 
_citation_author.ordinal 
_citation_author.identifier_ORCID 
primary 'Redondo, C.'     1 ? 
primary 'Vouropoulou, M.' 2 ? 
primary 'Evans, J.'       3 ? 
primary 'Findlay, J.B.'   4 ? 
# 
_cell.entry_id           2NNE 
_cell.length_a           53.777 
_cell.length_b           53.777 
_cell.length_c           137.596 
_cell.angle_alpha        90.00 
_cell.angle_beta         90.00 
_cell.angle_gamma        90.00 
_cell.Z_PDB              8 
_cell.pdbx_unique_axis   ? 
_cell.length_a_esd       ? 
_cell.length_b_esd       ? 
_cell.length_c_esd       ? 
_cell.angle_alpha_esd    ? 
_cell.angle_beta_esd     ? 
_cell.angle_gamma_esd    ? 
# 
_symmetry.entry_id                         2NNE 
_symmetry.space_group_name_H-M             'P 43 21 2' 
_symmetry.pdbx_full_space_group_name_H-M   ? 
_symmetry.cell_setting                     ? 
_symmetry.Int_Tables_number                96 
_symmetry.space_group_name_Hall            ? 
# 
loop_
_entity.id 
_entity.type 
_entity.src_method 
_entity.pdbx_description 
_entity.formula_weight 
_entity.pdbx_number_of_molecules 
_entity.pdbx_ec 
_entity.pdbx_mutation 
_entity.pdbx_fragment 
_entity.details 
1 polymer     man 'Major urinary protein 2' 20635.045 1   ? ? ? ? 
2 non-polymer syn 'CADMIUM ION'             112.411   4   ? ? ? ? 
3 non-polymer syn GLYCEROL                  92.094    1   ? ? ? ? 
4 water       nat water                     18.015    195 ? ? ? ? 
# 
_entity_name_com.entity_id   1 
_entity_name_com.name        'MUP 2' 
# 
_entity_poly.entity_id                      1 
_entity_poly.type                           'polypeptide(L)' 
_entity_poly.nstd_linkage                   no 
_entity_poly.nstd_monomer                   no 
_entity_poly.pdbx_seq_one_letter_code       
;MRGSHHHHHHGSEEASSTGRNFNVEKINGEWHTIILASDKREKIEDNGNFRLFLEQIHVLEKSLVLKFHGRVRLLNNWDC
SELSMVADKTEKAGEYSVTYDGFNTFTIPKTDYDNFLMAHLINEKDGETFQLMGLYGREPDLSSDIKERFAQLCEEHGIL
RENIIDLSNANRCLQARE
;
_entity_poly.pdbx_seq_one_letter_code_can   
;MRGSHHHHHHGSEEASSTGRNFNVEKINGEWHTIILASDKREKIEDNGNFRLFLEQIHVLEKSLVLKFHGRVRLLNNWDC
SELSMVADKTEKAGEYSVTYDGFNTFTIPKTDYDNFLMAHLINEKDGETFQLMGLYGREPDLSSDIKERFAQLCEEHGIL
RENIIDLSNANRCLQARE
;
_entity_poly.pdbx_strand_id                 A 
_entity_poly.pdbx_target_identifier         ? 
# 
loop_
_entity_poly_seq.entity_id 
_entity_poly_seq.num 
_entity_poly_seq.mon_id 
_entity_poly_seq.hetero 
1 1   MET n 
1 2   ARG n 
1 3   GLY n 
1 4   SER n 
1 5   HIS n 
1 6   HIS n 
1 7   HIS n 
1 8   HIS n 
1 9   HIS n 
1 10  HIS n 
1 11  GLY n 
1 12  SER n 
1 13  GLU n 
1 14  GLU n 
1 15  ALA n 
1 16  SER n 
1 17  SER n 
1 18  THR n 
1 19  GLY n 
1 20  ARG n 
1 21  ASN n 
1 22  PHE n 
1 23  ASN n 
1 24  VAL n 
1 25  GLU n 
1 26  LYS n 
1 27  ILE n 
1 28  ASN n 
1 29  GLY n 
1 30  GLU n 
1 31  TRP n 
1 32  HIS n 
1 33  THR n 
1 34  ILE n 
1 35  ILE n 
1 36  LEU n 
1 37  ALA n 
1 38  SER n 
1 39  ASP n 
1 40  LYS n 
1 41  ARG n 
1 42  GLU n 
1 43  LYS n 
1 44  ILE n 
1 45  GLU n 
1 46  ASP n 
1 47  ASN n 
1 48  GLY n 
1 49  ASN n 
1 50  PHE n 
1 51  ARG n 
1 52  LEU n 
1 53  PHE n 
1 54  LEU n 
1 55  GLU n 
1 56  GLN n 
1 57  ILE n 
1 58  HIS n 
1 59  VAL n 
1 60  LEU n 
1 61  GLU n 
1 62  LYS n 
1 63  SER n 
1 64  LEU n 
1 65  VAL n 
1 66  LEU n 
1 67  LYS n 
1 68  PHE n 
1 69  HIS n 
1 70  GLY n 
1 71  ARG n 
1 72  VAL n 
1 73  ARG n 
1 74  LEU n 
1 75  LEU n 
1 76  ASN n 
1 77  ASN n 
1 78  TRP n 
1 79  ASP n 
1 80  CYS n 
1 81  SER n 
1 82  GLU n 
1 83  LEU n 
1 84  SER n 
1 85  MET n 
1 86  VAL n 
1 87  ALA n 
1 88  ASP n 
1 89  LYS n 
1 90  THR n 
1 91  GLU n 
1 92  LYS n 
1 93  ALA n 
1 94  GLY n 
1 95  GLU n 
1 96  TYR n 
1 97  SER n 
1 98  VAL n 
1 99  THR n 
1 100 TYR n 
1 101 ASP n 
1 102 GLY n 
1 103 PHE n 
1 104 ASN n 
1 105 THR n 
1 106 PHE n 
1 107 THR n 
1 108 ILE n 
1 109 PRO n 
1 110 LYS n 
1 111 THR n 
1 112 ASP n 
1 113 TYR n 
1 114 ASP n 
1 115 ASN n 
1 116 PHE n 
1 117 LEU n 
1 118 MET n 
1 119 ALA n 
1 120 HIS n 
1 121 LEU n 
1 122 ILE n 
1 123 ASN n 
1 124 GLU n 
1 125 LYS n 
1 126 ASP n 
1 127 GLY n 
1 128 GLU n 
1 129 THR n 
1 130 PHE n 
1 131 GLN n 
1 132 LEU n 
1 133 MET n 
1 134 GLY n 
1 135 LEU n 
1 136 TYR n 
1 137 GLY n 
1 138 ARG n 
1 139 GLU n 
1 140 PRO n 
1 141 ASP n 
1 142 LEU n 
1 143 SER n 
1 144 SER n 
1 145 ASP n 
1 146 ILE n 
1 147 LYS n 
1 148 GLU n 
1 149 ARG n 
1 150 PHE n 
1 151 ALA n 
1 152 GLN n 
1 153 LEU n 
1 154 CYS n 
1 155 GLU n 
1 156 GLU n 
1 157 HIS n 
1 158 GLY n 
1 159 ILE n 
1 160 LEU n 
1 161 ARG n 
1 162 GLU n 
1 163 ASN n 
1 164 ILE n 
1 165 ILE n 
1 166 ASP n 
1 167 LEU n 
1 168 SER n 
1 169 ASN n 
1 170 ALA n 
1 171 ASN n 
1 172 ARG n 
1 173 CYS n 
1 174 LEU n 
1 175 GLN n 
1 176 ALA n 
1 177 ARG n 
1 178 GLU n 
# 
loop_
_entity_src_gen.entity_id 
_entity_src_gen.pdbx_src_id 
_entity_src_gen.pdbx_alt_source_flag 
_entity_src_gen.pdbx_seq_type 
_entity_src_gen.pdbx_beg_seq_num 
_entity_src_gen.pdbx_end_seq_num 
_entity_src_gen.gene_src_common_name 
_entity_src_gen.gene_src_genus 
_entity_src_gen.pdbx_gene_src_gene 
_entity_src_gen.gene_src_species 
_entity_src_gen.gene_src_strain 
_entity_src_gen.gene_src_tissue 
_entity_src_gen.gene_src_tissue_fraction 
_entity_src_gen.gene_src_details 
_entity_src_gen.pdbx_gene_src_fragment 
_entity_src_gen.pdbx_gene_src_scientific_name 
_entity_src_gen.pdbx_gene_src_ncbi_taxonomy_id 
_entity_src_gen.pdbx_gene_src_variant 
_entity_src_gen.pdbx_gene_src_cell_line 
_entity_src_gen.pdbx_gene_src_atcc 
_entity_src_gen.pdbx_gene_src_organ 
_entity_src_gen.pdbx_gene_src_organelle 
_entity_src_gen.pdbx_gene_src_cell 
_entity_src_gen.pdbx_gene_src_cellular_location 
_entity_src_gen.host_org_common_name 
_entity_src_gen.pdbx_host_org_scientific_name 
_entity_src_gen.pdbx_host_org_ncbi_taxonomy_id 
_entity_src_gen.host_org_genus 
_entity_src_gen.pdbx_host_org_gene 
_entity_src_gen.pdbx_host_org_organ 
_entity_src_gen.host_org_species 
_entity_src_gen.pdbx_host_org_tissue 
_entity_src_gen.pdbx_host_org_tissue_fraction 
_entity_src_gen.pdbx_host_org_strain 
_entity_src_gen.pdbx_host_org_variant 
_entity_src_gen.pdbx_host_org_cell_line 
_entity_src_gen.pdbx_host_org_atcc 
_entity_src_gen.pdbx_host_org_culture_collection 
_entity_src_gen.pdbx_host_org_cell 
_entity_src_gen.pdbx_host_org_organelle 
_entity_src_gen.pdbx_host_org_cellular_location 
_entity_src_gen.pdbx_host_org_vector_type 
_entity_src_gen.pdbx_host_org_vector 
_entity_src_gen.host_org_details 
_entity_src_gen.expression_system_id 
_entity_src_gen.plasmid_name 
_entity_src_gen.plasmid_details 
_entity_src_gen.pdbx_description 
1 1 sample ? 13 69  'house mouse' Mus 'MUP1, Mup2' ? ? ? ? ? ? 'Mus musculus' 10090 ? ? ? ? ? ? ? ? 'Escherichia coli' 562 
Escherichia ? ? ? ? ? 'BL21 GOLD' ? ? ? ? ? ? ? PLASMID ? ? ? 'pQE30 (QIAGEN)' ? ? 
1 2 sample ? 80 178 'house mouse' Mus 'MUP1, Mup2' ? ? ? ? ? ? 'Mus musculus' 10090 ? ? ? ? ? ? ? ? 'Escherichia coli' 562 
Escherichia ? ? ? ? ? 'BL21 GOLD' ? ? ? ? ? ? ? PLASMID ? ? ? 'pQE30 (QIAGEN)' ? ? 
# 
_struct_ref.id                         1 
_struct_ref.db_name                    UNP 
_struct_ref.db_code                    MUP2_MOUSE 
_struct_ref.pdbx_db_accession          P11589 
_struct_ref.entity_id                  1 
_struct_ref.pdbx_seq_one_letter_code   ? 
_struct_ref.pdbx_align_begin           19 
_struct_ref.pdbx_db_isoform            ? 
# 
loop_
_struct_ref_seq.align_id 
_struct_ref_seq.ref_id 
_struct_ref_seq.pdbx_PDB_id_code 
_struct_ref_seq.pdbx_strand_id 
_struct_ref_seq.seq_align_beg 
_struct_ref_seq.pdbx_seq_align_beg_ins_code 
_struct_ref_seq.seq_align_end 
_struct_ref_seq.pdbx_seq_align_end_ins_code 
_struct_ref_seq.pdbx_db_accession 
_struct_ref_seq.db_align_beg 
_struct_ref_seq.pdbx_db_align_beg_ins_code 
_struct_ref_seq.db_align_end 
_struct_ref_seq.pdbx_db_align_end_ins_code 
_struct_ref_seq.pdbx_auth_seq_align_beg 
_struct_ref_seq.pdbx_auth_seq_align_end 
1 1 2NNE A 13 ? 69  ? P11589 19 ? 75  ? 1  57  
2 1 2NNE A 80 ? 178 ? P11589 82 ? 180 ? 68 166 
# 
loop_
_struct_ref_seq_dif.align_id 
_struct_ref_seq_dif.pdbx_pdb_id_code 
_struct_ref_seq_dif.mon_id 
_struct_ref_seq_dif.pdbx_pdb_strand_id 
_struct_ref_seq_dif.seq_num 
_struct_ref_seq_dif.pdbx_pdb_ins_code 
_struct_ref_seq_dif.pdbx_seq_db_name 
_struct_ref_seq_dif.pdbx_seq_db_accession_code 
_struct_ref_seq_dif.db_mon_id 
_struct_ref_seq_dif.pdbx_seq_db_seq_num 
_struct_ref_seq_dif.details 
_struct_ref_seq_dif.pdbx_auth_seq_num 
_struct_ref_seq_dif.pdbx_ordinal 
1 2NNE MET A 1   ? UNP P11589 ?   ?   'expression tag' -11 1  
1 2NNE ARG A 2   ? UNP P11589 ?   ?   'expression tag' -10 2  
1 2NNE GLY A 3   ? UNP P11589 ?   ?   'expression tag' -9  3  
1 2NNE SER A 4   ? UNP P11589 ?   ?   'expression tag' -8  4  
1 2NNE HIS A 5   ? UNP P11589 ?   ?   'expression tag' -7  5  
1 2NNE HIS A 6   ? UNP P11589 ?   ?   'expression tag' -6  6  
1 2NNE HIS A 7   ? UNP P11589 ?   ?   'expression tag' -5  7  
1 2NNE HIS A 8   ? UNP P11589 ?   ?   'expression tag' -4  8  
1 2NNE HIS A 9   ? UNP P11589 ?   ?   'expression tag' -3  9  
1 2NNE HIS A 10  ? UNP P11589 ?   ?   'expression tag' -2  10 
1 2NNE GLY A 11  ? UNP P11589 ?   ?   'expression tag' -1  11 
1 2NNE SER A 12  ? UNP P11589 ?   ?   'expression tag' 0   12 
1 2NNE GLY A 70  ? UNP P11589 ?   ?   linker           58  13 
1 2NNE ARG A 71  ? UNP P11589 ?   ?   linker           59  14 
1 2NNE VAL A 72  ? UNP P11589 ?   ?   linker           60  15 
1 2NNE ARG A 73  ? UNP P11589 ?   ?   linker           61  16 
1 2NNE LEU A 74  ? UNP P11589 ?   ?   linker           62  17 
1 2NNE LEU A 75  ? UNP P11589 ?   ?   linker           63  18 
1 2NNE ASN A 76  ? UNP P11589 ?   ?   linker           64  19 
1 2NNE ASN A 77  ? UNP P11589 ?   ?   linker           65  20 
1 2NNE TRP A 78  ? UNP P11589 ?   ?   linker           66  21 
1 2NNE ASP A 79  ? UNP P11589 ?   ?   linker           67  22 
1 2NNE GLN A 152 ? UNP P11589 LYS 154 'SEE REMARK 999' 140 23 
# 
loop_
_chem_comp.id 
_chem_comp.type 
_chem_comp.mon_nstd_flag 
_chem_comp.name 
_chem_comp.pdbx_synonyms 
_chem_comp.formula 
_chem_comp.formula_weight 
ALA 'L-peptide linking' y ALANINE         ?                               'C3 H7 N O2'     89.093  
ARG 'L-peptide linking' y ARGININE        ?                               'C6 H15 N4 O2 1' 175.209 
ASN 'L-peptide linking' y ASPARAGINE      ?                               'C4 H8 N2 O3'    132.118 
ASP 'L-peptide linking' y 'ASPARTIC ACID' ?                               'C4 H7 N O4'     133.103 
CD  non-polymer         . 'CADMIUM ION'   ?                               'Cd 2'           112.411 
CYS 'L-peptide linking' y CYSTEINE        ?                               'C3 H7 N O2 S'   121.158 
GLN 'L-peptide linking' y GLUTAMINE       ?                               'C5 H10 N2 O3'   146.144 
GLU 'L-peptide linking' y 'GLUTAMIC ACID' ?                               'C5 H9 N O4'     147.129 
GLY 'peptide linking'   y GLYCINE         ?                               'C2 H5 N O2'     75.067  
GOL non-polymer         . GLYCEROL        'GLYCERIN; PROPANE-1,2,3-TRIOL' 'C3 H8 O3'       92.094  
HIS 'L-peptide linking' y HISTIDINE       ?                               'C6 H10 N3 O2 1' 156.162 
HOH non-polymer         . WATER           ?                               'H2 O'           18.015  
ILE 'L-peptide linking' y ISOLEUCINE      ?                               'C6 H13 N O2'    131.173 
LEU 'L-peptide linking' y LEUCINE         ?                               'C6 H13 N O2'    131.173 
LYS 'L-peptide linking' y LYSINE          ?                               'C6 H15 N2 O2 1' 147.195 
MET 'L-peptide linking' y METHIONINE      ?                               'C5 H11 N O2 S'  149.211 
PHE 'L-peptide linking' y PHENYLALANINE   ?                               'C9 H11 N O2'    165.189 
PRO 'L-peptide linking' y PROLINE         ?                               'C5 H9 N O2'     115.130 
SER 'L-peptide linking' y SERINE          ?                               'C3 H7 N O3'     105.093 
THR 'L-peptide linking' y THREONINE       ?                               'C4 H9 N O3'     119.119 
TRP 'L-peptide linking' y TRYPTOPHAN      ?                               'C11 H12 N2 O2'  204.225 
TYR 'L-peptide linking' y TYROSINE        ?                               'C9 H11 N O3'    181.189 
VAL 'L-peptide linking' y VALINE          ?                               'C5 H11 N O2'    117.146 
# 
_exptl.entry_id          2NNE 
_exptl.method            'X-RAY DIFFRACTION' 
_exptl.crystals_number   1 
# 
_exptl_crystal.id                    1 
_exptl_crystal.density_meas          ? 
_exptl_crystal.density_Matthews      2.41 
_exptl_crystal.density_percent_sol   48.97 
_exptl_crystal.description           ? 
_exptl_crystal.F_000                 ? 
_exptl_crystal.preparation           ? 
# 
_exptl_crystal_grow.crystal_id      1 
_exptl_crystal_grow.method          'VAPOR DIFFUSION, HANGING DROP' 
_exptl_crystal_grow.temp            291 
_exptl_crystal_grow.temp_details    ? 
_exptl_crystal_grow.pH              4.9 
_exptl_crystal_grow.pdbx_details    'CdCl, malate buffer, pH 4.9, VAPOR DIFFUSION, HANGING DROP, temperature 291K' 
_exptl_crystal_grow.pdbx_pH_range   . 
# 
_diffrn.id                     1 
_diffrn.ambient_temp           100 
_diffrn.ambient_temp_details   ? 
_diffrn.crystal_id             1 
# 
_diffrn_detector.diffrn_id              1 
_diffrn_detector.detector               CCD 
_diffrn_detector.type                   'ADSC QUANTUM 4' 
_diffrn_detector.pdbx_collection_date   2004-11-20 
_diffrn_detector.details                mirror 
# 
_diffrn_radiation.diffrn_id                        1 
_diffrn_radiation.wavelength_id                    1 
_diffrn_radiation.pdbx_monochromatic_or_laue_m_l   M 
_diffrn_radiation.monochromator                    Si111 
_diffrn_radiation.pdbx_diffrn_protocol             'SINGLE WAVELENGTH' 
_diffrn_radiation.pdbx_scattering_type             x-ray 
# 
_diffrn_radiation_wavelength.id           1 
_diffrn_radiation_wavelength.wavelength   1.488 
_diffrn_radiation_wavelength.wt           1.0 
# 
_diffrn_source.diffrn_id                   1 
_diffrn_source.source                      SYNCHROTRON 
_diffrn_source.type                        'SRS BEAMLINE PX14.1' 
_diffrn_source.pdbx_synchrotron_site       SRS 
_diffrn_source.pdbx_synchrotron_beamline   PX14.1 
_diffrn_source.pdbx_wavelength             ? 
_diffrn_source.pdbx_wavelength_list        1.488 
# 
_reflns.entry_id                     2NNE 
_reflns.observed_criterion_sigma_F   0 
_reflns.observed_criterion_sigma_I   0 
_reflns.d_resolution_high            1.5 
_reflns.d_resolution_low             29.3 
_reflns.number_all                   29904 
_reflns.number_obs                   29904 
_reflns.percent_possible_obs         90.1 
_reflns.pdbx_Rmerge_I_obs            0.082 
_reflns.pdbx_Rsym_value              0.082 
_reflns.pdbx_netI_over_sigmaI        15.5 
_reflns.B_iso_Wilson_estimate        17.1 
_reflns.pdbx_redundancy              6.7 
_reflns.R_free_details               ? 
_reflns.limit_h_max                  ? 
_reflns.limit_h_min                  ? 
_reflns.limit_k_max                  ? 
_reflns.limit_k_min                  ? 
_reflns.limit_l_max                  ? 
_reflns.limit_l_min                  ? 
_reflns.observed_criterion_F_max     ? 
_reflns.observed_criterion_F_min     ? 
_reflns.pdbx_chi_squared             ? 
_reflns.pdbx_scaling_rejects         ? 
_reflns.pdbx_ordinal                 1 
_reflns.pdbx_diffrn_id               1 
# 
_reflns_shell.d_res_high             1.5 
_reflns_shell.d_res_low              1.58 
_reflns_shell.percent_possible_all   96.7 
_reflns_shell.Rmerge_I_obs           0.436 
_reflns_shell.pdbx_Rsym_value        0.436 
_reflns_shell.meanI_over_sigI_obs    3.7 
_reflns_shell.pdbx_redundancy        6.0 
_reflns_shell.percent_possible_obs   ? 
_reflns_shell.number_unique_all      4584 
_reflns_shell.number_measured_all    ? 
_reflns_shell.number_measured_obs    ? 
_reflns_shell.number_unique_obs      ? 
_reflns_shell.pdbx_chi_squared       ? 
_reflns_shell.pdbx_ordinal           1 
_reflns_shell.pdbx_diffrn_id         1 
# 
_refine.entry_id                                 2NNE 
_refine.ls_number_reflns_obs                     22944 
_refine.ls_number_reflns_all                     22944 
_refine.pdbx_ls_sigma_I                          0 
_refine.pdbx_ls_sigma_F                          0 
_refine.pdbx_data_cutoff_high_absF               ? 
_refine.pdbx_data_cutoff_low_absF                ? 
_refine.pdbx_data_cutoff_high_rms_absF           ? 
_refine.ls_d_res_low                             29 
_refine.ls_d_res_high                            1.60 
_refine.ls_percent_reflns_obs                    88.28 
_refine.ls_R_factor_obs                          0.21459 
_refine.ls_R_factor_all                          0.21459 
_refine.ls_R_factor_R_work                       0.2133 
_refine.ls_R_factor_R_free                       0.24023 
_refine.ls_R_factor_R_free_error                 ? 
_refine.ls_R_factor_R_free_error_details         ? 
_refine.ls_percent_reflns_R_free                 5.0 
_refine.ls_number_reflns_R_free                  1208 
_refine.ls_number_parameters                     ? 
_refine.ls_number_restraints                     ? 
_refine.occupancy_min                            ? 
_refine.occupancy_max                            ? 
_refine.correlation_coeff_Fo_to_Fc               0.933 
_refine.correlation_coeff_Fo_to_Fc_free          0.925 
_refine.B_iso_mean                               17.271 
_refine.aniso_B[1][1]                            0.54 
_refine.aniso_B[2][2]                            0.54 
_refine.aniso_B[3][3]                            -1.07 
_refine.aniso_B[1][2]                            0.00 
_refine.aniso_B[1][3]                            0.00 
_refine.aniso_B[2][3]                            0.00 
_refine.solvent_model_details                    MASK 
_refine.solvent_model_param_ksol                 ? 
_refine.solvent_model_param_bsol                 ? 
_refine.pdbx_solvent_vdw_probe_radii             1.40 
_refine.pdbx_solvent_ion_probe_radii             0.80 
_refine.pdbx_solvent_shrinkage_radii             0.80 
_refine.pdbx_ls_cross_valid_method               THROUGHOUT 
_refine.details                                  'HYDROGENS HAVE BEEN ADDED IN THE RIDING POSITIONS' 
_refine.pdbx_starting_model                      1QY0 
_refine.pdbx_method_to_determine_struct          'MOLECULAR REPLACEMENT' 
_refine.pdbx_isotropic_thermal_model             Isotropic 
_refine.pdbx_stereochemistry_target_values       'MAXIMUM LIKELIHOOD' 
_refine.pdbx_stereochem_target_val_spec_case     ? 
_refine.pdbx_R_Free_selection_details            RANDOM 
_refine.pdbx_overall_ESU_R                       0.103 
_refine.pdbx_overall_ESU_R_Free                  0.101 
_refine.overall_SU_ML                            0.048 
_refine.overall_SU_B                             1.301 
_refine.ls_redundancy_reflns_obs                 ? 
_refine.B_iso_min                                ? 
_refine.B_iso_max                                ? 
_refine.overall_SU_R_Cruickshank_DPI             ? 
_refine.overall_SU_R_free                        ? 
_refine.ls_wR_factor_R_free                      ? 
_refine.ls_wR_factor_R_work                      ? 
_refine.overall_FOM_free_R_set                   ? 
_refine.overall_FOM_work_R_set                   ? 
_refine.pdbx_refine_id                           'X-RAY DIFFRACTION' 
_refine.pdbx_overall_phase_error                 ? 
_refine.pdbx_diffrn_id                           1 
_refine.pdbx_TLS_residual_ADP_flag               ? 
_refine.pdbx_overall_SU_R_free_Cruickshank_DPI   ? 
_refine.pdbx_overall_SU_R_Blow_DPI               ? 
_refine.pdbx_overall_SU_R_free_Blow_DPI          ? 
# 
_refine_hist.pdbx_refine_id                   'X-RAY DIFFRACTION' 
_refine_hist.cycle_id                         LAST 
_refine_hist.pdbx_number_atoms_protein        1194 
_refine_hist.pdbx_number_atoms_nucleic_acid   0 
_refine_hist.pdbx_number_atoms_ligand         10 
_refine_hist.number_atoms_solvent             195 
_refine_hist.number_atoms_total               1399 
_refine_hist.d_res_high                       1.60 
_refine_hist.d_res_low                        29 
# 
loop_
_refine_ls_restr.type 
_refine_ls_restr.dev_ideal 
_refine_ls_restr.dev_ideal_target 
_refine_ls_restr.weight 
_refine_ls_restr.number 
_refine_ls_restr.pdbx_refine_id 
_refine_ls_restr.pdbx_restraint_function 
r_bond_refined_d             0.009  0.022  ? 1219 'X-RAY DIFFRACTION' ? 
r_bond_other_d               ?      ?      ? ?    'X-RAY DIFFRACTION' ? 
r_angle_refined_deg          1.172  1.954  ? 1636 'X-RAY DIFFRACTION' ? 
r_angle_other_deg            ?      ?      ? ?    'X-RAY DIFFRACTION' ? 
r_dihedral_angle_1_deg       5.983  5.000  ? 146  'X-RAY DIFFRACTION' ? 
r_dihedral_angle_2_deg       35.921 25.303 ? 66   'X-RAY DIFFRACTION' ? 
r_dihedral_angle_3_deg       13.324 15.000 ? 224  'X-RAY DIFFRACTION' ? 
r_dihedral_angle_4_deg       8.727  15.000 ? 6    'X-RAY DIFFRACTION' ? 
r_chiral_restr               0.089  0.200  ? 177  'X-RAY DIFFRACTION' ? 
r_gen_planes_refined         0.005  0.020  ? 921  'X-RAY DIFFRACTION' ? 
r_gen_planes_other           ?      ?      ? ?    'X-RAY DIFFRACTION' ? 
r_nbd_refined                0.199  0.200  ? 532  'X-RAY DIFFRACTION' ? 
r_nbd_other                  ?      ?      ? ?    'X-RAY DIFFRACTION' ? 
r_nbtor_refined              0.302  0.200  ? 824  'X-RAY DIFFRACTION' ? 
r_nbtor_other                ?      ?      ? ?    'X-RAY DIFFRACTION' ? 
r_xyhbond_nbd_refined        0.132  0.200  ? 148  'X-RAY DIFFRACTION' ? 
r_xyhbond_nbd_other          ?      ?      ? ?    'X-RAY DIFFRACTION' ? 
r_metal_ion_refined          0.279  0.200  ? 1    'X-RAY DIFFRACTION' ? 
r_metal_ion_other            ?      ?      ? ?    'X-RAY DIFFRACTION' ? 
r_symmetry_vdw_refined       0.208  0.200  ? 31   'X-RAY DIFFRACTION' ? 
r_symmetry_vdw_other         ?      ?      ? ?    'X-RAY DIFFRACTION' ? 
r_symmetry_hbond_refined     0.146  0.200  ? 18   'X-RAY DIFFRACTION' ? 
r_symmetry_hbond_other       ?      ?      ? ?    'X-RAY DIFFRACTION' ? 
r_symmetry_metal_ion_refined ?      ?      ? ?    'X-RAY DIFFRACTION' ? 
r_symmetry_metal_ion_other   ?      ?      ? ?    'X-RAY DIFFRACTION' ? 
r_mcbond_it                  0.855  1.500  ? 753  'X-RAY DIFFRACTION' ? 
r_mcbond_other               ?      ?      ? ?    'X-RAY DIFFRACTION' ? 
r_mcangle_it                 1.370  2.000  ? 1171 'X-RAY DIFFRACTION' ? 
r_scbond_it                  2.156  3.000  ? 518  'X-RAY DIFFRACTION' ? 
r_scangle_it                 3.373  4.500  ? 465  'X-RAY DIFFRACTION' ? 
r_rigid_bond_restr           ?      ?      ? ?    'X-RAY DIFFRACTION' ? 
r_sphericity_free            ?      ?      ? ?    'X-RAY DIFFRACTION' ? 
r_sphericity_bonded          ?      ?      ? ?    'X-RAY DIFFRACTION' ? 
# 
_refine_ls_shell.pdbx_total_number_of_bins_used   20 
_refine_ls_shell.d_res_high                       1.600 
_refine_ls_shell.d_res_low                        1.642 
_refine_ls_shell.number_reflns_R_work             1655 
_refine_ls_shell.R_factor_R_work                  0.261 
_refine_ls_shell.percent_reflns_obs               96.52 
_refine_ls_shell.R_factor_R_free                  0.296 
_refine_ls_shell.R_factor_R_free_error            ? 
_refine_ls_shell.percent_reflns_R_free            ? 
_refine_ls_shell.number_reflns_R_free             90 
_refine_ls_shell.number_reflns_all                ? 
_refine_ls_shell.R_factor_all                     ? 
_refine_ls_shell.number_reflns_obs                1745 
_refine_ls_shell.redundancy_reflns_obs            ? 
_refine_ls_shell.pdbx_refine_id                   'X-RAY DIFFRACTION' 
# 
_struct.entry_id                  2NNE 
_struct.title                     
'The Structural Identification of the Interaction Site and Functional State of RBP for its Membrane Receptor' 
_struct.pdbx_model_details        ? 
_struct.pdbx_CASP_flag            ? 
_struct.pdbx_model_type_details   ? 
# 
_struct_keywords.entry_id        2NNE 
_struct_keywords.pdbx_keywords   'TRANSPORT PROTEIN' 
_struct_keywords.text            'LIPOCALIN BETA-BARREL, TRANSPORT PROTEIN' 
# 
loop_
_struct_asym.id 
_struct_asym.pdbx_blank_PDB_chainid_flag 
_struct_asym.pdbx_modified 
_struct_asym.entity_id 
_struct_asym.details 
A N N 1 ? 
B N N 2 ? 
C N N 2 ? 
D N N 2 ? 
E N N 2 ? 
F N N 3 ? 
G N N 4 ? 
# 
_struct_biol.id        1 
_struct_biol.details   ? 
# 
loop_
_struct_conf.conf_type_id 
_struct_conf.id 
_struct_conf.pdbx_PDB_helix_id 
_struct_conf.beg_label_comp_id 
_struct_conf.beg_label_asym_id 
_struct_conf.beg_label_seq_id 
_struct_conf.pdbx_beg_PDB_ins_code 
_struct_conf.end_label_comp_id 
_struct_conf.end_label_asym_id 
_struct_conf.end_label_seq_id 
_struct_conf.pdbx_end_PDB_ins_code 
_struct_conf.beg_auth_comp_id 
_struct_conf.beg_auth_asym_id 
_struct_conf.beg_auth_seq_id 
_struct_conf.end_auth_comp_id 
_struct_conf.end_auth_asym_id 
_struct_conf.end_auth_seq_id 
_struct_conf.pdbx_PDB_helix_class 
_struct_conf.details 
_struct_conf.pdbx_PDB_helix_length 
HELX_P HELX_P1 1 ASN A 23  ? ASN A 28  ? ASN A 11  ASN A 16  5 ? 6  
HELX_P HELX_P2 2 LYS A 40  ? ILE A 44  ? LYS A 28  ILE A 32  5 ? 5  
HELX_P HELX_P3 3 SER A 143 ? HIS A 157 ? SER A 131 HIS A 145 1 ? 15 
HELX_P HELX_P4 4 LEU A 160 ? GLU A 162 ? LEU A 148 GLU A 150 5 ? 3  
# 
_struct_conf_type.id          HELX_P 
_struct_conf_type.criteria    ? 
_struct_conf_type.reference   ? 
# 
_struct_sheet.id               A 
_struct_sheet.type             ? 
_struct_sheet.number_strands   10 
_struct_sheet.details          ? 
# 
loop_
_struct_sheet_order.sheet_id 
_struct_sheet_order.range_id_1 
_struct_sheet_order.range_id_2 
_struct_sheet_order.offset 
_struct_sheet_order.sense 
A 1 2  ? anti-parallel 
A 2 3  ? anti-parallel 
A 3 4  ? anti-parallel 
A 4 5  ? anti-parallel 
A 5 6  ? anti-parallel 
A 6 7  ? anti-parallel 
A 7 8  ? anti-parallel 
A 8 9  ? anti-parallel 
A 9 10 ? anti-parallel 
# 
loop_
_struct_sheet_range.sheet_id 
_struct_sheet_range.id 
_struct_sheet_range.beg_label_comp_id 
_struct_sheet_range.beg_label_asym_id 
_struct_sheet_range.beg_label_seq_id 
_struct_sheet_range.pdbx_beg_PDB_ins_code 
_struct_sheet_range.end_label_comp_id 
_struct_sheet_range.end_label_asym_id 
_struct_sheet_range.end_label_seq_id 
_struct_sheet_range.pdbx_end_PDB_ins_code 
_struct_sheet_range.beg_auth_comp_id 
_struct_sheet_range.beg_auth_asym_id 
_struct_sheet_range.beg_auth_seq_id 
_struct_sheet_range.end_auth_comp_id 
_struct_sheet_range.end_auth_asym_id 
_struct_sheet_range.end_auth_seq_id 
A 1  GLY A 29  ? GLU A 30  ? GLY A 17  GLU A 18  
A 2  PHE A 53  ? VAL A 59  ? PHE A 41  VAL A 47  
A 3  SER A 63  ? HIS A 69  ? SER A 51  HIS A 57  
A 4  LEU A 83  ? LYS A 89  ? LEU A 71  LYS A 77  
A 5  TYR A 96  ? THR A 99  ? TYR A 84  THR A 87  
A 6  PHE A 103 ? THR A 111 ? PHE A 91  THR A 99  
A 7  PHE A 116 ? LYS A 125 ? PHE A 104 LYS A 113 
A 8  GLU A 128 ? GLY A 137 ? GLU A 116 GLY A 125 
A 9  HIS A 32  ? SER A 38  ? HIS A 20  SER A 26  
A 10 ILE A 164 ? ASP A 166 ? ILE A 152 ASP A 154 
# 
loop_
_pdbx_struct_sheet_hbond.sheet_id 
_pdbx_struct_sheet_hbond.range_id_1 
_pdbx_struct_sheet_hbond.range_id_2 
_pdbx_struct_sheet_hbond.range_1_label_atom_id 
_pdbx_struct_sheet_hbond.range_1_label_comp_id 
_pdbx_struct_sheet_hbond.range_1_label_asym_id 
_pdbx_struct_sheet_hbond.range_1_label_seq_id 
_pdbx_struct_sheet_hbond.range_1_PDB_ins_code 
_pdbx_struct_sheet_hbond.range_1_auth_atom_id 
_pdbx_struct_sheet_hbond.range_1_auth_comp_id 
_pdbx_struct_sheet_hbond.range_1_auth_asym_id 
_pdbx_struct_sheet_hbond.range_1_auth_seq_id 
_pdbx_struct_sheet_hbond.range_2_label_atom_id 
_pdbx_struct_sheet_hbond.range_2_label_comp_id 
_pdbx_struct_sheet_hbond.range_2_label_asym_id 
_pdbx_struct_sheet_hbond.range_2_label_seq_id 
_pdbx_struct_sheet_hbond.range_2_PDB_ins_code 
_pdbx_struct_sheet_hbond.range_2_auth_atom_id 
_pdbx_struct_sheet_hbond.range_2_auth_comp_id 
_pdbx_struct_sheet_hbond.range_2_auth_asym_id 
_pdbx_struct_sheet_hbond.range_2_auth_seq_id 
A 1 2  N GLY A 29  ? N GLY A 17  O ILE A 57  ? O ILE A 45  
A 2 3  N GLU A 55  ? N GLU A 43  O LYS A 67  ? O LYS A 55  
A 3 4  N PHE A 68  ? N PHE A 56  O LEU A 83  ? O LEU A 71  
A 4 5  N ASP A 88  ? N ASP A 76  O SER A 97  ? O SER A 85  
A 5 6  N TYR A 96  ? N TYR A 84  O PHE A 106 ? O PHE A 94  
A 6 7  N THR A 105 ? N THR A 93  O ILE A 122 ? O ILE A 110 
A 7 8  N LEU A 121 ? N LEU A 109 O LEU A 132 ? O LEU A 120 
A 8 9  O LEU A 135 ? O LEU A 123 N ILE A 35  ? N ILE A 23  
A 9 10 N LEU A 36  ? N LEU A 24  O ILE A 165 ? O ILE A 153 
# 
loop_
_struct_site.id 
_struct_site.pdbx_evidence_code 
_struct_site.pdbx_auth_asym_id 
_struct_site.pdbx_auth_comp_id 
_struct_site.pdbx_auth_seq_id 
_struct_site.pdbx_auth_ins_code 
_struct_site.pdbx_num_residues 
_struct_site.details 
AC1 Software A CD  167 ? 7 'BINDING SITE FOR RESIDUE CD A 167'  
AC2 Software A CD  200 ? 5 'BINDING SITE FOR RESIDUE CD A 200'  
AC3 Software A CD  201 ? 5 'BINDING SITE FOR RESIDUE CD A 201'  
AC4 Software A CD  373 ? 5 'BINDING SITE FOR RESIDUE CD A 373'  
AC5 Software A GOL 300 ? 2 'BINDING SITE FOR RESIDUE GOL A 300' 
# 
loop_
_struct_site_gen.id 
_struct_site_gen.site_id 
_struct_site_gen.pdbx_num_res 
_struct_site_gen.label_comp_id 
_struct_site_gen.label_asym_id 
_struct_site_gen.label_seq_id 
_struct_site_gen.pdbx_auth_ins_code 
_struct_site_gen.auth_comp_id 
_struct_site_gen.auth_asym_id 
_struct_site_gen.auth_seq_id 
_struct_site_gen.label_atom_id 
_struct_site_gen.label_alt_id 
_struct_site_gen.symmetry 
_struct_site_gen.details 
1  AC1 7 HIS A 120 ? HIS A 108 . ? 1_555 ? 
2  AC1 7 CD  E .   ? CD  A 373 . ? 1_555 ? 
3  AC1 7 HOH G .   ? HOH A 383 . ? 8_665 ? 
4  AC1 7 HOH G .   ? HOH A 431 . ? 1_555 ? 
5  AC1 7 HOH G .   ? HOH A 484 . ? 1_555 ? 
6  AC1 7 HOH G .   ? HOH A 526 . ? 1_555 ? 
7  AC1 7 HOH G .   ? HOH A 530 . ? 8_665 ? 
8  AC2 5 GLU A 30  ? GLU A 18  . ? 5_645 ? 
9  AC2 5 GLU A 155 ? GLU A 143 . ? 1_555 ? 
10 AC2 5 HOH G .   ? HOH A 381 . ? 1_555 ? 
11 AC2 5 HOH G .   ? HOH A 545 . ? 8_665 ? 
12 AC2 5 HOH G .   ? HOH A 548 . ? 1_555 ? 
13 AC3 5 GLU A 25  ? GLU A 13  . ? 1_555 ? 
14 AC3 5 ASP A 126 ? ASP A 114 . ? 8_675 ? 
15 AC3 5 HOH G .   ? HOH A 432 . ? 1_555 ? 
16 AC3 5 HOH G .   ? HOH A 434 . ? 1_555 ? 
17 AC3 5 HOH G .   ? HOH A 446 . ? 1_555 ? 
18 AC4 5 HIS A 157 ? HIS A 145 . ? 1_555 ? 
19 AC4 5 CD  B .   ? CD  A 167 . ? 1_555 ? 
20 AC4 5 HOH G .   ? HOH A 383 . ? 8_665 ? 
21 AC4 5 HOH G .   ? HOH A 478 . ? 1_555 ? 
22 AC4 5 HOH G .   ? HOH A 526 . ? 1_555 ? 
23 AC5 2 PHE A 106 ? PHE A 94  . ? 1_555 ? 
24 AC5 2 TYR A 136 ? TYR A 124 . ? 1_555 ? 
# 
_atom_sites.entry_id                    2NNE 
_atom_sites.fract_transf_matrix[1][1]   0.00360730 
_atom_sites.fract_transf_matrix[1][2]   0.01063116 
_atom_sites.fract_transf_matrix[1][3]   0.01482362 
_atom_sites.fract_transf_matrix[2][1]   -0.00989167 
_atom_sites.fract_transf_matrix[2][2]   0.01383620 
_atom_sites.fract_transf_matrix[2][3]   -0.00751588 
_atom_sites.fract_transf_matrix[3][1]   -0.00599067 
_atom_sites.fract_transf_matrix[3][2]   -0.00251222 
_atom_sites.fract_transf_matrix[3][3]   0.00325952 
_atom_sites.fract_transf_vector[1]      0.860648 
_atom_sites.fract_transf_vector[2]      0.434967 
_atom_sites.fract_transf_vector[3]      0.307646 
# 
loop_
_atom_type.symbol 
C  
CD 
N  
O  
S  
# 
loop_
_atom_site.group_PDB 
_atom_site.id 
_atom_site.type_symbol 
_atom_site.label_atom_id 
_atom_site.label_alt_id 
_atom_site.label_comp_id 
_atom_site.label_asym_id 
_atom_site.label_entity_id 
_atom_site.label_seq_id 
_atom_site.pdbx_PDB_ins_code 
_atom_site.Cartn_x 
_atom_site.Cartn_y 
_atom_site.Cartn_z 
_atom_site.occupancy 
_atom_site.B_iso_or_equiv 
_atom_site.pdbx_formal_charge 
_atom_site.auth_seq_id 
_atom_site.auth_comp_id 
_atom_site.auth_asym_id 
_atom_site.auth_atom_id 
_atom_site.pdbx_PDB_model_num 
ATOM   1    N  N   . GLU A 1 13  ? -12.624 -6.454  -14.044 1.00 28.21 ? 1   GLU A N   1 
ATOM   2    C  CA  . GLU A 1 13  ? -11.213 -6.337  -14.517 1.00 28.05 ? 1   GLU A CA  1 
ATOM   3    C  C   . GLU A 1 13  ? -10.236 -6.030  -13.379 1.00 27.05 ? 1   GLU A C   1 
ATOM   4    O  O   . GLU A 1 13  ? -10.542 -5.261  -12.455 1.00 27.45 ? 1   GLU A O   1 
ATOM   5    C  CB  . GLU A 1 13  ? -11.077 -5.291  -15.640 1.00 28.56 ? 1   GLU A CB  1 
ATOM   6    C  CG  . GLU A 1 13  ? -11.405 -3.835  -15.251 1.00 31.27 ? 1   GLU A CG  1 
ATOM   7    C  CD  . GLU A 1 13  ? -12.897 -3.508  -15.287 1.00 34.77 ? 1   GLU A CD  1 
ATOM   8    O  OE1 . GLU A 1 13  ? -13.257 -2.349  -14.961 1.00 36.63 ? 1   GLU A OE1 1 
ATOM   9    O  OE2 . GLU A 1 13  ? -13.709 -4.399  -15.638 1.00 36.94 ? 1   GLU A OE2 1 
ATOM   10   N  N   . GLU A 1 14  ? -9.062  -6.644  -13.459 1.00 25.21 ? 2   GLU A N   1 
ATOM   11   C  CA  . GLU A 1 14  ? -7.965  -6.326  -12.554 1.00 23.45 ? 2   GLU A CA  1 
ATOM   12   C  C   . GLU A 1 14  ? -6.857  -5.611  -13.317 1.00 22.24 ? 2   GLU A C   1 
ATOM   13   O  O   . GLU A 1 14  ? -6.732  -5.763  -14.536 1.00 22.38 ? 2   GLU A O   1 
ATOM   14   C  CB  . GLU A 1 14  ? -7.444  -7.584  -11.866 1.00 23.38 ? 2   GLU A CB  1 
ATOM   15   C  CG  . GLU A 1 14  ? -8.499  -8.239  -10.971 1.00 23.38 ? 2   GLU A CG  1 
ATOM   16   C  CD  . GLU A 1 14  ? -7.972  -9.383  -10.130 1.00 24.35 ? 2   GLU A CD  1 
ATOM   17   O  OE1 . GLU A 1 14  ? -8.773  -9.916  -9.328  1.00 25.40 ? 2   GLU A OE1 1 
ATOM   18   O  OE2 . GLU A 1 14  ? -6.777  -9.756  -10.271 1.00 25.56 ? 2   GLU A OE2 1 
ATOM   19   N  N   . ALA A 1 15  ? -6.065  -4.826  -12.593 1.00 19.95 ? 3   ALA A N   1 
ATOM   20   C  CA  . ALA A 1 15  ? -5.044  -3.989  -13.210 1.00 18.38 ? 3   ALA A CA  1 
ATOM   21   C  C   . ALA A 1 15  ? -3.849  -3.762  -12.287 1.00 17.71 ? 3   ALA A C   1 
ATOM   22   O  O   . ALA A 1 15  ? -3.935  -3.969  -11.078 1.00 17.05 ? 3   ALA A O   1 
ATOM   23   C  CB  . ALA A 1 15  ? -5.651  -2.647  -13.646 1.00 18.74 ? 3   ALA A CB  1 
ATOM   24   N  N   . SER A 1 16  ? -2.737  -3.358  -12.886 1.00 16.76 ? 4   SER A N   1 
ATOM   25   C  CA  . SER A 1 16  ? -1.535  -2.951  -12.166 1.00 16.61 ? 4   SER A CA  1 
ATOM   26   C  C   . SER A 1 16  ? -1.284  -1.510  -12.563 1.00 16.01 ? 4   SER A C   1 
ATOM   27   O  O   . SER A 1 16  ? -1.556  -1.142  -13.703 1.00 16.05 ? 4   SER A O   1 
ATOM   28   C  CB  . SER A 1 16  ? -0.349  -3.820  -12.583 1.00 16.89 ? 4   SER A CB  1 
ATOM   29   O  OG  . SER A 1 16  ? 0.869   -3.306  -12.065 1.00 21.15 ? 4   SER A OG  1 
ATOM   30   N  N   . SER A 1 17  ? -0.774  -0.694  -11.643 1.00 15.18 ? 5   SER A N   1 
ATOM   31   C  CA  . SER A 1 17  ? -0.537  0.729   -11.945 1.00 15.40 ? 5   SER A CA  1 
ATOM   32   C  C   . SER A 1 17  ? 0.473   0.908   -13.076 1.00 16.39 ? 5   SER A C   1 
ATOM   33   O  O   . SER A 1 17  ? 0.455   1.928   -13.781 1.00 16.56 ? 5   SER A O   1 
ATOM   34   C  CB  . SER A 1 17  ? -0.103  1.519   -10.703 1.00 14.93 ? 5   SER A CB  1 
ATOM   35   O  OG  . SER A 1 17  ? 1.119   1.010   -10.198 1.00 12.79 ? 5   SER A OG  1 
ATOM   36   N  N   . THR A 1 18  ? 1.338   -0.089  -13.249 1.00 17.45 ? 6   THR A N   1 
ATOM   37   C  CA  . THR A 1 18  ? 2.383   -0.041  -14.279 1.00 19.47 ? 6   THR A CA  1 
ATOM   38   C  C   . THR A 1 18  ? 1.921   -0.638  -15.601 1.00 20.22 ? 6   THR A C   1 
ATOM   39   O  O   . THR A 1 18  ? 2.664   -0.609  -16.583 1.00 20.93 ? 6   THR A O   1 
ATOM   40   C  CB  . THR A 1 18  ? 3.669   -0.766  -13.817 1.00 19.31 ? 6   THR A CB  1 
ATOM   41   O  OG1 . THR A 1 18  ? 3.330   -2.063  -13.312 1.00 21.27 ? 6   THR A OG1 1 
ATOM   42   C  CG2 . THR A 1 18  ? 4.366   0.034   -12.734 1.00 19.74 ? 6   THR A CG2 1 
ATOM   43   N  N   . GLY A 1 19  ? 0.706   -1.179  -15.617 1.00 21.25 ? 7   GLY A N   1 
ATOM   44   C  CA  . GLY A 1 19  ? 0.127   -1.795  -16.810 1.00 22.41 ? 7   GLY A CA  1 
ATOM   45   C  C   . GLY A 1 19  ? -0.507  -0.793  -17.758 1.00 23.60 ? 7   GLY A C   1 
ATOM   46   O  O   . GLY A 1 19  ? -0.908  0.297   -17.344 1.00 23.98 ? 7   GLY A O   1 
ATOM   47   N  N   . ARG A 1 20  ? -0.614  -1.171  -19.031 1.00 24.61 ? 8   ARG A N   1 
ATOM   48   C  CA  . ARG A 1 20  ? -1.128  -0.274  -20.073 1.00 25.90 ? 8   ARG A CA  1 
ATOM   49   C  C   . ARG A 1 20  ? -2.563  0.192   -19.829 1.00 25.39 ? 8   ARG A C   1 
ATOM   50   O  O   . ARG A 1 20  ? -2.902  1.348   -20.114 1.00 26.32 ? 8   ARG A O   1 
ATOM   51   C  CB  . ARG A 1 20  ? -1.025  -0.934  -21.456 1.00 26.03 ? 8   ARG A CB  1 
ATOM   52   C  CG  . ARG A 1 20  ? -1.368  -0.006  -22.627 1.00 27.97 ? 8   ARG A CG  1 
ATOM   53   C  CD  . ARG A 1 20  ? -1.042  -0.630  -23.983 1.00 28.14 ? 8   ARG A CD  1 
ATOM   54   N  NE  . ARG A 1 20  ? 0.393   -0.848  -24.167 1.00 32.69 ? 8   ARG A NE  1 
ATOM   55   C  CZ  . ARG A 1 20  ? 0.955   -1.266  -25.299 1.00 34.06 ? 8   ARG A CZ  1 
ATOM   56   N  NH1 . ARG A 1 20  ? 0.208   -1.518  -26.370 1.00 35.37 ? 8   ARG A NH1 1 
ATOM   57   N  NH2 . ARG A 1 20  ? 2.271   -1.437  -25.363 1.00 34.60 ? 8   ARG A NH2 1 
ATOM   58   N  N   . ASN A 1 21  ? -3.401  -0.696  -19.303 1.00 24.66 ? 9   ASN A N   1 
ATOM   59   C  CA  . ASN A 1 21  ? -4.821  -0.370  -19.166 1.00 23.65 ? 9   ASN A CA  1 
ATOM   60   C  C   . ASN A 1 21  ? -5.240  0.143   -17.784 1.00 21.91 ? 9   ASN A C   1 
ATOM   61   O  O   . ASN A 1 21  ? -6.428  0.179   -17.469 1.00 21.96 ? 9   ASN A O   1 
ATOM   62   C  CB  . ASN A 1 21  ? -5.731  -1.503  -19.694 1.00 24.68 ? 9   ASN A CB  1 
ATOM   63   C  CG  . ASN A 1 21  ? -5.769  -2.736  -18.789 1.00 26.92 ? 9   ASN A CG  1 
ATOM   64   O  OD1 . ASN A 1 21  ? -6.623  -3.613  -18.970 1.00 30.49 ? 9   ASN A OD1 1 
ATOM   65   N  ND2 . ASN A 1 21  ? -4.858  -2.814  -17.826 1.00 28.92 ? 9   ASN A ND2 1 
ATOM   66   N  N   . PHE A 1 22  ? -4.259  0.555   -16.978 1.00 19.74 ? 10  PHE A N   1 
ATOM   67   C  CA  . PHE A 1 22  ? -4.533  1.097   -15.645 1.00 18.01 ? 10  PHE A CA  1 
ATOM   68   C  C   . PHE A 1 22  ? -5.356  2.379   -15.716 1.00 17.75 ? 10  PHE A C   1 
ATOM   69   O  O   . PHE A 1 22  ? -5.059  3.286   -16.508 1.00 17.81 ? 10  PHE A O   1 
ATOM   70   C  CB  . PHE A 1 22  ? -3.233  1.357   -14.874 1.00 17.51 ? 10  PHE A CB  1 
ATOM   71   C  CG  . PHE A 1 22  ? -3.440  1.788   -13.435 1.00 15.75 ? 10  PHE A CG  1 
ATOM   72   C  CD1 . PHE A 1 22  ? -4.073  0.945   -12.513 1.00 14.91 ? 10  PHE A CD1 1 
ATOM   73   C  CD2 . PHE A 1 22  ? -2.976  3.024   -12.999 1.00 14.44 ? 10  PHE A CD2 1 
ATOM   74   C  CE1 . PHE A 1 22  ? -4.250  1.347   -11.174 1.00 14.38 ? 10  PHE A CE1 1 
ATOM   75   C  CE2 . PHE A 1 22  ? -3.135  3.431   -11.662 1.00 16.01 ? 10  PHE A CE2 1 
ATOM   76   C  CZ  . PHE A 1 22  ? -3.787  2.591   -10.755 1.00 15.88 ? 10  PHE A CZ  1 
ATOM   77   N  N   . ASN A 1 23  ? -6.388  2.435   -14.876 1.00 16.71 ? 11  ASN A N   1 
ATOM   78   C  CA  . ASN A 1 23  ? -7.246  3.602   -14.768 1.00 16.55 ? 11  ASN A CA  1 
ATOM   79   C  C   . ASN A 1 23  ? -7.165  4.201   -13.366 1.00 15.55 ? 11  ASN A C   1 
ATOM   80   O  O   . ASN A 1 23  ? -7.947  3.848   -12.482 1.00 15.35 ? 11  ASN A O   1 
ATOM   81   C  CB  . ASN A 1 23  ? -8.686  3.221   -15.110 1.00 17.56 ? 11  ASN A CB  1 
ATOM   82   C  CG  . ASN A 1 23  ? -9.594  4.434   -15.301 1.00 19.04 ? 11  ASN A CG  1 
ATOM   83   O  OD1 . ASN A 1 23  ? -10.734 4.287   -15.751 1.00 23.41 ? 11  ASN A OD1 1 
ATOM   84   N  ND2 . ASN A 1 23  ? -9.104  5.632   -14.960 1.00 20.36 ? 11  ASN A ND2 1 
ATOM   85   N  N   . VAL A 1 24  ? -6.207  5.098   -13.168 1.00 14.68 ? 12  VAL A N   1 
ATOM   86   C  CA  . VAL A 1 24  ? -5.954  5.684   -11.848 1.00 14.20 ? 12  VAL A CA  1 
ATOM   87   C  C   . VAL A 1 24  ? -7.188  6.324   -11.199 1.00 14.17 ? 12  VAL A C   1 
ATOM   88   O  O   . VAL A 1 24  ? -7.363  6.269   -9.984  1.00 13.78 ? 12  VAL A O   1 
ATOM   89   C  CB  . VAL A 1 24  ? -4.737  6.664   -11.863 1.00 14.52 ? 12  VAL A CB  1 
ATOM   90   C  CG1 . VAL A 1 24  ? -5.033  7.918   -12.680 1.00 15.43 ? 12  VAL A CG1 1 
ATOM   91   C  CG2 . VAL A 1 24  ? -4.281  6.996   -10.436 1.00 14.88 ? 12  VAL A CG2 1 
ATOM   92   N  N   . GLU A 1 25  ? -8.071  6.902   -12.002 1.00 13.63 ? 13  GLU A N   1 
ATOM   93   C  CA  . GLU A 1 25  ? -9.265  7.525   -11.429 1.00 14.02 ? 13  GLU A CA  1 
ATOM   94   C  C   . GLU A 1 25  ? -10.093 6.544   -10.607 1.00 13.00 ? 13  GLU A C   1 
ATOM   95   O  O   . GLU A 1 25  ? -10.763 6.948   -9.646  1.00 13.71 ? 13  GLU A O   1 
ATOM   96   C  CB  . GLU A 1 25  ? -10.150 8.110   -12.527 1.00 14.30 ? 13  GLU A CB  1 
ATOM   97   C  CG  . GLU A 1 25  ? -9.625  9.389   -13.102 1.00 16.19 ? 13  GLU A CG  1 
ATOM   98   C  CD  . GLU A 1 25  ? -10.487 9.925   -14.243 1.00 18.27 ? 13  GLU A CD  1 
ATOM   99   O  OE1 . GLU A 1 25  ? -11.151 9.136   -14.973 1.00 17.95 ? 13  GLU A OE1 1 
ATOM   100  O  OE2 . GLU A 1 25  ? -10.469 11.152  -14.420 1.00 22.09 ? 13  GLU A OE2 1 
ATOM   101  N  N   . LYS A 1 26  ? -10.055 5.269   -10.990 1.00 12.92 ? 14  LYS A N   1 
ATOM   102  C  CA  . LYS A 1 26  ? -10.893 4.251   -10.368 1.00 12.86 ? 14  LYS A CA  1 
ATOM   103  C  C   . LYS A 1 26  ? -10.385 3.831   -8.980  1.00 12.22 ? 14  LYS A C   1 
ATOM   104  O  O   . LYS A 1 26  ? -11.092 3.123   -8.259  1.00 11.94 ? 14  LYS A O   1 
ATOM   105  C  CB  . LYS A 1 26  ? -11.064 3.047   -11.288 1.00 13.40 ? 14  LYS A CB  1 
ATOM   106  C  CG  . LYS A 1 26  ? -11.981 3.293   -12.487 1.00 17.23 ? 14  LYS A CG  1 
ATOM   107  C  CD  . LYS A 1 26  ? -11.947 2.093   -13.407 1.00 20.07 ? 14  LYS A CD  1 
ATOM   108  C  CE  . LYS A 1 26  ? -13.307 1.763   -14.001 1.00 24.19 ? 14  LYS A CE  1 
ATOM   109  N  NZ  . LYS A 1 26  ? -13.219 0.522   -14.829 1.00 26.49 ? 14  LYS A NZ  1 
ATOM   110  N  N   . ILE A 1 27  ? -9.176  4.261   -8.595  1.00 11.26 ? 15  ILE A N   1 
ATOM   111  C  CA  . ILE A 1 27  ? -8.725  4.034   -7.201  1.00 10.88 ? 15  ILE A CA  1 
ATOM   112  C  C   . ILE A 1 27  ? -9.099  5.176   -6.258  1.00 10.42 ? 15  ILE A C   1 
ATOM   113  O  O   . ILE A 1 27  ? -8.825  5.126   -5.072  1.00 10.93 ? 15  ILE A O   1 
ATOM   114  C  CB  . ILE A 1 27  ? -7.212  3.680   -7.063  1.00 10.40 ? 15  ILE A CB  1 
ATOM   115  C  CG1 . ILE A 1 27  ? -6.328  4.898   -7.328  1.00 10.86 ? 15  ILE A CG1 1 
ATOM   116  C  CG2 . ILE A 1 27  ? -6.872  2.508   -7.975  1.00 9.65  ? 15  ILE A CG2 1 
ATOM   117  C  CD1 . ILE A 1 27  ? -4.863  4.678   -6.948  1.00 12.40 ? 15  ILE A CD1 1 
ATOM   118  N  N   . ASN A 1 28  ? -9.745  6.210   -6.787  1.00 10.65 ? 16  ASN A N   1 
ATOM   119  C  CA  . ASN A 1 28  ? -10.189 7.298   -5.940  1.00 10.55 ? 16  ASN A CA  1 
ATOM   120  C  C   . ASN A 1 28  ? -11.171 6.807   -4.878  1.00 9.76  ? 16  ASN A C   1 
ATOM   121  O  O   . ASN A 1 28  ? -11.942 5.868   -5.119  1.00 9.99  ? 16  ASN A O   1 
ATOM   122  C  CB  . ASN A 1 28  ? -10.848 8.366   -6.813  1.00 10.72 ? 16  ASN A CB  1 
ATOM   123  C  CG  . ASN A 1 28  ? -11.144 9.639   -6.060  1.00 12.58 ? 16  ASN A CG  1 
ATOM   124  O  OD1 . ASN A 1 28  ? -10.231 10.384  -5.682  1.00 14.91 ? 16  ASN A OD1 1 
ATOM   125  N  ND2 . ASN A 1 28  ? -12.433 9.914   -5.839  1.00 13.37 ? 16  ASN A ND2 1 
ATOM   126  N  N   . GLY A 1 29  ? -11.116 7.425   -3.703  1.00 8.89  ? 17  GLY A N   1 
ATOM   127  C  CA  . GLY A 1 29  ? -12.175 7.259   -2.702  1.00 9.18  ? 17  GLY A CA  1 
ATOM   128  C  C   . GLY A 1 29  ? -11.788 6.493   -1.455  1.00 9.35  ? 17  GLY A C   1 
ATOM   129  O  O   . GLY A 1 29  ? -10.622 6.493   -1.048  1.00 8.75  ? 17  GLY A O   1 
ATOM   130  N  N   . GLU A 1 30  ? -12.790 5.874   -0.833  1.00 8.90  ? 18  GLU A N   1 
ATOM   131  C  CA  . GLU A 1 30  ? -12.653 5.182   0.454   1.00 9.43  ? 18  GLU A CA  1 
ATOM   132  C  C   . GLU A 1 30  ? -11.775 3.931   0.329   1.00 9.04  ? 18  GLU A C   1 
ATOM   133  O  O   . GLU A 1 30  ? -11.994 3.112   -0.565  1.00 9.59  ? 18  GLU A O   1 
ATOM   134  C  CB  . GLU A 1 30  ? -14.047 4.787   0.959   1.00 9.78  ? 18  GLU A CB  1 
ATOM   135  C  CG  . GLU A 1 30  ? -14.042 3.985   2.254   1.00 9.73  ? 18  GLU A CG  1 
ATOM   136  C  CD  . GLU A 1 30  ? -15.424 3.489   2.661   1.00 10.83 ? 18  GLU A CD  1 
ATOM   137  O  OE1 . GLU A 1 30  ? -16.388 3.659   1.872   1.00 11.18 ? 18  GLU A OE1 1 
ATOM   138  O  OE2 . GLU A 1 30  ? -15.536 2.891   3.756   1.00 10.53 ? 18  GLU A OE2 1 
ATOM   139  N  N   . TRP A 1 31  ? -10.781 3.823   1.218   1.00 8.97  ? 19  TRP A N   1 
ATOM   140  C  CA  . TRP A 1 31  ? -9.969  2.606   1.413   1.00 9.67  ? 19  TRP A CA  1 
ATOM   141  C  C   . TRP A 1 31  ? -9.643  2.426   2.882   1.00 10.01 ? 19  TRP A C   1 
ATOM   142  O  O   . TRP A 1 31  ? -9.588  3.406   3.628   1.00 11.34 ? 19  TRP A O   1 
ATOM   143  C  CB  . TRP A 1 31  ? -8.648  2.674   0.638   1.00 9.75  ? 19  TRP A CB  1 
ATOM   144  C  CG  . TRP A 1 31  ? -8.811  2.625   -0.846  1.00 9.34  ? 19  TRP A CG  1 
ATOM   145  C  CD1 . TRP A 1 31  ? -8.786  3.696   -1.724  1.00 8.58  ? 19  TRP A CD1 1 
ATOM   146  C  CD2 . TRP A 1 31  ? -9.061  1.461   -1.636  1.00 9.47  ? 19  TRP A CD2 1 
ATOM   147  N  NE1 . TRP A 1 31  ? -8.972  3.245   -3.011  1.00 9.79  ? 19  TRP A NE1 1 
ATOM   148  C  CE2 . TRP A 1 31  ? -9.143  1.879   -2.988  1.00 9.84  ? 19  TRP A CE2 1 
ATOM   149  C  CE3 . TRP A 1 31  ? -9.192  0.089   -1.338  1.00 8.89  ? 19  TRP A CE3 1 
ATOM   150  C  CZ2 . TRP A 1 31  ? -9.369  0.974   -4.046  1.00 9.24  ? 19  TRP A CZ2 1 
ATOM   151  C  CZ3 . TRP A 1 31  ? -9.430  -0.809  -2.387  1.00 8.93  ? 19  TRP A CZ3 1 
ATOM   152  C  CH2 . TRP A 1 31  ? -9.527  -0.354  -3.730  1.00 9.64  ? 19  TRP A CH2 1 
ATOM   153  N  N   . HIS A 1 32  ? -9.391  1.171   3.281   1.00 9.59  ? 20  HIS A N   1 
ATOM   154  C  CA  . HIS A 1 32  ? -9.033  0.805   4.660   1.00 9.62  ? 20  HIS A CA  1 
ATOM   155  C  C   . HIS A 1 32  ? -7.803  -0.084  4.609   1.00 9.29  ? 20  HIS A C   1 
ATOM   156  O  O   . HIS A 1 32  ? -7.675  -0.892  3.690   1.00 8.31  ? 20  HIS A O   1 
ATOM   157  C  CB  . HIS A 1 32  ? -10.173 0.017   5.322   1.00 10.35 ? 20  HIS A CB  1 
ATOM   158  C  CG  . HIS A 1 32  ? -11.467 0.767   5.393   1.00 10.24 ? 20  HIS A CG  1 
ATOM   159  N  ND1 . HIS A 1 32  ? -11.877 1.421   6.534   1.00 12.36 ? 20  HIS A ND1 1 
ATOM   160  C  CD2 . HIS A 1 32  ? -12.416 1.001   4.455   1.00 10.51 ? 20  HIS A CD2 1 
ATOM   161  C  CE1 . HIS A 1 32  ? -13.040 2.015   6.302   1.00 11.26 ? 20  HIS A CE1 1 
ATOM   162  N  NE2 . HIS A 1 32  ? -13.391 1.773   5.050   1.00 10.23 ? 20  HIS A NE2 1 
ATOM   163  N  N   . THR A 1 33  ? -6.902  0.073   5.578   1.00 9.05  ? 21  THR A N   1 
ATOM   164  C  CA  . THR A 1 33  ? -5.770  -0.841  5.727   1.00 9.51  ? 21  THR A CA  1 
ATOM   165  C  C   . THR A 1 33  ? -6.289  -2.146  6.292   1.00 9.52  ? 21  THR A C   1 
ATOM   166  O  O   . THR A 1 33  ? -6.897  -2.164  7.376   1.00 10.75 ? 21  THR A O   1 
ATOM   167  C  CB  . THR A 1 33  ? -4.697  -0.287  6.677   1.00 9.79  ? 21  THR A CB  1 
ATOM   168  O  OG1 . THR A 1 33  ? -4.150  0.917   6.128   1.00 9.94  ? 21  THR A OG1 1 
ATOM   169  C  CG2 . THR A 1 33  ? -3.570  -1.336  6.854   1.00 9.29  ? 21  THR A CG2 1 
ATOM   170  N  N   . ILE A 1 34  ? -6.074  -3.224  5.553   1.00 9.22  ? 22  ILE A N   1 
ATOM   171  C  CA  . ILE A 1 34  ? -6.508  -4.551  5.998   1.00 9.27  ? 22  ILE A CA  1 
ATOM   172  C  C   . ILE A 1 34  ? -5.331  -5.369  6.514   1.00 9.32  ? 22  ILE A C   1 
ATOM   173  O  O   . ILE A 1 34  ? -5.390  -5.948  7.613   1.00 9.49  ? 22  ILE A O   1 
ATOM   174  C  CB  . ILE A 1 34  ? -7.253  -5.350  4.880   1.00 9.19  ? 22  ILE A CB  1 
ATOM   175  C  CG1 . ILE A 1 34  ? -8.390  -4.524  4.245   1.00 10.68 ? 22  ILE A CG1 1 
ATOM   176  C  CG2 . ILE A 1 34  ? -7.785  -6.676  5.434   1.00 9.97  ? 22  ILE A CG2 1 
ATOM   177  C  CD1 . ILE A 1 34  ? -9.310  -3.838  5.259   1.00 10.34 ? 22  ILE A CD1 1 
ATOM   178  N  N   . ILE A 1 35  ? -4.268  -5.421  5.711   1.00 8.35  ? 23  ILE A N   1 
ATOM   179  C  CA  . ILE A 1 35  ? -3.062  -6.181  6.067   1.00 8.97  ? 23  ILE A CA  1 
ATOM   180  C  C   . ILE A 1 35  ? -1.817  -5.375  5.682   1.00 8.84  ? 23  ILE A C   1 
ATOM   181  O  O   . ILE A 1 35  ? -1.786  -4.757  4.613   1.00 8.67  ? 23  ILE A O   1 
ATOM   182  C  CB  . ILE A 1 35  ? -3.026  -7.554  5.364   1.00 8.94  ? 23  ILE A CB  1 
ATOM   183  C  CG1 . ILE A 1 35  ? -4.326  -8.341  5.589   1.00 9.06  ? 23  ILE A CG1 1 
ATOM   184  C  CG2 . ILE A 1 35  ? -1.786  -8.368  5.822   1.00 10.11 ? 23  ILE A CG2 1 
ATOM   185  C  CD1 . ILE A 1 35  ? -4.290  -9.754  5.005   1.00 10.73 ? 23  ILE A CD1 1 
ATOM   186  N  N   . LEU A 1 36  ? -0.794  -5.405  6.543   1.00 8.72  ? 24  LEU A N   1 
ATOM   187  C  CA  . LEU A 1 36  ? 0.521   -4.875  6.187   1.00 8.36  ? 24  LEU A CA  1 
ATOM   188  C  C   . LEU A 1 36  ? 1.557   -5.974  6.278   1.00 8.39  ? 24  LEU A C   1 
ATOM   189  O  O   . LEU A 1 36  ? 1.422   -6.904  7.080   1.00 8.73  ? 24  LEU A O   1 
ATOM   190  C  CB  . LEU A 1 36  ? 0.921   -3.710  7.107   1.00 7.98  ? 24  LEU A CB  1 
ATOM   191  C  CG  . LEU A 1 36  ? 0.021   -2.463  7.000   1.00 9.95  ? 24  LEU A CG  1 
ATOM   192  C  CD1 . LEU A 1 36  ? 0.439   -1.434  8.033   1.00 9.84  ? 24  LEU A CD1 1 
ATOM   193  C  CD2 . LEU A 1 36  ? 0.030   -1.855  5.597   1.00 10.07 ? 24  LEU A CD2 1 
ATOM   194  N  N   . ALA A 1 37  ? 2.586   -5.870  5.445   1.00 7.40  ? 25  ALA A N   1 
ATOM   195  C  CA  . ALA A 1 37  ? 3.690   -6.837  5.442   1.00 7.37  ? 25  ALA A CA  1 
ATOM   196  C  C   . ALA A 1 37  ? 5.017   -6.145  5.202   1.00 8.39  ? 25  ALA A C   1 
ATOM   197  O  O   . ALA A 1 37  ? 5.064   -5.157  4.500   1.00 7.94  ? 25  ALA A O   1 
ATOM   198  C  CB  . ALA A 1 37  ? 3.455   -7.878  4.378   1.00 8.12  ? 25  ALA A CB  1 
ATOM   199  N  N   . SER A 1 38  ? 6.099   -6.681  5.766   1.00 8.30  ? 26  SER A N   1 
ATOM   200  C  CA  . SER A 1 38  ? 7.412   -6.062  5.568   1.00 9.98  ? 26  SER A CA  1 
ATOM   201  C  C   . SER A 1 38  ? 8.526   -7.057  5.755   1.00 10.89 ? 26  SER A C   1 
ATOM   202  O  O   . SER A 1 38  ? 8.409   -7.946  6.586   1.00 12.25 ? 26  SER A O   1 
ATOM   203  C  CB  . SER A 1 38  ? 7.602   -4.907  6.551   1.00 9.66  ? 26  SER A CB  1 
ATOM   204  O  OG  . SER A 1 38  ? 8.847   -4.239  6.331   1.00 12.17 ? 26  SER A OG  1 
ATOM   205  N  N   . ASP A 1 39  ? 9.617   -6.898  5.007   1.00 11.76 ? 27  ASP A N   1 
ATOM   206  C  CA  . ASP A 1 39  ? 10.821  -7.672  5.333   1.00 12.70 ? 27  ASP A CA  1 
ATOM   207  C  C   . ASP A 1 39  ? 11.638  -7.092  6.506   1.00 13.53 ? 27  ASP A C   1 
ATOM   208  O  O   . ASP A 1 39  ? 12.681  -7.640  6.867   1.00 15.64 ? 27  ASP A O   1 
ATOM   209  C  CB  . ASP A 1 39  ? 11.679  -7.996  4.097   1.00 13.03 ? 27  ASP A CB  1 
ATOM   210  C  CG  . ASP A 1 39  ? 12.107  -6.770  3.322   1.00 13.67 ? 27  ASP A CG  1 
ATOM   211  O  OD1 . ASP A 1 39  ? 11.916  -5.633  3.799   1.00 13.55 ? 27  ASP A OD1 1 
ATOM   212  O  OD2 . ASP A 1 39  ? 12.653  -6.973  2.205   1.00 13.32 ? 27  ASP A OD2 1 
ATOM   213  N  N   . LYS A 1 40  ? 11.152  -6.000  7.093   1.00 13.48 ? 28  LYS A N   1 
ATOM   214  C  CA  . LYS A 1 40  ? 11.622  -5.493  8.397   1.00 14.30 ? 28  LYS A CA  1 
ATOM   215  C  C   . LYS A 1 40  ? 10.389  -5.322  9.283   1.00 13.46 ? 28  LYS A C   1 
ATOM   216  O  O   . LYS A 1 40  ? 9.765   -4.261  9.307   1.00 12.89 ? 28  LYS A O   1 
ATOM   217  C  CB  . LYS A 1 40  ? 12.404  -4.181  8.253   1.00 14.54 ? 28  LYS A CB  1 
ATOM   218  C  CG  . LYS A 1 40  ? 13.840  -4.393  7.766   1.00 17.15 ? 28  LYS A CG  1 
ATOM   219  C  CD  . LYS A 1 40  ? 14.685  -3.120  7.810   1.00 17.17 ? 28  LYS A CD  1 
ATOM   220  C  CE  . LYS A 1 40  ? 15.977  -3.300  7.012   1.00 20.21 ? 28  LYS A CE  1 
ATOM   221  N  NZ  . LYS A 1 40  ? 16.840  -2.074  7.015   1.00 23.31 ? 28  LYS A NZ  1 
ATOM   222  N  N   . ARG A 1 41  ? 10.051  -6.397  9.993   1.00 13.30 ? 29  ARG A N   1 
ATOM   223  C  CA  . ARG A 1 41  ? 8.770   -6.499  10.686  1.00 12.97 ? 29  ARG A CA  1 
ATOM   224  C  C   . ARG A 1 41  ? 8.539   -5.371  11.689  1.00 12.97 ? 29  ARG A C   1 
ATOM   225  O  O   . ARG A 1 41  ? 7.418   -4.914  11.857  1.00 12.51 ? 29  ARG A O   1 
ATOM   226  C  CB  . ARG A 1 41  ? 8.636   -7.867  11.361  1.00 13.03 ? 29  ARG A CB  1 
ATOM   227  C  CG  . ARG A 1 41  ? 7.200   -8.304  11.596  1.00 13.96 ? 29  ARG A CG  1 
ATOM   228  C  CD  . ARG A 1 41  ? 7.191   -9.613  12.385  1.00 14.35 ? 29  ARG A CD  1 
ATOM   229  N  NE  . ARG A 1 41  ? 5.889   -10.271 12.379  1.00 16.53 ? 29  ARG A NE  1 
ATOM   230  C  CZ  . ARG A 1 41  ? 4.908   -10.031 13.249  1.00 17.84 ? 29  ARG A CZ  1 
ATOM   231  N  NH1 . ARG A 1 41  ? 5.052   -9.129  14.215  1.00 17.82 ? 29  ARG A NH1 1 
ATOM   232  N  NH2 . ARG A 1 41  ? 3.762   -10.690 13.149  1.00 16.37 ? 29  ARG A NH2 1 
ATOM   233  N  N   . GLU A 1 42  ? 9.603   -4.885  12.323  1.00 13.46 ? 30  GLU A N   1 
ATOM   234  C  CA  . GLU A 1 42  ? 9.454   -3.819  13.328  1.00 14.53 ? 30  GLU A CA  1 
ATOM   235  C  C   . GLU A 1 42  ? 8.768   -2.548  12.802  1.00 14.05 ? 30  GLU A C   1 
ATOM   236  O  O   . GLU A 1 42  ? 8.138   -1.810  13.568  1.00 14.09 ? 30  GLU A O   1 
ATOM   237  C  CB  . GLU A 1 42  ? 10.813  -3.476  13.952  1.00 15.66 ? 30  GLU A CB  1 
ATOM   238  C  CG  . GLU A 1 42  ? 11.814  -2.866  12.982  1.00 19.94 ? 30  GLU A CG  1 
ATOM   239  C  CD  . GLU A 1 42  ? 13.254  -3.079  13.416  1.00 25.71 ? 30  GLU A CD  1 
ATOM   240  O  OE1 . GLU A 1 42  ? 13.591  -2.687  14.556  1.00 28.21 ? 30  GLU A OE1 1 
ATOM   241  O  OE2 . GLU A 1 42  ? 14.051  -3.632  12.623  1.00 28.31 ? 30  GLU A OE2 1 
ATOM   242  N  N   . LYS A 1 43  ? 8.877   -2.314  11.491  1.00 13.87 ? 31  LYS A N   1 
ATOM   243  C  CA  . LYS A 1 43  ? 8.305   -1.124  10.864  1.00 14.11 ? 31  LYS A CA  1 
ATOM   244  C  C   . LYS A 1 43  ? 6.778   -1.065  10.925  1.00 13.30 ? 31  LYS A C   1 
ATOM   245  O  O   . LYS A 1 43  ? 6.192   0.010   10.830  1.00 13.98 ? 31  LYS A O   1 
ATOM   246  C  CB  . LYS A 1 43  ? 8.736   -1.053  9.408   1.00 14.25 ? 31  LYS A CB  1 
ATOM   247  C  CG  . LYS A 1 43  ? 10.132  -0.511  9.155   1.00 17.63 ? 31  LYS A CG  1 
ATOM   248  C  CD  . LYS A 1 43  ? 11.228  -1.242  9.848   1.00 23.19 ? 31  LYS A CD  1 
ATOM   249  C  CE  . LYS A 1 43  ? 12.384  -0.289  10.131  1.00 25.13 ? 31  LYS A CE  1 
ATOM   250  N  NZ  . LYS A 1 43  ? 12.805  0.465   8.922   1.00 25.66 ? 31  LYS A NZ  1 
ATOM   251  N  N   . ILE A 1 44  ? 6.147   -2.228  11.059  1.00 13.77 ? 32  ILE A N   1 
ATOM   252  C  CA  . ILE A 1 44  ? 4.686   -2.333  11.025  1.00 14.03 ? 32  ILE A CA  1 
ATOM   253  C  C   . ILE A 1 44  ? 4.091   -2.889  12.321  1.00 14.94 ? 32  ILE A C   1 
ATOM   254  O  O   . ILE A 1 44  ? 2.870   -3.070  12.437  1.00 15.74 ? 32  ILE A O   1 
ATOM   255  C  CB  . ILE A 1 44  ? 4.198   -3.169  9.795   1.00 13.29 ? 32  ILE A CB  1 
ATOM   256  C  CG1 . ILE A 1 44  ? 4.886   -4.540  9.721   1.00 13.92 ? 32  ILE A CG1 1 
ATOM   257  C  CG2 . ILE A 1 44  ? 4.447   -2.387  8.508   1.00 13.54 ? 32  ILE A CG2 1 
ATOM   258  C  CD1 . ILE A 1 44  ? 4.210   -5.524  8.773   1.00 14.09 ? 32  ILE A CD1 1 
ATOM   259  N  N   . GLU A 1 45  ? 4.960   -3.173  13.287  1.00 16.13 ? 33  GLU A N   1 
ATOM   260  C  CA  . GLU A 1 45  ? 4.518   -3.593  14.612  1.00 18.12 ? 33  GLU A CA  1 
ATOM   261  C  C   . GLU A 1 45  ? 3.979   -2.397  15.388  1.00 19.14 ? 33  GLU A C   1 
ATOM   262  O  O   . GLU A 1 45  ? 4.000   -1.271  14.884  1.00 18.65 ? 33  GLU A O   1 
ATOM   263  C  CB  . GLU A 1 45  ? 5.650   -4.310  15.358  1.00 18.02 ? 33  GLU A CB  1 
ATOM   264  C  CG  . GLU A 1 45  ? 5.874   -5.740  14.854  1.00 18.68 ? 33  GLU A CG  1 
ATOM   265  C  CD  . GLU A 1 45  ? 7.171   -6.377  15.332  1.00 19.51 ? 33  GLU A CD  1 
ATOM   266  O  OE1 . GLU A 1 45  ? 7.986   -5.692  15.990  1.00 21.34 ? 33  GLU A OE1 1 
ATOM   267  O  OE2 . GLU A 1 45  ? 7.382   -7.573  15.036  1.00 21.29 ? 33  GLU A OE2 1 
ATOM   268  N  N   . ASP A 1 46  ? 3.491   -2.652  16.604  1.00 21.04 ? 34  ASP A N   1 
ATOM   269  C  CA  . ASP A 1 46  ? 2.763   -1.657  17.408  1.00 23.39 ? 34  ASP A CA  1 
ATOM   270  C  C   . ASP A 1 46  ? 3.399   -0.267  17.484  1.00 24.08 ? 34  ASP A C   1 
ATOM   271  O  O   . ASP A 1 46  ? 2.690   0.747   17.398  1.00 25.15 ? 34  ASP A O   1 
ATOM   272  C  CB  . ASP A 1 46  ? 2.492   -2.194  18.817  1.00 24.00 ? 34  ASP A CB  1 
ATOM   273  C  CG  . ASP A 1 46  ? 1.303   -3.143  18.867  1.00 25.72 ? 34  ASP A CG  1 
ATOM   274  O  OD1 . ASP A 1 46  ? 1.136   -3.967  17.939  1.00 29.74 ? 34  ASP A OD1 1 
ATOM   275  O  OD2 . ASP A 1 46  ? 0.530   -3.079  19.846  1.00 30.69 ? 34  ASP A OD2 1 
ATOM   276  N  N   . ASN A 1 47  ? 4.716   -0.210  17.629  1.00 24.46 ? 35  ASN A N   1 
ATOM   277  C  CA  . ASN A 1 47  ? 5.392   1.085   17.702  1.00 25.03 ? 35  ASN A CA  1 
ATOM   278  C  C   . ASN A 1 47  ? 6.062   1.524   16.388  1.00 24.30 ? 35  ASN A C   1 
ATOM   279  O  O   . ASN A 1 47  ? 6.897   2.431   16.376  1.00 25.01 ? 35  ASN A O   1 
ATOM   280  C  CB  . ASN A 1 47  ? 6.382   1.103   18.877  1.00 25.81 ? 35  ASN A CB  1 
ATOM   281  C  CG  . ASN A 1 47  ? 5.704   0.830   20.226  1.00 27.75 ? 35  ASN A CG  1 
ATOM   282  O  OD1 . ASN A 1 47  ? 6.063   -0.115  20.933  1.00 30.89 ? 35  ASN A OD1 1 
ATOM   283  N  ND2 . ASN A 1 47  ? 4.717   1.652   20.577  1.00 29.92 ? 35  ASN A ND2 1 
ATOM   284  N  N   . GLY A 1 48  ? 5.670   0.894   15.282  1.00 22.88 ? 36  GLY A N   1 
ATOM   285  C  CA  . GLY A 1 48  ? 6.307   1.141   13.991  1.00 21.27 ? 36  GLY A CA  1 
ATOM   286  C  C   . GLY A 1 48  ? 5.721   2.325   13.246  1.00 19.72 ? 36  GLY A C   1 
ATOM   287  O  O   . GLY A 1 48  ? 4.501   2.532   13.255  1.00 19.77 ? 36  GLY A O   1 
ATOM   288  N  N   . ASN A 1 49  ? 6.589   3.084   12.579  1.00 18.60 ? 37  ASN A N   1 
ATOM   289  C  CA  . ASN A 1 49  ? 6.181   4.285   11.842  1.00 17.06 ? 37  ASN A CA  1 
ATOM   290  C  C   . ASN A 1 49  ? 5.271   3.993   10.647  1.00 15.72 ? 37  ASN A C   1 
ATOM   291  O  O   . ASN A 1 49  ? 4.619   4.896   10.134  1.00 14.93 ? 37  ASN A O   1 
ATOM   292  C  CB  . ASN A 1 49  ? 7.412   5.085   11.383  1.00 17.96 ? 37  ASN A CB  1 
ATOM   293  C  CG  . ASN A 1 49  ? 8.110   5.816   12.530  1.00 20.27 ? 37  ASN A CG  1 
ATOM   294  O  OD1 . ASN A 1 49  ? 9.314   6.083   12.467  1.00 23.53 ? 37  ASN A OD1 1 
ATOM   295  N  ND2 . ASN A 1 49  ? 7.357   6.145   13.577  1.00 21.35 ? 37  ASN A ND2 1 
ATOM   296  N  N   . PHE A 1 50  ? 5.241   2.736   10.211  1.00 13.82 ? 38  PHE A N   1 
ATOM   297  C  CA  . PHE A 1 50  ? 4.505   2.357   9.003   1.00 13.16 ? 38  PHE A CA  1 
ATOM   298  C  C   . PHE A 1 50  ? 3.236   1.586   9.301   1.00 12.75 ? 38  PHE A C   1 
ATOM   299  O  O   . PHE A 1 50  ? 2.587   1.054   8.390   1.00 12.60 ? 38  PHE A O   1 
ATOM   300  C  CB  . PHE A 1 50  ? 5.416   1.609   8.022   1.00 12.38 ? 38  PHE A CB  1 
ATOM   301  C  CG  . PHE A 1 50  ? 6.463   2.500   7.417   1.00 13.60 ? 38  PHE A CG  1 
ATOM   302  C  CD1 . PHE A 1 50  ? 7.583   2.871   8.162   1.00 14.01 ? 38  PHE A CD1 1 
ATOM   303  C  CD2 . PHE A 1 50  ? 6.289   3.030   6.140   1.00 14.34 ? 38  PHE A CD2 1 
ATOM   304  C  CE1 . PHE A 1 50  ? 8.535   3.728   7.633   1.00 14.45 ? 38  PHE A CE1 1 
ATOM   305  C  CE2 . PHE A 1 50  ? 7.252   3.904   5.603   1.00 14.89 ? 38  PHE A CE2 1 
ATOM   306  C  CZ  . PHE A 1 50  ? 8.368   4.239   6.357   1.00 14.64 ? 38  PHE A CZ  1 
ATOM   307  N  N   . ARG A 1 51  ? 2.852   1.561   10.572  1.00 12.74 ? 39  ARG A N   1 
ATOM   308  C  CA  . ARG A 1 51  ? 1.586   0.951   10.952  1.00 13.42 ? 39  ARG A CA  1 
ATOM   309  C  C   . ARG A 1 51  ? 0.514   2.027   10.785  1.00 13.58 ? 39  ARG A C   1 
ATOM   310  O  O   . ARG A 1 51  ? 0.039   2.620   11.761  1.00 14.82 ? 39  ARG A O   1 
ATOM   311  C  CB  . ARG A 1 51  ? 1.648   0.441   12.389  1.00 13.43 ? 39  ARG A CB  1 
ATOM   312  C  CG  . ARG A 1 51  ? 0.455   -0.401  12.811  1.00 15.32 ? 39  ARG A CG  1 
ATOM   313  C  CD  . ARG A 1 51  ? 0.727   -0.889  14.220  1.00 18.44 ? 39  ARG A CD  1 
ATOM   314  N  NE  . ARG A 1 51  ? -0.279  -1.790  14.769  1.00 20.14 ? 39  ARG A NE  1 
ATOM   315  C  CZ  . ARG A 1 51  ? -0.156  -3.116  14.847  1.00 20.04 ? 39  ARG A CZ  1 
ATOM   316  N  NH1 . ARG A 1 51  ? 0.912   -3.743  14.355  1.00 20.85 ? 39  ARG A NH1 1 
ATOM   317  N  NH2 . ARG A 1 51  ? -1.132  -3.829  15.396  1.00 22.63 ? 39  ARG A NH2 1 
ATOM   318  N  N   . LEU A 1 52  ? 0.174   2.292   9.529   1.00 13.59 ? 40  LEU A N   1 
ATOM   319  C  CA  . LEU A 1 52  ? -0.735  3.381   9.198   1.00 13.88 ? 40  LEU A CA  1 
ATOM   320  C  C   . LEU A 1 52  ? -2.060  2.880   8.648   1.00 13.40 ? 40  LEU A C   1 
ATOM   321  O  O   . LEU A 1 52  ? -2.099  1.948   7.841   1.00 13.29 ? 40  LEU A O   1 
ATOM   322  C  CB  . LEU A 1 52  ? -0.082  4.329   8.202   1.00 14.93 ? 40  LEU A CB  1 
ATOM   323  C  CG  . LEU A 1 52  ? 1.234   4.968   8.649   1.00 16.03 ? 40  LEU A CG  1 
ATOM   324  C  CD1 . LEU A 1 52  ? 1.871   5.695   7.482   1.00 19.27 ? 40  LEU A CD1 1 
ATOM   325  C  CD2 . LEU A 1 52  ? 1.014   5.898   9.819   1.00 18.61 ? 40  LEU A CD2 1 
ATOM   326  N  N   . PHE A 1 53  ? -3.133  3.535   9.078   1.00 12.77 ? 41  PHE A N   1 
ATOM   327  C  CA  . PHE A 1 53  ? -4.487  3.153   8.700   1.00 12.86 ? 41  PHE A CA  1 
ATOM   328  C  C   . PHE A 1 53  ? -5.056  4.112   7.672   1.00 12.55 ? 41  PHE A C   1 
ATOM   329  O  O   . PHE A 1 53  ? -5.422  5.241   8.008   1.00 12.87 ? 41  PHE A O   1 
ATOM   330  C  CB  . PHE A 1 53  ? -5.360  3.071   9.953   1.00 13.51 ? 41  PHE A CB  1 
ATOM   331  C  CG  . PHE A 1 53  ? -4.905  1.998   10.908  1.00 13.48 ? 41  PHE A CG  1 
ATOM   332  C  CD1 . PHE A 1 53  ? -3.982  2.291   11.912  1.00 15.91 ? 41  PHE A CD1 1 
ATOM   333  C  CD2 . PHE A 1 53  ? -5.362  0.693   10.768  1.00 14.82 ? 41  PHE A CD2 1 
ATOM   334  C  CE1 . PHE A 1 53  ? -3.534  1.294   12.780  1.00 16.22 ? 41  PHE A CE1 1 
ATOM   335  C  CE2 . PHE A 1 53  ? -4.922  -0.313  11.634  1.00 16.22 ? 41  PHE A CE2 1 
ATOM   336  C  CZ  . PHE A 1 53  ? -4.011  -0.004  12.639  1.00 16.15 ? 41  PHE A CZ  1 
ATOM   337  N  N   . LEU A 1 54  ? -5.095  3.660   6.420   1.00 11.55 ? 42  LEU A N   1 
ATOM   338  C  CA  . LEU A 1 54  ? -5.586  4.468   5.308   1.00 11.90 ? 42  LEU A CA  1 
ATOM   339  C  C   . LEU A 1 54  ? -7.073  4.746   5.463   1.00 12.30 ? 42  LEU A C   1 
ATOM   340  O  O   . LEU A 1 54  ? -7.814  3.907   5.984   1.00 12.86 ? 42  LEU A O   1 
ATOM   341  C  CB  . LEU A 1 54  ? -5.316  3.767   3.966   1.00 11.76 ? 42  LEU A CB  1 
ATOM   342  C  CG  . LEU A 1 54  ? -5.545  4.539   2.662   1.00 10.81 ? 42  LEU A CG  1 
ATOM   343  C  CD1 . LEU A 1 54  ? -4.655  5.780   2.558   1.00 12.72 ? 42  LEU A CD1 1 
ATOM   344  C  CD2 . LEU A 1 54  ? -5.322  3.619   1.479   1.00 11.45 ? 42  LEU A CD2 1 
ATOM   345  N  N   . GLU A 1 55  ? -7.490  5.930   5.008   1.00 12.50 ? 43  GLU A N   1 
ATOM   346  C  CA  . GLU A 1 55  ? -8.893  6.330   5.040   1.00 13.73 ? 43  GLU A CA  1 
ATOM   347  C  C   . GLU A 1 55  ? -9.426  6.603   3.651   1.00 13.42 ? 43  GLU A C   1 
ATOM   348  O  O   . GLU A 1 55  ? -10.565 6.247   3.325   1.00 12.88 ? 43  GLU A O   1 
ATOM   349  C  CB  . GLU A 1 55  ? -9.057  7.581   5.892   1.00 14.66 ? 43  GLU A CB  1 
ATOM   350  C  CG  . GLU A 1 55  ? -8.745  7.373   7.335   1.00 18.78 ? 43  GLU A CG  1 
ATOM   351  C  CD  . GLU A 1 55  ? -9.302  8.493   8.165   1.00 25.06 ? 43  GLU A CD  1 
ATOM   352  O  OE1 . GLU A 1 55  ? -8.809  9.635   8.028   1.00 27.51 ? 43  GLU A OE1 1 
ATOM   353  O  OE2 . GLU A 1 55  ? -10.263 8.233   8.921   1.00 29.15 ? 43  GLU A OE2 1 
ATOM   354  N  N   . GLN A 1 56  ? -8.608  7.272   2.846   1.00 13.29 ? 44  GLN A N   1 
ATOM   355  C  CA  . GLN A 1 56  ? -8.995  7.597   1.489   1.00 14.42 ? 44  GLN A CA  1 
ATOM   356  C  C   . GLN A 1 56  ? -7.818  7.977   0.605   1.00 13.78 ? 44  GLN A C   1 
ATOM   357  O  O   . GLN A 1 56  ? -6.739  8.357   1.086   1.00 13.60 ? 44  GLN A O   1 
ATOM   358  C  CB  . GLN A 1 56  ? -10.063 8.687   1.476   1.00 16.21 ? 44  GLN A CB  1 
ATOM   359  C  CG  . GLN A 1 56  ? -9.626  9.982   2.063   1.00 19.03 ? 44  GLN A CG  1 
ATOM   360  C  CD  . GLN A 1 56  ? -10.727 11.031  2.032   1.00 24.59 ? 44  GLN A CD  1 
ATOM   361  O  OE1 . GLN A 1 56  ? -11.475 11.141  1.057   1.00 28.48 ? 44  GLN A OE1 1 
ATOM   362  N  NE2 . GLN A 1 56  ? -10.830 11.806  3.104   1.00 27.07 ? 44  GLN A NE2 1 
ATOM   363  N  N   . ILE A 1 57  ? -8.044  7.831   -0.694  1.00 13.49 ? 45  ILE A N   1 
ATOM   364  C  CA  . ILE A 1 57  ? -7.110  8.261   -1.721  1.00 13.83 ? 45  ILE A CA  1 
ATOM   365  C  C   . ILE A 1 57  ? -7.822  9.297   -2.575  1.00 14.62 ? 45  ILE A C   1 
ATOM   366  O  O   . ILE A 1 57  ? -8.925  9.051   -3.071  1.00 14.58 ? 45  ILE A O   1 
ATOM   367  C  CB  . ILE A 1 57  ? -6.687  7.098   -2.635  1.00 13.72 ? 45  ILE A CB  1 
ATOM   368  C  CG1 . ILE A 1 57  ? -5.877  6.069   -1.840  1.00 13.46 ? 45  ILE A CG1 1 
ATOM   369  C  CG2 . ILE A 1 57  ? -5.872  7.635   -3.850  1.00 13.86 ? 45  ILE A CG2 1 
ATOM   370  C  CD1 . ILE A 1 57  ? -5.516  4.802   -2.635  1.00 14.39 ? 45  ILE A CD1 1 
ATOM   371  N  N   . HIS A 1 58  ? -7.195  10.453  -2.749  1.00 15.44 ? 46  HIS A N   1 
ATOM   372  C  CA  . HIS A 1 58  ? -7.740  11.472  -3.622  1.00 17.17 ? 46  HIS A CA  1 
ATOM   373  C  C   . HIS A 1 58  ? -6.827  11.581  -4.833  1.00 17.06 ? 46  HIS A C   1 
ATOM   374  O  O   . HIS A 1 58  ? -5.638  11.907  -4.706  1.00 16.82 ? 46  HIS A O   1 
ATOM   375  C  CB  . HIS A 1 58  ? -7.843  12.798  -2.868  1.00 17.78 ? 46  HIS A CB  1 
ATOM   376  C  CG  . HIS A 1 58  ? -8.940  13.687  -3.357  1.00 21.97 ? 46  HIS A CG  1 
ATOM   377  N  ND1 . HIS A 1 58  ? -8.756  15.032  -3.599  1.00 26.15 ? 46  HIS A ND1 1 
ATOM   378  C  CD2 . HIS A 1 58  ? -10.237 13.425  -3.645  1.00 25.28 ? 46  HIS A CD2 1 
ATOM   379  C  CE1 . HIS A 1 58  ? -9.896  15.560  -4.011  1.00 26.15 ? 46  HIS A CE1 1 
ATOM   380  N  NE2 . HIS A 1 58  ? -10.809 14.605  -4.053  1.00 25.22 ? 46  HIS A NE2 1 
ATOM   381  N  N   . VAL A 1 59  ? -7.369  11.237  -5.998  1.00 16.96 ? 47  VAL A N   1 
ATOM   382  C  CA  . VAL A 1 59  ? -6.601  11.201  -7.222  1.00 17.49 ? 47  VAL A CA  1 
ATOM   383  C  C   . VAL A 1 59  ? -6.611  12.594  -7.826  1.00 19.08 ? 47  VAL A C   1 
ATOM   384  O  O   . VAL A 1 59  ? -7.679  13.159  -8.085  1.00 18.80 ? 47  VAL A O   1 
ATOM   385  C  CB  . VAL A 1 59  ? -7.161  10.159  -8.230  1.00 17.27 ? 47  VAL A CB  1 
ATOM   386  C  CG1 . VAL A 1 59  ? -6.421  10.223  -9.565  1.00 16.92 ? 47  VAL A CG1 1 
ATOM   387  C  CG2 . VAL A 1 59  ? -7.095  8.745   -7.643  1.00 15.74 ? 47  VAL A CG2 1 
ATOM   388  N  N   . LEU A 1 60  ? -5.413  13.145  -8.007  1.00 19.87 ? 48  LEU A N   1 
ATOM   389  C  CA  . LEU A 1 60  ? -5.231  14.426  -8.693  1.00 21.63 ? 48  LEU A CA  1 
ATOM   390  C  C   . LEU A 1 60  ? -4.497  14.204  -10.018 1.00 22.69 ? 48  LEU A C   1 
ATOM   391  O  O   . LEU A 1 60  ? -4.068  13.091  -10.330 1.00 22.78 ? 48  LEU A O   1 
ATOM   392  C  CB  . LEU A 1 60  ? -4.487  15.422  -7.791  1.00 21.66 ? 48  LEU A CB  1 
ATOM   393  C  CG  . LEU A 1 60  ? -5.105  15.774  -6.430  1.00 22.79 ? 48  LEU A CG  1 
ATOM   394  C  CD1 . LEU A 1 60  ? -4.248  16.793  -5.691  1.00 25.30 ? 48  LEU A CD1 1 
ATOM   395  C  CD2 . LEU A 1 60  ? -6.545  16.288  -6.546  1.00 24.95 ? 48  LEU A CD2 1 
ATOM   396  N  N   . GLU A 1 61  ? -4.349  15.270  -10.800 1.00 23.93 ? 49  GLU A N   1 
ATOM   397  C  CA  . GLU A 1 61  ? -3.783  15.160  -12.134 1.00 25.13 ? 49  GLU A CA  1 
ATOM   398  C  C   . GLU A 1 61  ? -2.401  14.483  -12.142 1.00 24.49 ? 49  GLU A C   1 
ATOM   399  O  O   . GLU A 1 61  ? -2.137  13.603  -12.970 1.00 25.07 ? 49  GLU A O   1 
ATOM   400  C  CB  . GLU A 1 61  ? -3.720  16.553  -12.777 1.00 25.17 ? 49  GLU A CB  1 
ATOM   401  C  CG  . GLU A 1 61  ? -3.241  16.562  -14.211 1.00 27.18 ? 49  GLU A CG  1 
ATOM   402  C  CD  . GLU A 1 61  ? -3.005  17.969  -14.735 1.00 27.15 ? 49  GLU A CD  1 
ATOM   403  O  OE1 . GLU A 1 61  ? -2.163  18.692  -14.158 1.00 31.44 ? 49  GLU A OE1 1 
ATOM   404  O  OE2 . GLU A 1 61  ? -3.661  18.349  -15.727 1.00 31.11 ? 49  GLU A OE2 1 
ATOM   405  N  N   . LYS A 1 62  ? -1.543  14.880  -11.204 1.00 24.32 ? 50  LYS A N   1 
ATOM   406  C  CA  . LYS A 1 62  ? -0.146  14.451  -11.194 1.00 23.81 ? 50  LYS A CA  1 
ATOM   407  C  C   . LYS A 1 62  ? 0.283   13.829  -9.869  1.00 22.89 ? 50  LYS A C   1 
ATOM   408  O  O   . LYS A 1 62  ? 1.481   13.638  -9.619  1.00 22.72 ? 50  LYS A O   1 
ATOM   409  C  CB  . LYS A 1 62  ? 0.772   15.636  -11.524 1.00 24.63 ? 50  LYS A CB  1 
ATOM   410  C  CG  . LYS A 1 62  ? 0.770   16.055  -12.990 1.00 26.43 ? 50  LYS A CG  1 
ATOM   411  C  CD  . LYS A 1 62  ? 1.896   17.037  -13.263 1.00 29.50 ? 50  LYS A CD  1 
ATOM   412  C  CE  . LYS A 1 62  ? 2.011   17.347  -14.749 1.00 31.71 ? 50  LYS A CE  1 
ATOM   413  N  NZ  . LYS A 1 62  ? 3.166   18.247  -15.021 1.00 33.81 ? 50  LYS A NZ  1 
ATOM   414  N  N   . SER A 1 63  ? -0.694  13.518  -9.019  1.00 21.24 ? 51  SER A N   1 
ATOM   415  C  CA  . SER A 1 63  ? -0.406  13.071  -7.666  1.00 20.04 ? 51  SER A CA  1 
ATOM   416  C  C   . SER A 1 63  ? -1.560  12.288  -7.053  1.00 18.94 ? 51  SER A C   1 
ATOM   417  O  O   . SER A 1 63  ? -2.640  12.199  -7.638  1.00 18.67 ? 51  SER A O   1 
ATOM   418  C  CB  . SER A 1 63  ? -0.057  14.264  -6.772  1.00 20.16 ? 51  SER A CB  1 
ATOM   419  O  OG  . SER A 1 63  ? -1.165  15.139  -6.640  1.00 21.00 ? 51  SER A OG  1 
ATOM   420  N  N   . LEU A 1 64  ? -1.298  11.710  -5.883  1.00 17.19 ? 52  LEU A N   1 
ATOM   421  C  CA  . LEU A 1 64  ? -2.326  11.117  -5.028  1.00 16.17 ? 52  LEU A CA  1 
ATOM   422  C  C   . LEU A 1 64  ? -2.218  11.746  -3.654  1.00 15.95 ? 52  LEU A C   1 
ATOM   423  O  O   . LEU A 1 64  ? -1.104  11.869  -3.118  1.00 15.78 ? 52  LEU A O   1 
ATOM   424  C  CB  . LEU A 1 64  ? -2.119  9.607   -4.891  1.00 15.80 ? 52  LEU A CB  1 
ATOM   425  C  CG  . LEU A 1 64  ? -2.057  8.725   -6.143  1.00 14.99 ? 52  LEU A CG  1 
ATOM   426  C  CD1 . LEU A 1 64  ? -1.604  7.298   -5.778  1.00 17.15 ? 52  LEU A CD1 1 
ATOM   427  C  CD2 . LEU A 1 64  ? -3.383  8.701   -6.883  1.00 17.08 ? 52  LEU A CD2 1 
ATOM   428  N  N   . VAL A 1 65  ? -3.351  12.143  -3.074  1.00 14.77 ? 53  VAL A N   1 
ATOM   429  C  CA  . VAL A 1 65  ? -3.351  12.589  -1.680  1.00 15.52 ? 53  VAL A CA  1 
ATOM   430  C  C   . VAL A 1 65  ? -3.881  11.456  -0.810  1.00 15.45 ? 53  VAL A C   1 
ATOM   431  O  O   . VAL A 1 65  ? -5.014  10.996  -0.980  1.00 15.24 ? 53  VAL A O   1 
ATOM   432  C  CB  . VAL A 1 65  ? -4.148  13.902  -1.444  1.00 15.24 ? 53  VAL A CB  1 
ATOM   433  C  CG1 . VAL A 1 65  ? -4.007  14.357  0.018   1.00 16.93 ? 53  VAL A CG1 1 
ATOM   434  C  CG2 . VAL A 1 65  ? -3.665  15.001  -2.399  1.00 17.73 ? 53  VAL A CG2 1 
ATOM   435  N  N   . LEU A 1 66  ? -3.042  11.015  0.119   1.00 15.35 ? 54  LEU A N   1 
ATOM   436  C  CA  . LEU A 1 66  ? -3.338  9.879   0.974   1.00 15.32 ? 54  LEU A CA  1 
ATOM   437  C  C   . LEU A 1 66  ? -3.683  10.361  2.374   1.00 15.70 ? 54  LEU A C   1 
ATOM   438  O  O   . LEU A 1 66  ? -2.898  11.089  3.000   1.00 16.00 ? 54  LEU A O   1 
ATOM   439  C  CB  . LEU A 1 66  ? -2.138  8.932   1.013   1.00 15.56 ? 54  LEU A CB  1 
ATOM   440  C  CG  . LEU A 1 66  ? -1.503  8.548   -0.324  1.00 15.08 ? 54  LEU A CG  1 
ATOM   441  C  CD1 . LEU A 1 66  ? -0.220  7.755   -0.070  1.00 16.74 ? 54  LEU A CD1 1 
ATOM   442  C  CD2 . LEU A 1 66  ? -2.480  7.746   -1.194  1.00 16.67 ? 54  LEU A CD2 1 
ATOM   443  N  N   . LYS A 1 67  ? -4.852  9.957   2.860   1.00 15.70 ? 55  LYS A N   1 
ATOM   444  C  CA  . LYS A 1 67  ? -5.309  10.324  4.195   1.00 16.73 ? 55  LYS A CA  1 
ATOM   445  C  C   . LYS A 1 67  ? -5.232  9.099   5.106   1.00 16.49 ? 55  LYS A C   1 
ATOM   446  O  O   . LYS A 1 67  ? -5.855  8.081   4.799   1.00 15.81 ? 55  LYS A O   1 
ATOM   447  C  CB  . LYS A 1 67  ? -6.755  10.840  4.132   1.00 17.48 ? 55  LYS A CB  1 
ATOM   448  C  CG  . LYS A 1 67  ? -6.959  12.299  3.679   1.00 22.17 ? 55  LYS A CG  1 
ATOM   449  C  CD  . LYS A 1 67  ? -6.262  12.674  2.368   1.00 26.34 ? 55  LYS A CD  1 
ATOM   450  C  CE  . LYS A 1 67  ? -6.885  12.040  1.117   1.00 27.14 ? 55  LYS A CE  1 
ATOM   451  N  NZ  . LYS A 1 67  ? -8.158  12.653  0.670   1.00 31.24 ? 55  LYS A NZ  1 
ATOM   452  N  N   . PHE A 1 68  ? -4.463  9.203   6.197   1.00 17.05 ? 56  PHE A N   1 
ATOM   453  C  CA  . PHE A 1 68  ? -4.274  8.117   7.170   1.00 17.59 ? 56  PHE A CA  1 
ATOM   454  C  C   . PHE A 1 68  ? -4.649  8.544   8.578   1.00 19.32 ? 56  PHE A C   1 
ATOM   455  O  O   . PHE A 1 68  ? -4.817  9.732   8.862   1.00 19.57 ? 56  PHE A O   1 
ATOM   456  C  CB  . PHE A 1 68  ? -2.796  7.731   7.282   1.00 17.20 ? 56  PHE A CB  1 
ATOM   457  C  CG  . PHE A 1 68  ? -2.200  7.141   6.045   1.00 15.96 ? 56  PHE A CG  1 
ATOM   458  C  CD1 . PHE A 1 68  ? -1.518  7.943   5.141   1.00 14.97 ? 56  PHE A CD1 1 
ATOM   459  C  CD2 . PHE A 1 68  ? -2.245  5.770   5.824   1.00 15.55 ? 56  PHE A CD2 1 
ATOM   460  C  CE1 . PHE A 1 68  ? -0.923  7.384   4.013   1.00 14.50 ? 56  PHE A CE1 1 
ATOM   461  C  CE2 . PHE A 1 68  ? -1.648  5.204   4.692   1.00 15.40 ? 56  PHE A CE2 1 
ATOM   462  C  CZ  . PHE A 1 68  ? -0.991  6.018   3.788   1.00 15.91 ? 56  PHE A CZ  1 
ATOM   463  N  N   . HIS A 1 69  ? -4.728  7.556   9.468   1.00 20.47 ? 57  HIS A N   1 
ATOM   464  C  CA  . HIS A 1 69  ? -4.524  7.799   10.899  1.00 22.08 ? 57  HIS A CA  1 
ATOM   465  C  C   . HIS A 1 69  ? -3.554  6.774   11.516  1.00 22.61 ? 57  HIS A C   1 
ATOM   466  O  O   . HIS A 1 69  ? -3.331  5.696   10.955  1.00 22.34 ? 57  HIS A O   1 
ATOM   467  C  CB  . HIS A 1 69  ? -5.854  7.868   11.656  1.00 22.34 ? 57  HIS A CB  1 
ATOM   468  C  CG  . HIS A 1 69  ? -6.710  6.649   11.511  1.00 24.15 ? 57  HIS A CG  1 
ATOM   469  N  ND1 . HIS A 1 69  ? -6.681  5.607   12.412  1.00 26.05 ? 57  HIS A ND1 1 
ATOM   470  C  CD2 . HIS A 1 69  ? -7.637  6.318   10.582  1.00 25.12 ? 57  HIS A CD2 1 
ATOM   471  C  CE1 . HIS A 1 69  ? -7.549  4.683   12.042  1.00 25.95 ? 57  HIS A CE1 1 
ATOM   472  N  NE2 . HIS A 1 69  ? -8.143  5.090   10.934  1.00 26.55 ? 57  HIS A NE2 1 
ATOM   473  N  N   . GLY A 1 70  ? -2.957  7.124   12.654  1.00 23.10 ? 58  GLY A N   1 
ATOM   474  C  CA  . GLY A 1 70  ? -2.076  6.195   13.371  1.00 23.89 ? 58  GLY A CA  1 
ATOM   475  C  C   . GLY A 1 70  ? -1.250  6.843   14.470  1.00 24.49 ? 58  GLY A C   1 
ATOM   476  O  O   . GLY A 1 70  ? -1.421  8.026   14.772  1.00 25.28 ? 58  GLY A O   1 
ATOM   477  N  N   . SER A 1 81  ? -4.123  10.304  15.735  1.00 34.01 ? 69  SER A N   1 
ATOM   478  C  CA  . SER A 1 81  ? -3.560  11.402  14.962  1.00 33.77 ? 69  SER A CA  1 
ATOM   479  C  C   . SER A 1 81  ? -3.831  11.249  13.466  1.00 33.44 ? 69  SER A C   1 
ATOM   480  O  O   . SER A 1 81  ? -3.666  10.168  12.898  1.00 33.63 ? 69  SER A O   1 
ATOM   481  C  CB  . SER A 1 81  ? -2.056  11.528  15.219  1.00 33.92 ? 69  SER A CB  1 
ATOM   482  O  OG  . SER A 1 81  ? -1.524  12.681  14.585  1.00 34.88 ? 69  SER A OG  1 
ATOM   483  N  N   . GLU A 1 82  ? -4.249  12.347  12.845  1.00 32.91 ? 70  GLU A N   1 
ATOM   484  C  CA  . GLU A 1 82  ? -4.504  12.398  11.407  1.00 32.44 ? 70  GLU A CA  1 
ATOM   485  C  C   . GLU A 1 82  ? -3.244  12.764  10.635  1.00 31.76 ? 70  GLU A C   1 
ATOM   486  O  O   . GLU A 1 82  ? -2.505  13.674  11.022  1.00 31.70 ? 70  GLU A O   1 
ATOM   487  C  CB  . GLU A 1 82  ? -5.605  13.413  11.094  1.00 32.72 ? 70  GLU A CB  1 
ATOM   488  C  CG  . GLU A 1 82  ? -7.016  12.971  11.467  1.00 34.04 ? 70  GLU A CG  1 
ATOM   489  C  CD  . GLU A 1 82  ? -7.600  11.977  10.480  1.00 36.57 ? 70  GLU A CD  1 
ATOM   490  O  OE1 . GLU A 1 82  ? -7.253  10.781  10.561  1.00 37.29 ? 70  GLU A OE1 1 
ATOM   491  O  OE2 . GLU A 1 82  ? -8.414  12.393  9.627   1.00 37.97 ? 70  GLU A OE2 1 
ATOM   492  N  N   . LEU A 1 83  ? -3.012  12.056  9.534   1.00 30.78 ? 71  LEU A N   1 
ATOM   493  C  CA  . LEU A 1 83  ? -1.855  12.298  8.680   1.00 29.85 ? 71  LEU A CA  1 
ATOM   494  C  C   . LEU A 1 83  ? -2.313  12.386  7.226   1.00 29.02 ? 71  LEU A C   1 
ATOM   495  O  O   . LEU A 1 83  ? -3.125  11.574  6.778   1.00 28.40 ? 71  LEU A O   1 
ATOM   496  C  CB  . LEU A 1 83  ? -0.835  11.166  8.851   1.00 30.33 ? 71  LEU A CB  1 
ATOM   497  C  CG  . LEU A 1 83  ? 0.647   11.490  9.064   1.00 31.30 ? 71  LEU A CG  1 
ATOM   498  C  CD1 . LEU A 1 83  ? 1.389   10.237  9.522   1.00 31.54 ? 71  LEU A CD1 1 
ATOM   499  C  CD2 . LEU A 1 83  ? 1.311   12.096  7.822   1.00 32.21 ? 71  LEU A CD2 1 
ATOM   500  N  N   . SER A 1 84  ? -1.829  13.398  6.509   1.00 27.91 ? 72  SER A N   1 
ATOM   501  C  CA  . SER A 1 84  ? -2.063  13.519  5.065   1.00 27.37 ? 72  SER A CA  1 
ATOM   502  C  C   . SER A 1 84  ? -0.738  13.621  4.333   1.00 26.75 ? 72  SER A C   1 
ATOM   503  O  O   . SER A 1 84  ? 0.152   14.380  4.737   1.00 26.80 ? 72  SER A O   1 
ATOM   504  C  CB  . SER A 1 84  ? -2.949  14.722  4.719   1.00 27.55 ? 72  SER A CB  1 
ATOM   505  O  OG  . SER A 1 84  ? -4.296  14.494  5.086   1.00 29.51 ? 72  SER A OG  1 
ATOM   506  N  N   . MET A 1 85  ? -0.616  12.843  3.262   1.00 25.42 ? 73  MET A N   1 
ATOM   507  C  CA  . MET A 1 85  ? 0.616   12.733  2.490   1.00 24.74 ? 73  MET A CA  1 
ATOM   508  C  C   . MET A 1 85  ? 0.325   12.949  1.024   1.00 23.16 ? 73  MET A C   1 
ATOM   509  O  O   . MET A 1 85  ? -0.713  12.515  0.531   1.00 22.42 ? 73  MET A O   1 
ATOM   510  C  CB  . MET A 1 85  ? 1.183   11.325  2.630   1.00 25.01 ? 73  MET A CB  1 
ATOM   511  C  CG  . MET A 1 85  ? 2.222   11.153  3.679   1.00 26.65 ? 73  MET A CG  1 
ATOM   512  S  SD  . MET A 1 85  ? 2.520   9.388   3.831   1.00 26.94 ? 73  MET A SD  1 
ATOM   513  C  CE  . MET A 1 85  ? 2.000   9.121   5.521   1.00 27.98 ? 73  MET A CE  1 
ATOM   514  N  N   . VAL A 1 86  ? 1.254   13.587  0.317   1.00 21.29 ? 74  VAL A N   1 
ATOM   515  C  CA  . VAL A 1 86  ? 1.130   13.735  -1.126  1.00 20.10 ? 74  VAL A CA  1 
ATOM   516  C  C   . VAL A 1 86  ? 2.149   12.841  -1.823  1.00 19.39 ? 74  VAL A C   1 
ATOM   517  O  O   . VAL A 1 86  ? 3.359   12.977  -1.601  1.00 19.54 ? 74  VAL A O   1 
ATOM   518  C  CB  . VAL A 1 86  ? 1.324   15.211  -1.583  1.00 20.14 ? 74  VAL A CB  1 
ATOM   519  C  CG1 . VAL A 1 86  ? 1.340   15.313  -3.105  1.00 20.60 ? 74  VAL A CG1 1 
ATOM   520  C  CG2 . VAL A 1 86  ? 0.245   16.104  -0.991  1.00 20.28 ? 74  VAL A CG2 1 
ATOM   521  N  N   . ALA A 1 87  ? 1.653   11.929  -2.660  1.00 18.07 ? 75  ALA A N   1 
ATOM   522  C  CA  . ALA A 1 87  ? 2.512   11.065  -3.457  1.00 17.99 ? 75  ALA A CA  1 
ATOM   523  C  C   . ALA A 1 87  ? 2.558   11.604  -4.881  1.00 18.15 ? 75  ALA A C   1 
ATOM   524  O  O   . ALA A 1 87  ? 1.522   11.758  -5.515  1.00 17.51 ? 75  ALA A O   1 
ATOM   525  C  CB  . ALA A 1 87  ? 1.987   9.627   -3.432  1.00 17.81 ? 75  ALA A CB  1 
ATOM   526  N  N   . ASP A 1 88  ? 3.757   11.897  -5.375  1.00 18.13 ? 76  ASP A N   1 
ATOM   527  C  CA  . ASP A 1 88  ? 3.934   12.453  -6.716  1.00 19.28 ? 76  ASP A CA  1 
ATOM   528  C  C   . ASP A 1 88  ? 4.269   11.373  -7.730  1.00 19.22 ? 76  ASP A C   1 
ATOM   529  O  O   . ASP A 1 88  ? 5.005   10.440  -7.421  1.00 18.62 ? 76  ASP A O   1 
ATOM   530  C  CB  . ASP A 1 88  ? 5.070   13.478  -6.709  1.00 19.30 ? 76  ASP A CB  1 
ATOM   531  C  CG  . ASP A 1 88  ? 4.745   14.701  -5.887  1.00 22.11 ? 76  ASP A CG  1 
ATOM   532  O  OD1 . ASP A 1 88  ? 3.665   15.294  -6.093  1.00 24.40 ? 76  ASP A OD1 1 
ATOM   533  O  OD2 . ASP A 1 88  ? 5.574   15.073  -5.040  1.00 26.79 ? 76  ASP A OD2 1 
ATOM   534  N  N   . LYS A 1 89  ? 3.757   11.504  -8.952  1.00 19.98 ? 77  LYS A N   1 
ATOM   535  C  CA  . LYS A 1 89  ? 4.167   10.610  -10.036 1.00 21.92 ? 77  LYS A CA  1 
ATOM   536  C  C   . LYS A 1 89  ? 5.666   10.743  -10.267 1.00 22.24 ? 77  LYS A C   1 
ATOM   537  O  O   . LYS A 1 89  ? 6.217   11.852  -10.197 1.00 22.35 ? 77  LYS A O   1 
ATOM   538  C  CB  . LYS A 1 89  ? 3.432   10.945  -11.339 1.00 22.00 ? 77  LYS A CB  1 
ATOM   539  C  CG  . LYS A 1 89  ? 1.929   10.859  -11.268 1.00 24.20 ? 77  LYS A CG  1 
ATOM   540  C  CD  . LYS A 1 89  ? 1.305   11.449  -12.526 1.00 27.26 ? 77  LYS A CD  1 
ATOM   541  C  CE  . LYS A 1 89  ? 0.603   10.398  -13.364 1.00 28.98 ? 77  LYS A CE  1 
ATOM   542  N  NZ  . LYS A 1 89  ? -0.814  10.244  -12.929 1.00 31.37 ? 77  LYS A NZ  1 
ATOM   543  N  N   . THR A 1 90  ? 6.330   9.615   -10.508 1.00 23.28 ? 78  THR A N   1 
ATOM   544  C  CA  . THR A 1 90  ? 7.734   9.635   -10.911 1.00 23.93 ? 78  THR A CA  1 
ATOM   545  C  C   . THR A 1 90  ? 7.780   9.570   -12.437 1.00 24.89 ? 78  THR A C   1 
ATOM   546  O  O   . THR A 1 90  ? 6.753   9.753   -13.109 1.00 24.94 ? 78  THR A O   1 
ATOM   547  C  CB  . THR A 1 90  ? 8.561   8.466   -10.315 1.00 23.69 ? 78  THR A CB  1 
ATOM   548  O  OG1 . THR A 1 90  ? 8.188   7.240   -10.950 1.00 23.15 ? 78  THR A OG1 1 
ATOM   549  C  CG2 . THR A 1 90  ? 8.372   8.351   -8.800  1.00 23.89 ? 78  THR A CG2 1 
ATOM   550  N  N   . GLU A 1 91  ? 8.965   9.295   -12.976 1.00 25.77 ? 79  GLU A N   1 
ATOM   551  C  CA  . GLU A 1 91  ? 9.157   9.227   -14.418 1.00 26.74 ? 79  GLU A CA  1 
ATOM   552  C  C   . GLU A 1 91  ? 8.690   7.909   -15.030 1.00 26.69 ? 79  GLU A C   1 
ATOM   553  O  O   . GLU A 1 91  ? 8.517   7.818   -16.249 1.00 27.56 ? 79  GLU A O   1 
ATOM   554  C  CB  . GLU A 1 91  ? 10.615  9.511   -14.774 1.00 26.99 ? 79  GLU A CB  1 
ATOM   555  C  CG  . GLU A 1 91  ? 10.995  10.979  -14.594 1.00 29.49 ? 79  GLU A CG  1 
ATOM   556  C  CD  . GLU A 1 91  ? 12.489  11.224  -14.658 1.00 32.30 ? 79  GLU A CD  1 
ATOM   557  O  OE1 . GLU A 1 91  ? 13.272  10.314  -14.293 1.00 34.95 ? 79  GLU A OE1 1 
ATOM   558  O  OE2 . GLU A 1 91  ? 12.880  12.341  -15.058 1.00 33.95 ? 79  GLU A OE2 1 
ATOM   559  N  N   . LYS A 1 92  ? 8.478   6.894   -14.196 1.00 26.24 ? 80  LYS A N   1 
ATOM   560  C  CA  . LYS A 1 92  ? 7.937   5.626   -14.690 1.00 26.10 ? 80  LYS A CA  1 
ATOM   561  C  C   . LYS A 1 92  ? 6.452   5.518   -14.382 1.00 25.21 ? 80  LYS A C   1 
ATOM   562  O  O   . LYS A 1 92  ? 6.035   5.739   -13.246 1.00 24.68 ? 80  LYS A O   1 
ATOM   563  C  CB  . LYS A 1 92  ? 8.727   4.418   -14.173 1.00 26.90 ? 80  LYS A CB  1 
ATOM   564  C  CG  . LYS A 1 92  ? 9.122   4.470   -12.710 1.00 28.24 ? 80  LYS A CG  1 
ATOM   565  C  CD  . LYS A 1 92  ? 10.455  3.760   -12.464 1.00 29.88 ? 80  LYS A CD  1 
ATOM   566  C  CE  . LYS A 1 92  ? 11.643  4.689   -12.737 1.00 30.81 ? 80  LYS A CE  1 
ATOM   567  N  NZ  . LYS A 1 92  ? 11.883  5.642   -11.610 1.00 31.48 ? 80  LYS A NZ  1 
ATOM   568  N  N   . ALA A 1 93  ? 5.662   5.211   -15.411 1.00 24.11 ? 81  ALA A N   1 
ATOM   569  C  CA  . ALA A 1 93  ? 4.206   5.156   -15.292 1.00 22.85 ? 81  ALA A CA  1 
ATOM   570  C  C   . ALA A 1 93  ? 3.785   4.211   -14.168 1.00 21.89 ? 81  ALA A C   1 
ATOM   571  O  O   . ALA A 1 93  ? 4.334   3.120   -14.030 1.00 22.17 ? 81  ALA A O   1 
ATOM   572  C  CB  . ALA A 1 93  ? 3.573   4.736   -16.614 1.00 23.14 ? 81  ALA A CB  1 
ATOM   573  N  N   . GLY A 1 94  ? 2.831   4.658   -13.359 1.00 20.87 ? 82  GLY A N   1 
ATOM   574  C  CA  . GLY A 1 94  ? 2.323   3.854   -12.250 1.00 19.26 ? 82  GLY A CA  1 
ATOM   575  C  C   . GLY A 1 94  ? 3.205   3.790   -11.019 1.00 18.15 ? 82  GLY A C   1 
ATOM   576  O  O   . GLY A 1 94  ? 2.887   3.066   -10.076 1.00 16.79 ? 82  GLY A O   1 
ATOM   577  N  N   . GLU A 1 95  ? 4.315   4.534   -11.024 1.00 17.71 ? 83  GLU A N   1 
ATOM   578  C  CA  . GLU A 1 95  ? 5.142   4.674   -9.822  1.00 17.65 ? 83  GLU A CA  1 
ATOM   579  C  C   . GLU A 1 95  ? 4.978   6.043   -9.173  1.00 16.66 ? 83  GLU A C   1 
ATOM   580  O  O   . GLU A 1 95  ? 4.917   7.067   -9.850  1.00 16.48 ? 83  GLU A O   1 
ATOM   581  C  CB  . GLU A 1 95  ? 6.622   4.432   -10.125 1.00 17.37 ? 83  GLU A CB  1 
ATOM   582  C  CG  . GLU A 1 95  ? 7.490   4.275   -8.877  1.00 19.47 ? 83  GLU A CG  1 
ATOM   583  C  CD  . GLU A 1 95  ? 8.952   4.093   -9.210  1.00 20.88 ? 83  GLU A CD  1 
ATOM   584  O  OE1 . GLU A 1 95  ? 9.454   2.958   -9.078  1.00 26.08 ? 83  GLU A OE1 1 
ATOM   585  O  OE2 . GLU A 1 95  ? 9.599   5.081   -9.622  1.00 26.20 ? 83  GLU A OE2 1 
ATOM   586  N  N   . TYR A 1 96  ? 4.906   6.042   -7.848  1.00 15.32 ? 84  TYR A N   1 
ATOM   587  C  CA  . TYR A 1 96  ? 4.745   7.265   -7.081  1.00 15.05 ? 84  TYR A CA  1 
ATOM   588  C  C   . TYR A 1 96  ? 5.812   7.349   -6.014  1.00 14.47 ? 84  TYR A C   1 
ATOM   589  O  O   . TYR A 1 96  ? 6.320   6.329   -5.559  1.00 14.28 ? 84  TYR A O   1 
ATOM   590  C  CB  . TYR A 1 96  ? 3.363   7.309   -6.427  1.00 15.54 ? 84  TYR A CB  1 
ATOM   591  C  CG  . TYR A 1 96  ? 2.228   7.443   -7.408  1.00 16.50 ? 84  TYR A CG  1 
ATOM   592  C  CD1 . TYR A 1 96  ? 1.662   6.325   -7.999  1.00 17.41 ? 84  TYR A CD1 1 
ATOM   593  C  CD2 . TYR A 1 96  ? 1.721   8.697   -7.740  1.00 16.96 ? 84  TYR A CD2 1 
ATOM   594  C  CE1 . TYR A 1 96  ? 0.609   6.451   -8.918  1.00 18.80 ? 84  TYR A CE1 1 
ATOM   595  C  CE2 . TYR A 1 96  ? 0.678   8.830   -8.643  1.00 17.69 ? 84  TYR A CE2 1 
ATOM   596  C  CZ  . TYR A 1 96  ? 0.132   7.705   -9.224  1.00 18.25 ? 84  TYR A CZ  1 
ATOM   597  O  OH  . TYR A 1 96  ? -0.906  7.848   -10.118 1.00 20.25 ? 84  TYR A OH  1 
ATOM   598  N  N   . SER A 1 97  ? 6.146   8.571   -5.612  1.00 14.68 ? 85  SER A N   1 
ATOM   599  C  CA  . SER A 1 97  ? 7.098   8.787   -4.526  1.00 14.44 ? 85  SER A CA  1 
ATOM   600  C  C   . SER A 1 97  ? 6.546   9.722   -3.443  1.00 14.59 ? 85  SER A C   1 
ATOM   601  O  O   . SER A 1 97  ? 5.708   10.596  -3.715  1.00 14.02 ? 85  SER A O   1 
ATOM   602  C  CB  . SER A 1 97  ? 8.420   9.326   -5.080  1.00 15.07 ? 85  SER A CB  1 
ATOM   603  O  OG  . SER A 1 97  ? 8.263   10.665  -5.497  1.00 16.50 ? 85  SER A OG  1 
ATOM   604  N  N   . VAL A 1 98  ? 7.013   9.524   -2.215  1.00 14.36 ? 86  VAL A N   1 
ATOM   605  C  CA  . VAL A 1 98  ? 6.603   10.352  -1.077  1.00 14.71 ? 86  VAL A CA  1 
ATOM   606  C  C   . VAL A 1 98  ? 7.673   10.330  0.005   1.00 14.16 ? 86  VAL A C   1 
ATOM   607  O  O   . VAL A 1 98  ? 8.273   9.287   0.290   1.00 13.25 ? 86  VAL A O   1 
ATOM   608  C  CB  . VAL A 1 98  ? 5.225   9.914   -0.492  1.00 15.27 ? 86  VAL A CB  1 
ATOM   609  C  CG1 . VAL A 1 98  ? 5.267   8.474   0.018   1.00 16.23 ? 86  VAL A CG1 1 
ATOM   610  C  CG2 . VAL A 1 98  ? 4.778   10.862  0.626   1.00 16.27 ? 86  VAL A CG2 1 
ATOM   611  N  N   . THR A 1 99  ? 7.913   11.494  0.593   1.00 14.14 ? 87  THR A N   1 
ATOM   612  C  CA  . THR A 1 99  ? 8.825   11.590  1.714   1.00 14.83 ? 87  THR A CA  1 
ATOM   613  C  C   . THR A 1 99  ? 8.052   11.318  2.991   1.00 15.01 ? 87  THR A C   1 
ATOM   614  O  O   . THR A 1 99  ? 7.101   12.031  3.325   1.00 15.82 ? 87  THR A O   1 
ATOM   615  C  CB  . THR A 1 99  ? 9.521   12.958  1.755   1.00 15.38 ? 87  THR A CB  1 
ATOM   616  O  OG1 . THR A 1 99  ? 10.344  13.079  0.588   1.00 16.76 ? 87  THR A OG1 1 
ATOM   617  C  CG2 . THR A 1 99  ? 10.373  13.084  3.025   1.00 15.21 ? 87  THR A CG2 1 
ATOM   618  N  N   . TYR A 1 100 ? 8.445   10.241  3.662   1.00 14.50 ? 88  TYR A N   1 
ATOM   619  C  CA  . TYR A 1 100 ? 7.904   9.867   4.963   1.00 14.23 ? 88  TYR A CA  1 
ATOM   620  C  C   . TYR A 1 100 ? 8.867   8.888   5.618   1.00 14.30 ? 88  TYR A C   1 
ATOM   621  O  O   . TYR A 1 100 ? 9.110   7.798   5.082   1.00 13.94 ? 88  TYR A O   1 
ATOM   622  C  CB  . TYR A 1 100 ? 6.499   9.245   4.845   1.00 14.60 ? 88  TYR A CB  1 
ATOM   623  C  CG  . TYR A 1 100 ? 5.987   8.751   6.184   1.00 14.48 ? 88  TYR A CG  1 
ATOM   624  C  CD1 . TYR A 1 100 ? 5.458   9.643   7.115   1.00 14.82 ? 88  TYR A CD1 1 
ATOM   625  C  CD2 . TYR A 1 100 ? 6.092   7.405   6.548   1.00 14.83 ? 88  TYR A CD2 1 
ATOM   626  C  CE1 . TYR A 1 100 ? 5.016   9.205   8.350   1.00 15.57 ? 88  TYR A CE1 1 
ATOM   627  C  CE2 . TYR A 1 100 ? 5.647   6.955   7.784   1.00 15.47 ? 88  TYR A CE2 1 
ATOM   628  C  CZ  . TYR A 1 100 ? 5.118   7.869   8.687   1.00 15.40 ? 88  TYR A CZ  1 
ATOM   629  O  OH  . TYR A 1 100 ? 4.673   7.460   9.925   1.00 15.41 ? 88  TYR A OH  1 
ATOM   630  N  N   . ASP A 1 101 ? 9.407   9.278   6.777   1.00 13.99 ? 89  ASP A N   1 
ATOM   631  C  CA  . ASP A 1 101 ? 10.431  8.487   7.474   1.00 13.63 ? 89  ASP A CA  1 
ATOM   632  C  C   . ASP A 1 101 ? 11.431  7.903   6.463   1.00 13.18 ? 89  ASP A C   1 
ATOM   633  O  O   . ASP A 1 101 ? 11.697  6.684   6.447   1.00 12.86 ? 89  ASP A O   1 
ATOM   634  C  CB  . ASP A 1 101 ? 9.775   7.387   8.325   1.00 14.02 ? 89  ASP A CB  1 
ATOM   635  C  CG  . ASP A 1 101 ? 10.735  6.764   9.345   1.00 16.36 ? 89  ASP A CG  1 
ATOM   636  O  OD1 . ASP A 1 101 ? 11.618  7.476   9.872   1.00 19.42 ? 89  ASP A OD1 1 
ATOM   637  O  OD2 . ASP A 1 101 ? 10.586  5.560   9.638   1.00 20.57 ? 89  ASP A OD2 1 
ATOM   638  N  N   . GLY A 1 102 ? 11.986  8.798   5.645   1.00 12.41 ? 90  GLY A N   1 
ATOM   639  C  CA  . GLY A 1 102 ? 12.855  8.426   4.532   1.00 12.81 ? 90  GLY A CA  1 
ATOM   640  C  C   . GLY A 1 102 ? 12.185  8.686   3.194   1.00 12.61 ? 90  GLY A C   1 
ATOM   641  O  O   . GLY A 1 102 ? 11.154  9.376   3.116   1.00 13.43 ? 90  GLY A O   1 
ATOM   642  N  N   . PHE A 1 103 ? 12.790  8.143   2.143   1.00 11.31 ? 91  PHE A N   1 
ATOM   643  C  CA  . PHE A 1 103 ? 12.320  8.312   0.776   1.00 11.55 ? 91  PHE A CA  1 
ATOM   644  C  C   . PHE A 1 103 ? 11.620  7.027   0.339   1.00 11.24 ? 91  PHE A C   1 
ATOM   645  O  O   . PHE A 1 103 ? 12.228  5.953   0.343   1.00 11.58 ? 91  PHE A O   1 
ATOM   646  C  CB  . PHE A 1 103 ? 13.494  8.631   -0.166  1.00 12.34 ? 91  PHE A CB  1 
ATOM   647  C  CG  . PHE A 1 103 ? 13.102  8.701   -1.618  1.00 12.79 ? 91  PHE A CG  1 
ATOM   648  C  CD1 . PHE A 1 103 ? 12.260  9.719   -2.080  1.00 15.32 ? 91  PHE A CD1 1 
ATOM   649  C  CD2 . PHE A 1 103 ? 13.552  7.741   -2.520  1.00 14.55 ? 91  PHE A CD2 1 
ATOM   650  C  CE1 . PHE A 1 103 ? 11.876  9.779   -3.430  1.00 13.85 ? 91  PHE A CE1 1 
ATOM   651  C  CE2 . PHE A 1 103 ? 13.176  7.791   -3.866  1.00 14.82 ? 91  PHE A CE2 1 
ATOM   652  C  CZ  . PHE A 1 103 ? 12.348  8.822   -4.323  1.00 14.79 ? 91  PHE A CZ  1 
ATOM   653  N  N   . ASN A 1 104 ? 10.355  7.154   -0.058  1.00 11.13 ? 92  ASN A N   1 
ATOM   654  C  CA  . ASN A 1 104 ? 9.541   6.008   -0.480  1.00 10.97 ? 92  ASN A CA  1 
ATOM   655  C  C   . ASN A 1 104 ? 9.149   6.066   -1.953  1.00 11.29 ? 92  ASN A C   1 
ATOM   656  O  O   . ASN A 1 104 ? 8.810   7.124   -2.469  1.00 10.78 ? 92  ASN A O   1 
ATOM   657  C  CB  . ASN A 1 104 ? 8.269   5.962   0.347   1.00 10.77 ? 92  ASN A CB  1 
ATOM   658  C  CG  . ASN A 1 104 ? 8.542   5.991   1.824   1.00 10.24 ? 92  ASN A CG  1 
ATOM   659  O  OD1 . ASN A 1 104 ? 8.860   4.969   2.427   1.00 10.83 ? 92  ASN A OD1 1 
ATOM   660  N  ND2 . ASN A 1 104 ? 8.423   7.175   2.422   1.00 10.91 ? 92  ASN A ND2 1 
ATOM   661  N  N   . THR A 1 105 ? 9.213   4.925   -2.628  1.00 11.36 ? 93  THR A N   1 
ATOM   662  C  CA  . THR A 1 105 ? 8.614   4.783   -3.953  1.00 12.38 ? 93  THR A CA  1 
ATOM   663  C  C   . THR A 1 105 ? 7.654   3.617   -3.876  1.00 11.37 ? 93  THR A C   1 
ATOM   664  O  O   . THR A 1 105 ? 7.942   2.628   -3.201  1.00 12.40 ? 93  THR A O   1 
ATOM   665  C  CB  . THR A 1 105 ? 9.649   4.505   -5.058  1.00 13.36 ? 93  THR A CB  1 
ATOM   666  O  OG1 . THR A 1 105 ? 10.302  3.255   -4.810  1.00 15.78 ? 93  THR A OG1 1 
ATOM   667  C  CG2 . THR A 1 105 ? 10.667  5.625   -5.114  1.00 14.59 ? 93  THR A CG2 1 
ATOM   668  N  N   . PHE A 1 106 ? 6.509   3.739   -4.537  1.00 10.64 ? 94  PHE A N   1 
ATOM   669  C  CA  . PHE A 1 106 ? 5.563   2.619   -4.557  1.00 10.20 ? 94  PHE A CA  1 
ATOM   670  C  C   . PHE A 1 106 ? 4.825   2.459   -5.873  1.00 10.30 ? 94  PHE A C   1 
ATOM   671  O  O   . PHE A 1 106 ? 4.735   3.400   -6.661  1.00 10.22 ? 94  PHE A O   1 
ATOM   672  C  CB  . PHE A 1 106 ? 4.568   2.681   -3.386  1.00 10.62 ? 94  PHE A CB  1 
ATOM   673  C  CG  . PHE A 1 106 ? 3.577   3.816   -3.465  1.00 10.66 ? 94  PHE A CG  1 
ATOM   674  C  CD1 . PHE A 1 106 ? 3.832   5.020   -2.812  1.00 12.19 ? 94  PHE A CD1 1 
ATOM   675  C  CD2 . PHE A 1 106 ? 2.385   3.670   -4.157  1.00 12.65 ? 94  PHE A CD2 1 
ATOM   676  C  CE1 . PHE A 1 106 ? 2.922   6.073   -2.869  1.00 12.63 ? 94  PHE A CE1 1 
ATOM   677  C  CE2 . PHE A 1 106 ? 1.469   4.724   -4.221  1.00 12.02 ? 94  PHE A CE2 1 
ATOM   678  C  CZ  . PHE A 1 106 ? 1.738   5.919   -3.568  1.00 12.66 ? 94  PHE A CZ  1 
ATOM   679  N  N   . THR A 1 107 ? 4.315   1.250   -6.089  1.00 10.37 ? 95  THR A N   1 
ATOM   680  C  CA  . THR A 1 107 ? 3.430   0.944   -7.208  1.00 9.87  ? 95  THR A CA  1 
ATOM   681  C  C   . THR A 1 107 ? 2.255   0.153   -6.670  1.00 10.24 ? 95  THR A C   1 
ATOM   682  O  O   . THR A 1 107 ? 2.243   -0.243  -5.507  1.00 9.53  ? 95  THR A O   1 
ATOM   683  C  CB  . THR A 1 107 ? 4.117   0.114   -8.292  1.00 11.25 ? 95  THR A CB  1 
ATOM   684  O  OG1 . THR A 1 107 ? 4.540   -1.148  -7.748  1.00 10.45 ? 95  THR A OG1 1 
ATOM   685  C  CG2 . THR A 1 107 ? 5.318   0.872   -8.876  1.00 11.07 ? 95  THR A CG2 1 
ATOM   686  N  N   . ILE A 1 108 ? 1.279   -0.075  -7.542  1.00 10.21 ? 96  ILE A N   1 
ATOM   687  C  CA  . ILE A 1 108 ? 0.128   -0.899  -7.200  1.00 9.97  ? 96  ILE A CA  1 
ATOM   688  C  C   . ILE A 1 108 ? 0.148   -2.130  -8.125  1.00 10.09 ? 96  ILE A C   1 
ATOM   689  O  O   . ILE A 1 108 ? -0.429  -2.106  -9.218  1.00 10.68 ? 96  ILE A O   1 
ATOM   690  C  CB  . ILE A 1 108 ? -1.186  -0.074  -7.343  1.00 9.96  ? 96  ILE A CB  1 
ATOM   691  C  CG1 . ILE A 1 108 ? -1.190  1.131   -6.392  1.00 9.91  ? 96  ILE A CG1 1 
ATOM   692  C  CG2 . ILE A 1 108 ? -2.400  -0.940  -7.096  1.00 10.54 ? 96  ILE A CG2 1 
ATOM   693  C  CD1 . ILE A 1 108 ? -2.212  2.202   -6.815  1.00 11.70 ? 96  ILE A CD1 1 
ATOM   694  N  N   . PRO A 1 109 ? 0.826   -3.211  -7.702  1.00 10.37 ? 97  PRO A N   1 
ATOM   695  C  CA  . PRO A 1 109 ? 0.897   -4.408  -8.561  1.00 10.55 ? 97  PRO A CA  1 
ATOM   696  C  C   . PRO A 1 109 ? -0.451  -5.057  -8.908  1.00 10.40 ? 97  PRO A C   1 
ATOM   697  O  O   . PRO A 1 109 ? -0.542  -5.710  -9.952  1.00 12.12 ? 97  PRO A O   1 
ATOM   698  C  CB  . PRO A 1 109 ? 1.785   -5.387  -7.770  1.00 11.03 ? 97  PRO A CB  1 
ATOM   699  C  CG  . PRO A 1 109 ? 1.826   -4.852  -6.371  1.00 11.17 ? 97  PRO A CG  1 
ATOM   700  C  CD  . PRO A 1 109 ? 1.646   -3.354  -6.488  1.00 11.02 ? 97  PRO A CD  1 
ATOM   701  N  N   . LYS A 1 110 ? -1.463  -4.927  -8.045  1.00 10.79 ? 98  LYS A N   1 
ATOM   702  C  CA  . LYS A 1 110 ? -2.774  -5.545  -8.332  1.00 10.75 ? 98  LYS A CA  1 
ATOM   703  C  C   . LYS A 1 110 ? -3.919  -4.847  -7.624  1.00 10.50 ? 98  LYS A C   1 
ATOM   704  O  O   . LYS A 1 110 ? -3.872  -4.670  -6.402  1.00 10.66 ? 98  LYS A O   1 
ATOM   705  C  CB  . LYS A 1 110 ? -2.783  -7.028  -7.934  1.00 11.73 ? 98  LYS A CB  1 
ATOM   706  C  CG  . LYS A 1 110 ? -3.890  -7.838  -8.635  1.00 14.84 ? 98  LYS A CG  1 
ATOM   707  C  CD  . LYS A 1 110 ? -3.758  -7.856  -10.178 1.00 20.01 ? 98  LYS A CD  1 
ATOM   708  C  CE  . LYS A 1 110 ? -2.626  -8.761  -10.655 1.00 22.07 ? 98  LYS A CE  1 
ATOM   709  N  NZ  . LYS A 1 110 ? -2.805  -9.206  -12.070 1.00 25.85 ? 98  LYS A NZ  1 
ATOM   710  N  N   . THR A 1 111 ? -4.936  -4.452  -8.395  1.00 10.05 ? 99  THR A N   1 
ATOM   711  C  CA  . THR A 1 111 ? -6.192  -3.946  -7.818  1.00 10.11 ? 99  THR A CA  1 
ATOM   712  C  C   . THR A 1 111 ? -7.360  -4.346  -8.700  1.00 10.48 ? 99  THR A C   1 
ATOM   713  O  O   . THR A 1 111 ? -7.187  -4.463  -9.897  1.00 10.33 ? 99  THR A O   1 
ATOM   714  C  CB  . THR A 1 111 ? -6.206  -2.405  -7.677  1.00 10.19 ? 99  THR A CB  1 
ATOM   715  O  OG1 . THR A 1 111 ? -7.443  -1.999  -7.070  1.00 9.03  ? 99  THR A OG1 1 
ATOM   716  C  CG2 . THR A 1 111 ? -6.049  -1.693  -9.042  1.00 10.50 ? 99  THR A CG2 1 
ATOM   717  N  N   . ASP A 1 112 ? -8.535  -4.544  -8.092  1.00 10.33 ? 100 ASP A N   1 
ATOM   718  C  CA  . ASP A 1 112 ? -9.751  -4.724  -8.877  1.00 10.62 ? 100 ASP A CA  1 
ATOM   719  C  C   . ASP A 1 112 ? -10.664 -3.502  -8.765  1.00 10.60 ? 100 ASP A C   1 
ATOM   720  O  O   . ASP A 1 112 ? -11.814 -3.548  -9.225  1.00 10.83 ? 100 ASP A O   1 
ATOM   721  C  CB  . ASP A 1 112 ? -10.472 -6.019  -8.490  1.00 10.58 ? 100 ASP A CB  1 
ATOM   722  C  CG  . ASP A 1 112 ? -11.180 -5.933  -7.153  1.00 11.34 ? 100 ASP A CG  1 
ATOM   723  O  OD1 . ASP A 1 112 ? -10.909 -4.997  -6.365  1.00 10.14 ? 100 ASP A OD1 1 
ATOM   724  O  OD2 . ASP A 1 112 ? -12.022 -6.835  -6.888  1.00 13.66 ? 100 ASP A OD2 1 
ATOM   725  N  N   . TYR A 1 113 ? -10.135 -2.427  -8.165  1.00 10.95 ? 101 TYR A N   1 
ATOM   726  C  CA  . TYR A 1 113 ? -10.801 -1.117  -8.009  1.00 10.87 ? 101 TYR A CA  1 
ATOM   727  C  C   . TYR A 1 113 ? -11.961 -1.137  -7.009  1.00 11.07 ? 101 TYR A C   1 
ATOM   728  O  O   . TYR A 1 113 ? -12.075 -0.223  -6.190  1.00 11.28 ? 101 TYR A O   1 
ATOM   729  C  CB  . TYR A 1 113 ? -11.294 -0.553  -9.356  1.00 11.84 ? 101 TYR A CB  1 
ATOM   730  C  CG  . TYR A 1 113 ? -10.248 -0.409  -10.443 1.00 12.28 ? 101 TYR A CG  1 
ATOM   731  C  CD1 . TYR A 1 113 ? -9.160  0.452   -10.289 1.00 13.03 ? 101 TYR A CD1 1 
ATOM   732  C  CD2 . TYR A 1 113 ? -10.368 -1.103  -11.641 1.00 13.33 ? 101 TYR A CD2 1 
ATOM   733  C  CE1 . TYR A 1 113 ? -8.196  0.591   -11.298 1.00 13.75 ? 101 TYR A CE1 1 
ATOM   734  C  CE2 . TYR A 1 113 ? -9.421  -0.959  -12.654 1.00 14.60 ? 101 TYR A CE2 1 
ATOM   735  C  CZ  . TYR A 1 113 ? -8.342  -0.116  -12.472 1.00 13.82 ? 101 TYR A CZ  1 
ATOM   736  O  OH  . TYR A 1 113 ? -7.406  0.028   -13.483 1.00 15.75 ? 101 TYR A OH  1 
ATOM   737  N  N   . ASP A 1 114 ? -12.777 -2.191  -7.061  1.00 11.16 ? 102 ASP A N   1 
ATOM   738  C  CA  . ASP A 1 114 ? -14.049 -2.252  -6.322  1.00 11.45 ? 102 ASP A CA  1 
ATOM   739  C  C   . ASP A 1 114 ? -13.995 -2.980  -4.988  1.00 11.17 ? 102 ASP A C   1 
ATOM   740  O  O   . ASP A 1 114 ? -14.911 -2.829  -4.157  1.00 11.06 ? 102 ASP A O   1 
ATOM   741  C  CB  . ASP A 1 114 ? -15.119 -2.944  -7.171  1.00 11.98 ? 102 ASP A CB  1 
ATOM   742  C  CG  . ASP A 1 114 ? -15.460 -2.188  -8.417  1.00 14.89 ? 102 ASP A CG  1 
ATOM   743  O  OD1 . ASP A 1 114 ? -15.420 -0.933  -8.405  1.00 17.58 ? 102 ASP A OD1 1 
ATOM   744  O  OD2 . ASP A 1 114 ? -15.796 -2.873  -9.408  1.00 16.14 ? 102 ASP A OD2 1 
ATOM   745  N  N   . ASN A 1 115 ? -12.943 -3.779  -4.783  1.00 10.00 ? 103 ASN A N   1 
ATOM   746  C  CA  . ASN A 1 115 ? -12.767 -4.507  -3.523  1.00 10.05 ? 103 ASN A CA  1 
ATOM   747  C  C   . ASN A 1 115 ? -11.419 -4.258  -2.865  1.00 9.15  ? 103 ASN A C   1 
ATOM   748  O  O   . ASN A 1 115 ? -11.359 -3.869  -1.692  1.00 9.18  ? 103 ASN A O   1 
ATOM   749  C  CB  . ASN A 1 115 ? -12.920 -6.014  -3.727  1.00 10.46 ? 103 ASN A CB  1 
ATOM   750  C  CG  . ASN A 1 115 ? -14.343 -6.423  -4.041  1.00 11.88 ? 103 ASN A CG  1 
ATOM   751  O  OD1 . ASN A 1 115 ? -15.224 -6.381  -3.175  1.00 14.00 ? 103 ASN A OD1 1 
ATOM   752  N  ND2 . ASN A 1 115 ? -14.565 -6.843  -5.268  1.00 13.75 ? 103 ASN A ND2 1 
ATOM   753  N  N   . PHE A 1 116 ? -10.344 -4.518  -3.616  1.00 9.44  ? 104 PHE A N   1 
ATOM   754  C  CA  . PHE A 1 116 ? -9.011  -4.554  -3.029  1.00 8.78  ? 104 PHE A CA  1 
ATOM   755  C  C   . PHE A 1 116 ? -7.983  -3.767  -3.822  1.00 8.69  ? 104 PHE A C   1 
ATOM   756  O  O   . PHE A 1 116 ? -8.123  -3.547  -5.029  1.00 7.76  ? 104 PHE A O   1 
ATOM   757  C  CB  . PHE A 1 116 ? -8.519  -6.004  -2.863  1.00 9.28  ? 104 PHE A CB  1 
ATOM   758  C  CG  . PHE A 1 116 ? -8.114  -6.667  -4.148  1.00 8.45  ? 104 PHE A CG  1 
ATOM   759  C  CD1 . PHE A 1 116 ? -6.836  -6.480  -4.674  1.00 9.15  ? 104 PHE A CD1 1 
ATOM   760  C  CD2 . PHE A 1 116 ? -8.994  -7.499  -4.819  1.00 9.57  ? 104 PHE A CD2 1 
ATOM   761  C  CE1 . PHE A 1 116 ? -6.452  -7.105  -5.862  1.00 10.08 ? 104 PHE A CE1 1 
ATOM   762  C  CE2 . PHE A 1 116 ? -8.623  -8.131  -6.009  1.00 10.10 ? 104 PHE A CE2 1 
ATOM   763  C  CZ  . PHE A 1 116 ? -7.337  -7.935  -6.526  1.00 11.35 ? 104 PHE A CZ  1 
ATOM   764  N  N   . LEU A 1 117 ? -6.921  -3.390  -3.122  1.00 8.20  ? 105 LEU A N   1 
ATOM   765  C  CA  . LEU A 1 117 ? -5.790  -2.711  -3.738  1.00 8.56  ? 105 LEU A CA  1 
ATOM   766  C  C   . LEU A 1 117 ? -4.551  -3.243  -3.028  1.00 8.82  ? 105 LEU A C   1 
ATOM   767  O  O   . LEU A 1 117 ? -4.495  -3.237  -1.794  1.00 8.78  ? 105 LEU A O   1 
ATOM   768  C  CB  . LEU A 1 117 ? -5.920  -1.205  -3.530  1.00 9.35  ? 105 LEU A CB  1 
ATOM   769  C  CG  . LEU A 1 117 ? -4.894  -0.298  -4.213  1.00 10.19 ? 105 LEU A CG  1 
ATOM   770  C  CD1 . LEU A 1 117 ? -5.504  1.063   -4.479  1.00 10.88 ? 105 LEU A CD1 1 
ATOM   771  C  CD2 . LEU A 1 117 ? -3.609  -0.166  -3.375  1.00 12.33 ? 105 LEU A CD2 1 
ATOM   772  N  N   . MET A 1 118 ? -3.585  -3.718  -3.810  1.00 7.93  ? 106 MET A N   1 
ATOM   773  C  CA  . MET A 1 118 ? -2.315  -4.234  -3.263  1.00 9.00  ? 106 MET A CA  1 
ATOM   774  C  C   . MET A 1 118 ? -1.199  -3.307  -3.704  1.00 8.87  ? 106 MET A C   1 
ATOM   775  O  O   . MET A 1 118 ? -1.019  -3.102  -4.907  1.00 9.60  ? 106 MET A O   1 
ATOM   776  C  CB  . MET A 1 118 ? -2.042  -5.647  -3.780  1.00 8.84  ? 106 MET A CB  1 
ATOM   777  C  CG  . MET A 1 118 ? -3.148  -6.624  -3.458  1.00 9.32  ? 106 MET A CG  1 
ATOM   778  S  SD  . MET A 1 118 ? -2.688  -8.312  -3.877  1.00 11.61 ? 106 MET A SD  1 
ATOM   779  C  CE  . MET A 1 118 ? -4.265  -9.131  -3.615  1.00 11.60 ? 106 MET A CE  1 
ATOM   780  N  N   . ALA A 1 119 ? -0.467  -2.767  -2.726  1.00 8.15  ? 107 ALA A N   1 
ATOM   781  C  CA  . ALA A 1 119 ? 0.632   -1.827  -2.950  1.00 7.99  ? 107 ALA A CA  1 
ATOM   782  C  C   . ALA A 1 119 ? 1.969   -2.426  -2.563  1.00 8.21  ? 107 ALA A C   1 
ATOM   783  O  O   . ALA A 1 119 ? 2.048   -3.188  -1.596  1.00 8.42  ? 107 ALA A O   1 
ATOM   784  C  CB  . ALA A 1 119 ? 0.410   -0.544  -2.154  1.00 8.52  ? 107 ALA A CB  1 
ATOM   785  N  N   . HIS A 1 120 ? 3.003   -2.089  -3.339  1.00 7.25  ? 108 HIS A N   1 
ATOM   786  C  CA  . HIS A 1 120 ? 4.381   -2.515  -3.031  1.00 7.42  ? 108 HIS A CA  1 
ATOM   787  C  C   . HIS A 1 120 ? 5.230   -1.253  -2.913  1.00 8.04  ? 108 HIS A C   1 
ATOM   788  O  O   . HIS A 1 120 ? 5.269   -0.447  -3.843  1.00 8.91  ? 108 HIS A O   1 
ATOM   789  C  CB  . HIS A 1 120 ? 4.949   -3.460  -4.098  1.00 7.60  ? 108 HIS A CB  1 
ATOM   790  C  CG  . HIS A 1 120 ? 6.360   -3.878  -3.835  1.00 8.70  ? 108 HIS A CG  1 
ATOM   791  N  ND1 . HIS A 1 120 ? 7.431   -3.405  -4.567  1.00 13.24 ? 108 HIS A ND1 1 
ATOM   792  C  CD2 . HIS A 1 120 ? 6.882   -4.718  -2.911  1.00 9.27  ? 108 HIS A CD2 1 
ATOM   793  C  CE1 . HIS A 1 120 ? 8.549   -3.933  -4.095  1.00 11.98 ? 108 HIS A CE1 1 
ATOM   794  N  NE2 . HIS A 1 120 ? 8.240   -4.754  -3.109  1.00 9.33  ? 108 HIS A NE2 1 
ATOM   795  N  N   . LEU A 1 121 ? 5.870   -1.087  -1.758  1.00 7.53  ? 109 LEU A N   1 
ATOM   796  C  CA  . LEU A 1 121 ? 6.636   0.108   -1.454  1.00 8.02  ? 109 LEU A CA  1 
ATOM   797  C  C   . LEU A 1 121 ? 8.080   -0.239  -1.077  1.00 7.41  ? 109 LEU A C   1 
ATOM   798  O  O   . LEU A 1 121 ? 8.344   -1.218  -0.371  1.00 8.08  ? 109 LEU A O   1 
ATOM   799  C  CB  . LEU A 1 121 ? 5.953   0.893   -0.323  1.00 8.62  ? 109 LEU A CB  1 
ATOM   800  C  CG  . LEU A 1 121 ? 6.646   2.151   0.226   1.00 9.94  ? 109 LEU A CG  1 
ATOM   801  C  CD1 . LEU A 1 121 ? 5.605   3.134   0.745   1.00 11.41 ? 109 LEU A CD1 1 
ATOM   802  C  CD2 . LEU A 1 121 ? 7.620   1.784   1.336   1.00 12.00 ? 109 LEU A CD2 1 
ATOM   803  N  N   . ILE A 1 122 ? 9.006   0.586   -1.569  1.00 7.45  ? 110 ILE A N   1 
ATOM   804  C  CA  . ILE A 1 122 ? 10.420  0.539   -1.123  1.00 7.43  ? 110 ILE A CA  1 
ATOM   805  C  C   . ILE A 1 122 ? 10.730  1.814   -0.340  1.00 7.84  ? 110 ILE A C   1 
ATOM   806  O  O   . ILE A 1 122 ? 10.556  2.925   -0.873  1.00 7.59  ? 110 ILE A O   1 
ATOM   807  C  CB  . ILE A 1 122 ? 11.404  0.444   -2.315  1.00 7.35  ? 110 ILE A CB  1 
ATOM   808  C  CG1 . ILE A 1 122 ? 11.151  -0.832  -3.129  1.00 8.54  ? 110 ILE A CG1 1 
ATOM   809  C  CG2 . ILE A 1 122 ? 12.872  0.479   -1.860  1.00 10.13 ? 110 ILE A CG2 1 
ATOM   810  C  CD1 . ILE A 1 122 ? 11.398  -2.132  -2.367  1.00 8.08  ? 110 ILE A CD1 1 
ATOM   811  N  N   . ASN A 1 123 ? 11.200  1.637   0.898   1.00 7.90  ? 111 ASN A N   1 
ATOM   812  C  CA  . ASN A 1 123 ? 11.665  2.756   1.726   1.00 8.61  ? 111 ASN A CA  1 
ATOM   813  C  C   . ASN A 1 123 ? 13.177  2.799   1.753   1.00 9.20  ? 111 ASN A C   1 
ATOM   814  O  O   . ASN A 1 123 ? 13.828  1.761   1.840   1.00 9.19  ? 111 ASN A O   1 
ATOM   815  C  CB  . ASN A 1 123 ? 11.158  2.599   3.161   1.00 8.83  ? 111 ASN A CB  1 
ATOM   816  C  CG  . ASN A 1 123 ? 11.679  3.672   4.082   1.00 9.93  ? 111 ASN A CG  1 
ATOM   817  O  OD1 . ASN A 1 123 ? 12.699  3.479   4.756   1.00 11.61 ? 111 ASN A OD1 1 
ATOM   818  N  ND2 . ASN A 1 123 ? 10.992  4.803   4.124   1.00 9.28  ? 111 ASN A ND2 1 
ATOM   819  N  N   . GLU A 1 124 ? 13.731  4.007   1.721   1.00 9.18  ? 112 GLU A N   1 
ATOM   820  C  CA  . GLU A 1 124 ? 15.169  4.187   1.863   1.00 9.63  ? 112 GLU A CA  1 
ATOM   821  C  C   . GLU A 1 124 ? 15.423  5.242   2.941   1.00 9.32  ? 112 GLU A C   1 
ATOM   822  O  O   . GLU A 1 124 ? 14.966  6.378   2.822   1.00 9.87  ? 112 GLU A O   1 
ATOM   823  C  CB  . GLU A 1 124 ? 15.794  4.589   0.534   1.00 10.01 ? 112 GLU A CB  1 
ATOM   824  C  CG  . GLU A 1 124 ? 15.807  3.424   -0.434  1.00 11.81 ? 112 GLU A CG  1 
ATOM   825  C  CD  . GLU A 1 124 ? 16.033  3.780   -1.878  1.00 13.80 ? 112 GLU A CD  1 
ATOM   826  O  OE1 . GLU A 1 124 ? 16.212  4.961   -2.229  1.00 14.32 ? 112 GLU A OE1 1 
ATOM   827  O  OE2 . GLU A 1 124 ? 16.018  2.824   -2.675  1.00 16.43 ? 112 GLU A OE2 1 
ATOM   828  N  N   . LYS A 1 125 ? 16.122  4.839   3.998   1.00 10.55 ? 113 LYS A N   1 
ATOM   829  C  CA  . LYS A 1 125 ? 16.422  5.755   5.100   1.00 11.68 ? 113 LYS A CA  1 
ATOM   830  C  C   . LYS A 1 125 ? 17.820  5.478   5.641   1.00 10.96 ? 113 LYS A C   1 
ATOM   831  O  O   . LYS A 1 125 ? 18.189  4.314   5.866   1.00 11.14 ? 113 LYS A O   1 
ATOM   832  C  CB  . LYS A 1 125 ? 15.378  5.607   6.222   1.00 11.98 ? 113 LYS A CB  1 
ATOM   833  C  CG  . LYS A 1 125 ? 15.506  6.623   7.346   1.00 14.02 ? 113 LYS A CG  1 
ATOM   834  C  CD  . LYS A 1 125 ? 14.539  6.346   8.493   1.00 15.19 ? 113 LYS A CD  1 
ATOM   835  C  CE  . LYS A 1 125 ? 14.946  7.105   9.735   1.00 20.54 ? 113 LYS A CE  1 
ATOM   836  N  NZ  . LYS A 1 125 ? 14.149  6.672   10.916  1.00 23.04 ? 113 LYS A NZ  1 
ATOM   837  N  N   . ASP A 1 126 ? 18.588  6.554   5.842   1.00 10.99 ? 114 ASP A N   1 
ATOM   838  C  CA  . ASP A 1 126 ? 19.932  6.468   6.440   1.00 11.07 ? 114 ASP A CA  1 
ATOM   839  C  C   . ASP A 1 126 ? 20.800  5.436   5.722   1.00 10.66 ? 114 ASP A C   1 
ATOM   840  O  O   . ASP A 1 126 ? 21.548  4.675   6.347   1.00 10.42 ? 114 ASP A O   1 
ATOM   841  C  CB  . ASP A 1 126 ? 19.835  6.183   7.946   1.00 11.47 ? 114 ASP A CB  1 
ATOM   842  C  CG  . ASP A 1 126 ? 19.102  7.289   8.697   1.00 12.17 ? 114 ASP A CG  1 
ATOM   843  O  OD1 . ASP A 1 126 ? 18.377  6.970   9.652   1.00 14.99 ? 114 ASP A OD1 1 
ATOM   844  O  OD2 . ASP A 1 126 ? 19.214  8.466   8.299   1.00 14.67 ? 114 ASP A OD2 1 
ATOM   845  N  N   . GLY A 1 127 ? 20.645  5.392   4.397   1.00 9.97  ? 115 GLY A N   1 
ATOM   846  C  CA  . GLY A 1 127 ? 21.442  4.512   3.553   1.00 10.22 ? 115 GLY A CA  1 
ATOM   847  C  C   . GLY A 1 127 ? 21.012  3.048   3.504   1.00 9.90  ? 115 GLY A C   1 
ATOM   848  O  O   . GLY A 1 127 ? 21.655  2.243   2.830   1.00 10.53 ? 115 GLY A O   1 
ATOM   849  N  N   . GLU A 1 128 ? 19.919  2.726   4.204   1.00 10.40 ? 116 GLU A N   1 
ATOM   850  C  CA  . GLU A 1 128 ? 19.354  1.374   4.222   1.00 11.64 ? 116 GLU A CA  1 
ATOM   851  C  C   . GLU A 1 128 ? 18.088  1.283   3.363   1.00 10.70 ? 116 GLU A C   1 
ATOM   852  O  O   . GLU A 1 128 ? 17.679  2.254   2.719   1.00 11.17 ? 116 GLU A O   1 
ATOM   853  C  CB  . GLU A 1 128 ? 19.011  0.967   5.660   1.00 13.30 ? 116 GLU A CB  1 
ATOM   854  C  CG  . GLU A 1 128 ? 20.154  1.149   6.653   1.00 17.62 ? 116 GLU A CG  1 
ATOM   855  C  CD  . GLU A 1 128 ? 19.993  0.326   7.912   1.00 24.41 ? 116 GLU A CD  1 
ATOM   856  O  OE1 . GLU A 1 128 ? 18.895  0.343   8.520   1.00 26.31 ? 116 GLU A OE1 1 
ATOM   857  O  OE2 . GLU A 1 128 ? 20.982  -0.336  8.303   1.00 27.76 ? 116 GLU A OE2 1 
ATOM   858  N  N   . THR A 1 129 ? 17.463  0.110   3.354   1.00 9.68  ? 117 THR A N   1 
ATOM   859  C  CA  . THR A 1 129 ? 16.209  -0.058  2.618   1.00 9.50  ? 117 THR A CA  1 
ATOM   860  C  C   . THR A 1 129 ? 15.356  -1.127  3.259   1.00 9.24  ? 117 THR A C   1 
ATOM   861  O  O   . THR A 1 129 ? 15.879  -1.982  3.981   1.00 9.65  ? 117 THR A O   1 
ATOM   862  C  CB  . THR A 1 129 ? 16.471  -0.423  1.121   1.00 10.29 ? 117 THR A CB  1 
ATOM   863  O  OG1 . THR A 1 129 ? 15.270  -0.283  0.359   1.00 11.02 ? 117 THR A OG1 1 
ATOM   864  C  CG2 . THR A 1 129 ? 16.998  -1.841  0.962   1.00 11.07 ? 117 THR A CG2 1 
ATOM   865  N  N   . PHE A 1 130 ? 14.046  -1.074  3.011   1.00 8.71  ? 118 PHE A N   1 
ATOM   866  C  CA  . PHE A 1 130 ? 13.191  -2.244  3.278   1.00 8.73  ? 118 PHE A CA  1 
ATOM   867  C  C   . PHE A 1 130 ? 11.990  -2.217  2.331   1.00 8.63  ? 118 PHE A C   1 
ATOM   868  O  O   . PHE A 1 130 ? 11.693  -1.184  1.723   1.00 8.36  ? 118 PHE A O   1 
ATOM   869  C  CB  . PHE A 1 130 ? 12.758  -2.319  4.757   1.00 9.46  ? 118 PHE A CB  1 
ATOM   870  C  CG  . PHE A 1 130 ? 11.778  -1.260  5.168   1.00 10.71 ? 118 PHE A CG  1 
ATOM   871  C  CD1 . PHE A 1 130 ? 10.413  -1.467  5.012   1.00 11.54 ? 118 PHE A CD1 1 
ATOM   872  C  CD2 . PHE A 1 130 ? 12.212  -0.065  5.747   1.00 11.61 ? 118 PHE A CD2 1 
ATOM   873  C  CE1 . PHE A 1 130 ? 9.480   -0.470  5.401   1.00 13.39 ? 118 PHE A CE1 1 
ATOM   874  C  CE2 . PHE A 1 130 ? 11.289  0.912   6.135   1.00 13.38 ? 118 PHE A CE2 1 
ATOM   875  C  CZ  . PHE A 1 130 ? 9.936   0.704   5.958   1.00 12.71 ? 118 PHE A CZ  1 
ATOM   876  N  N   . GLN A 1 131 ? 11.345  -3.375  2.194   1.00 8.13  ? 119 GLN A N   1 
ATOM   877  C  CA  . GLN A 1 131 ? 10.104  -3.522  1.438   1.00 8.83  ? 119 GLN A CA  1 
ATOM   878  C  C   . GLN A 1 131 ? 8.881   -3.500  2.349   1.00 9.16  ? 119 GLN A C   1 
ATOM   879  O  O   . GLN A 1 131 ? 8.872   -4.124  3.402   1.00 8.77  ? 119 GLN A O   1 
ATOM   880  C  CB  . GLN A 1 131 ? 10.072  -4.880  0.759   1.00 8.91  ? 119 GLN A CB  1 
ATOM   881  C  CG  . GLN A 1 131 ? 11.190  -5.194  -0.192  1.00 9.77  ? 119 GLN A CG  1 
ATOM   882  C  CD  . GLN A 1 131 ? 10.925  -6.519  -0.855  1.00 10.39 ? 119 GLN A CD  1 
ATOM   883  O  OE1 . GLN A 1 131 ? 11.291  -7.578  -0.340  1.00 13.55 ? 119 GLN A OE1 1 
ATOM   884  N  NE2 . GLN A 1 131 ? 10.226  -6.479  -1.960  1.00 8.23  ? 119 GLN A NE2 1 
ATOM   885  N  N   . LEU A 1 132 ? 7.837   -2.818  1.908   1.00 9.01  ? 120 LEU A N   1 
ATOM   886  C  CA  . LEU A 1 132 ? 6.539   -2.869  2.567   1.00 9.51  ? 120 LEU A CA  1 
ATOM   887  C  C   . LEU A 1 132 ? 5.491   -3.271  1.533   1.00 10.22 ? 120 LEU A C   1 
ATOM   888  O  O   . LEU A 1 132 ? 5.521   -2.791  0.389   1.00 9.82  ? 120 LEU A O   1 
ATOM   889  C  CB  . LEU A 1 132 ? 6.220   -1.498  3.167   1.00 10.81 ? 120 LEU A CB  1 
ATOM   890  C  CG  . LEU A 1 132 ? 4.856   -1.108  3.773   1.00 12.44 ? 120 LEU A CG  1 
ATOM   891  C  CD1 . LEU A 1 132 ? 3.696   -1.045  2.786   1.00 17.35 ? 120 LEU A CD1 1 
ATOM   892  C  CD2 . LEU A 1 132 ? 4.466   -1.840  5.015   1.00 17.85 ? 120 LEU A CD2 1 
ATOM   893  N  N   . MET A 1 133 ? 4.577   -4.153  1.936   1.00 10.04 ? 121 MET A N   1 
ATOM   894  C  CA  . MET A 1 133 ? 3.409   -4.474  1.114   1.00 12.03 ? 121 MET A CA  1 
ATOM   895  C  C   . MET A 1 133 ? 2.143   -4.168  1.897   1.00 9.67  ? 121 MET A C   1 
ATOM   896  O  O   . MET A 1 133 ? 2.081   -4.412  3.101   1.00 9.61  ? 121 MET A O   1 
ATOM   897  C  CB  . MET A 1 133 ? 3.409   -5.942  0.687   1.00 11.52 ? 121 MET A CB  1 
ATOM   898  C  CG  . MET A 1 133 ? 4.763   -6.454  0.227   1.00 16.69 ? 121 MET A CG  1 
ATOM   899  S  SD  . MET A 1 133 ? 4.668   -7.348  -1.316  1.00 19.28 ? 121 MET A SD  1 
ATOM   900  C  CE  . MET A 1 133 ? 3.640   -6.102  -2.146  1.00 7.39  ? 121 MET A CE  1 
ATOM   901  N  N   . GLY A 1 134 ? 1.146   -3.606  1.220   1.00 8.66  ? 122 GLY A N   1 
ATOM   902  C  CA  . GLY A 1 134 ? -0.120  -3.307  1.873   1.00 8.40  ? 122 GLY A CA  1 
ATOM   903  C  C   . GLY A 1 134 ? -1.307  -3.854  1.105   1.00 8.31  ? 122 GLY A C   1 
ATOM   904  O  O   . GLY A 1 134 ? -1.313  -3.851  -0.126  1.00 8.52  ? 122 GLY A O   1 
ATOM   905  N  N   . LEU A 1 135 ? -2.289  -4.353  1.855   1.00 7.34  ? 123 LEU A N   1 
ATOM   906  C  CA  . LEU A 1 135 ? -3.554  -4.776  1.280   1.00 7.38  ? 123 LEU A CA  1 
ATOM   907  C  C   . LEU A 1 135 ? -4.625  -3.861  1.828   1.00 7.45  ? 123 LEU A C   1 
ATOM   908  O  O   . LEU A 1 135 ? -4.802  -3.781  3.045   1.00 7.29  ? 123 LEU A O   1 
ATOM   909  C  CB  . LEU A 1 135 ? -3.882  -6.217  1.683   1.00 7.53  ? 123 LEU A CB  1 
ATOM   910  C  CG  . LEU A 1 135 ? -5.239  -6.739  1.177   1.00 6.96  ? 123 LEU A CG  1 
ATOM   911  C  CD1 . LEU A 1 135 ? -5.298  -6.853  -0.356  1.00 7.85  ? 123 LEU A CD1 1 
ATOM   912  C  CD2 . LEU A 1 135 ? -5.547  -8.090  1.850   1.00 9.43  ? 123 LEU A CD2 1 
ATOM   913  N  N   . TYR A 1 136 ? -5.319  -3.185  0.913   1.00 7.50  ? 124 TYR A N   1 
ATOM   914  C  CA  . TYR A 1 136 ? -6.356  -2.211  1.255   1.00 7.87  ? 124 TYR A CA  1 
ATOM   915  C  C   . TYR A 1 136 ? -7.693  -2.662  0.692   1.00 8.36  ? 124 TYR A C   1 
ATOM   916  O  O   . TYR A 1 136 ? -7.757  -3.292  -0.369  1.00 7.53  ? 124 TYR A O   1 
ATOM   917  C  CB  . TYR A 1 136 ? -5.965  -0.799  0.756   1.00 8.13  ? 124 TYR A CB  1 
ATOM   918  C  CG  . TYR A 1 136 ? -4.581  -0.421  1.228   1.00 8.38  ? 124 TYR A CG  1 
ATOM   919  C  CD1 . TYR A 1 136 ? -4.388  0.214   2.459   1.00 10.15 ? 124 TYR A CD1 1 
ATOM   920  C  CD2 . TYR A 1 136 ? -3.463  -0.727  0.458   1.00 8.85  ? 124 TYR A CD2 1 
ATOM   921  C  CE1 . TYR A 1 136 ? -3.112  0.516   2.922   1.00 10.09 ? 124 TYR A CE1 1 
ATOM   922  C  CE2 . TYR A 1 136 ? -2.178  -0.420  0.907   1.00 9.41  ? 124 TYR A CE2 1 
ATOM   923  C  CZ  . TYR A 1 136 ? -2.015  0.211   2.125   1.00 9.86  ? 124 TYR A CZ  1 
ATOM   924  O  OH  . TYR A 1 136 ? -0.740  0.509   2.560   1.00 11.32 ? 124 TYR A OH  1 
ATOM   925  N  N   . GLY A 1 137 ? -8.748  -2.367  1.444   1.00 8.65  ? 125 GLY A N   1 
ATOM   926  C  CA  . GLY A 1 137 ? -10.107 -2.767  1.071   1.00 8.06  ? 125 GLY A CA  1 
ATOM   927  C  C   . GLY A 1 137 ? -11.061 -1.592  1.027   1.00 8.44  ? 125 GLY A C   1 
ATOM   928  O  O   . GLY A 1 137 ? -10.895 -0.608  1.773   1.00 7.42  ? 125 GLY A O   1 
ATOM   929  N  N   . ARG A 1 138 ? -12.062 -1.697  0.155   1.00 8.12  ? 126 ARG A N   1 
ATOM   930  C  CA  . ARG A 1 138 ? -13.115 -0.680  0.098   1.00 8.44  ? 126 ARG A CA  1 
ATOM   931  C  C   . ARG A 1 138 ? -13.957 -0.696  1.380   1.00 8.58  ? 126 ARG A C   1 
ATOM   932  O  O   . ARG A 1 138 ? -14.433 0.362   1.843   1.00 9.16  ? 126 ARG A O   1 
ATOM   933  C  CB  . ARG A 1 138 ? -13.991 -0.877  -1.133  1.00 8.79  ? 126 ARG A CB  1 
ATOM   934  C  CG  . ARG A 1 138 ? -13.255 -0.569  -2.427  1.00 7.20  ? 126 ARG A CG  1 
ATOM   935  C  CD  . ARG A 1 138 ? -12.819 0.897   -2.484  1.00 7.68  ? 126 ARG A CD  1 
ATOM   936  N  NE  . ARG A 1 138 ? -12.592 1.315   -3.861  1.00 8.51  ? 126 ARG A NE  1 
ATOM   937  C  CZ  . ARG A 1 138 ? -12.393 2.576   -4.235  1.00 8.67  ? 126 ARG A CZ  1 
ATOM   938  N  NH1 . ARG A 1 138 ? -12.401 3.567   -3.337  1.00 9.35  ? 126 ARG A NH1 1 
ATOM   939  N  NH2 . ARG A 1 138 ? -12.175 2.829   -5.521  1.00 10.15 ? 126 ARG A NH2 1 
ATOM   940  N  N   . GLU A 1 139 ? -14.130 -1.902  1.934   1.00 8.78  ? 127 GLU A N   1 
ATOM   941  C  CA  . GLU A 1 139 ? -14.752 -2.083  3.239   1.00 9.15  ? 127 GLU A CA  1 
ATOM   942  C  C   . GLU A 1 139 ? -13.668 -2.298  4.302   1.00 9.43  ? 127 GLU A C   1 
ATOM   943  O  O   . GLU A 1 139 ? -12.495 -2.477  3.944   1.00 8.47  ? 127 GLU A O   1 
ATOM   944  C  CB  . GLU A 1 139 ? -15.673 -3.303  3.222   1.00 9.44  ? 127 GLU A CB  1 
ATOM   945  C  CG  . GLU A 1 139 ? -16.777 -3.230  2.190   1.00 11.54 ? 127 GLU A CG  1 
ATOM   946  C  CD  . GLU A 1 139 ? -17.899 -4.212  2.466   1.00 13.03 ? 127 GLU A CD  1 
ATOM   947  O  OE1 . GLU A 1 139 ? -17.695 -5.188  3.234   1.00 10.23 ? 127 GLU A OE1 1 
ATOM   948  O  OE2 . GLU A 1 139 ? -19.003 -3.999  1.910   1.00 16.11 ? 127 GLU A OE2 1 
ATOM   949  N  N   . PRO A 1 140 ? -14.037 -2.270  5.601   1.00 9.53  ? 128 PRO A N   1 
ATOM   950  C  CA  . PRO A 1 140 ? -13.024 -2.497  6.654   1.00 9.74  ? 128 PRO A CA  1 
ATOM   951  C  C   . PRO A 1 140 ? -12.402 -3.898  6.754   1.00 9.83  ? 128 PRO A C   1 
ATOM   952  O  O   . PRO A 1 140 ? -11.527 -4.116  7.608   1.00 11.27 ? 128 PRO A O   1 
ATOM   953  C  CB  . PRO A 1 140 ? -13.772 -2.155  7.957   1.00 9.51  ? 128 PRO A CB  1 
ATOM   954  C  CG  . PRO A 1 140 ? -14.923 -1.273  7.515   1.00 10.03 ? 128 PRO A CG  1 
ATOM   955  C  CD  . PRO A 1 140 ? -15.336 -1.864  6.186   1.00 9.57  ? 128 PRO A CD  1 
ATOM   956  N  N   . ASP A 1 141 ? -12.826 -4.821  5.895   1.00 9.92  ? 129 ASP A N   1 
ATOM   957  C  CA  . ASP A 1 141 ? -12.230 -6.158  5.831   1.00 9.80  ? 129 ASP A CA  1 
ATOM   958  C  C   . ASP A 1 141 ? -12.366 -6.714  4.403   1.00 9.64  ? 129 ASP A C   1 
ATOM   959  O  O   . ASP A 1 141 ? -13.021 -6.109  3.564   1.00 9.31  ? 129 ASP A O   1 
ATOM   960  C  CB  . ASP A 1 141 ? -12.884 -7.091  6.858   1.00 10.44 ? 129 ASP A CB  1 
ATOM   961  C  CG  . ASP A 1 141 ? -11.982 -8.240  7.290   1.00 12.52 ? 129 ASP A CG  1 
ATOM   962  O  OD1 . ASP A 1 141 ? -10.839 -8.389  6.797   1.00 11.91 ? 129 ASP A OD1 1 
ATOM   963  O  OD2 . ASP A 1 141 ? -12.432 -9.003  8.169   1.00 14.15 ? 129 ASP A OD2 1 
ATOM   964  N  N   . LEU A 1 142 ? -11.720 -7.849  4.147   1.00 9.35  ? 130 LEU A N   1 
ATOM   965  C  CA  . LEU A 1 142 ? -11.718 -8.503  2.841   1.00 9.43  ? 130 LEU A CA  1 
ATOM   966  C  C   . LEU A 1 142 ? -11.939 -10.004 3.028   1.00 9.82  ? 130 LEU A C   1 
ATOM   967  O  O   . LEU A 1 142 ? -11.763 -10.529 4.133   1.00 11.42 ? 130 LEU A O   1 
ATOM   968  C  CB  . LEU A 1 142 ? -10.377 -8.248  2.127   1.00 9.16  ? 130 LEU A CB  1 
ATOM   969  C  CG  . LEU A 1 142 ? -10.257 -6.869  1.442   1.00 8.16  ? 130 LEU A CG  1 
ATOM   970  C  CD1 . LEU A 1 142 ? -8.814  -6.518  1.039   1.00 9.79  ? 130 LEU A CD1 1 
ATOM   971  C  CD2 . LEU A 1 142 ? -11.168 -6.745  0.206   1.00 10.07 ? 130 LEU A CD2 1 
ATOM   972  N  N   . SER A 1 143 ? -12.311 -10.694 1.952   1.00 10.34 ? 131 SER A N   1 
ATOM   973  C  CA  . SER A 1 143 ? -12.499 -12.146 2.016   1.00 10.90 ? 131 SER A CA  1 
ATOM   974  C  C   . SER A 1 143 ? -11.191 -12.882 2.283   1.00 11.82 ? 131 SER A C   1 
ATOM   975  O  O   . SER A 1 143 ? -10.113 -12.388 1.939   1.00 11.21 ? 131 SER A O   1 
ATOM   976  C  CB  . SER A 1 143 ? -13.083 -12.665 0.715   1.00 11.56 ? 131 SER A CB  1 
ATOM   977  O  OG  . SER A 1 143 ? -12.118 -12.564 -0.328  1.00 13.14 ? 131 SER A OG  1 
ATOM   978  N  N   . SER A 1 144 ? -11.309 -14.077 2.859   1.00 12.91 ? 132 SER A N   1 
ATOM   979  C  CA  . SER A 1 144 ? -10.156 -14.962 3.034   1.00 13.84 ? 132 SER A CA  1 
ATOM   980  C  C   . SER A 1 144 ? -9.424  -15.241 1.705   1.00 14.01 ? 132 SER A C   1 
ATOM   981  O  O   . SER A 1 144 ? -8.183  -15.307 1.694   1.00 13.42 ? 132 SER A O   1 
ATOM   982  C  CB  . SER A 1 144 ? -10.577 -16.272 3.716   1.00 14.98 ? 132 SER A CB  1 
ATOM   983  O  OG  . SER A 1 144 ? -11.548 -16.931 2.949   1.00 18.53 ? 132 SER A OG  1 
ATOM   984  N  N   . ASP A 1 145 ? -10.174 -15.391 0.605   1.00 14.23 ? 133 ASP A N   1 
ATOM   985  C  CA  . ASP A 1 145 ? -9.608  -15.633 -0.736  1.00 14.88 ? 133 ASP A CA  1 
ATOM   986  C  C   . ASP A 1 145 ? -8.658  -14.492 -1.119  1.00 14.02 ? 133 ASP A C   1 
ATOM   987  O  O   . ASP A 1 145 ? -7.518  -14.719 -1.525  1.00 13.46 ? 133 ASP A O   1 
ATOM   988  C  CB  . ASP A 1 145 ? -10.708 -15.758 -1.807  1.00 16.54 ? 133 ASP A CB  1 
ATOM   989  C  CG  . ASP A 1 145 ? -11.402 -17.123 -1.821  1.00 21.18 ? 133 ASP A CG  1 
ATOM   990  O  OD1 . ASP A 1 145 ? -11.038 -18.026 -1.032  1.00 25.38 ? 133 ASP A OD1 1 
ATOM   991  O  OD2 . ASP A 1 145 ? -12.319 -17.294 -2.656  1.00 25.79 ? 133 ASP A OD2 1 
ATOM   992  N  N   . ILE A 1 146 ? -9.124  -13.256 -0.951  1.00 12.84 ? 134 ILE A N   1 
ATOM   993  C  CA  . ILE A 1 146 ? -8.292  -12.098 -1.285  1.00 11.94 ? 134 ILE A CA  1 
ATOM   994  C  C   . ILE A 1 146 ? -7.069  -11.992 -0.362  1.00 11.00 ? 134 ILE A C   1 
ATOM   995  O  O   . ILE A 1 146 ? -5.965  -11.694 -0.826  1.00 10.58 ? 134 ILE A O   1 
ATOM   996  C  CB  . ILE A 1 146 ? -9.115  -10.791 -1.317  1.00 12.32 ? 134 ILE A CB  1 
ATOM   997  C  CG1 . ILE A 1 146 ? -10.105 -10.847 -2.484  1.00 13.77 ? 134 ILE A CG1 1 
ATOM   998  C  CG2 . ILE A 1 146 ? -8.189  -9.577  -1.483  1.00 13.23 ? 134 ILE A CG2 1 
ATOM   999  C  CD1 . ILE A 1 146 ? -11.165 -9.764  -2.463  1.00 16.25 ? 134 ILE A CD1 1 
ATOM   1000 N  N   . LYS A 1 147 ? -7.255  -12.262 0.931   1.00 9.68  ? 135 LYS A N   1 
ATOM   1001 C  CA  . LYS A 1 147 ? -6.122  -12.282 1.875   1.00 9.61  ? 135 LYS A CA  1 
ATOM   1002 C  C   . LYS A 1 147 ? -5.077  -13.324 1.456   1.00 9.59  ? 135 LYS A C   1 
ATOM   1003 O  O   . LYS A 1 147 ? -3.875  -13.070 1.571   1.00 10.46 ? 135 LYS A O   1 
ATOM   1004 C  CB  . LYS A 1 147 ? -6.591  -12.502 3.312   1.00 9.66  ? 135 LYS A CB  1 
ATOM   1005 C  CG  . LYS A 1 147 ? -7.540  -11.421 3.796   1.00 9.31  ? 135 LYS A CG  1 
ATOM   1006 C  CD  . LYS A 1 147 ? -7.761  -11.531 5.303   1.00 11.46 ? 135 LYS A CD  1 
ATOM   1007 C  CE  . LYS A 1 147 ? -8.659  -10.404 5.794   1.00 10.72 ? 135 LYS A CE  1 
ATOM   1008 N  NZ  . LYS A 1 147 ? -9.052  -10.555 7.231   1.00 12.37 ? 135 LYS A NZ  1 
ATOM   1009 N  N   . GLU A 1 148 ? -5.541  -14.465 0.943   1.00 10.02 ? 136 GLU A N   1 
ATOM   1010 C  CA  . GLU A 1 148 ? -4.617  -15.498 0.458   1.00 10.07 ? 136 GLU A CA  1 
ATOM   1011 C  C   . GLU A 1 148 ? -3.854  -15.046 -0.790  1.00 9.94  ? 136 GLU A C   1 
ATOM   1012 O  O   . GLU A 1 148 ? -2.629  -15.244 -0.883  1.00 9.60  ? 136 GLU A O   1 
ATOM   1013 C  CB  . GLU A 1 148 ? -5.352  -16.824 0.214   1.00 11.10 ? 136 GLU A CB  1 
ATOM   1014 C  CG  . GLU A 1 148 ? -4.469  -17.938 -0.387  1.00 11.37 ? 136 GLU A CG  1 
ATOM   1015 C  CD  . GLU A 1 148 ? -3.332  -18.425 0.526   1.00 12.74 ? 136 GLU A CD  1 
ATOM   1016 O  OE1 . GLU A 1 148 ? -3.240  -18.035 1.712   1.00 12.98 ? 136 GLU A OE1 1 
ATOM   1017 O  OE2 . GLU A 1 148 ? -2.506  -19.214 0.020   1.00 13.88 ? 136 GLU A OE2 1 
ATOM   1018 N  N   . ARG A 1 149 ? -4.561  -14.404 -1.720  1.00 9.67  ? 137 ARG A N   1 
ATOM   1019 C  CA  . ARG A 1 149 ? -3.911  -13.829 -2.897  1.00 10.07 ? 137 ARG A CA  1 
ATOM   1020 C  C   . ARG A 1 149 ? -2.820  -12.836 -2.485  1.00 9.04  ? 137 ARG A C   1 
ATOM   1021 O  O   . ARG A 1 149 ? -1.755  -12.790 -3.109  1.00 9.56  ? 137 ARG A O   1 
ATOM   1022 C  CB  . ARG A 1 149 ? -4.927  -13.159 -3.820  1.00 9.86  ? 137 ARG A CB  1 
ATOM   1023 C  CG  . ARG A 1 149 ? -5.889  -14.148 -4.485  1.00 11.25 ? 137 ARG A CG  1 
ATOM   1024 C  CD  . ARG A 1 149 ? -6.822  -13.430 -5.466  1.00 12.59 ? 137 ARG A CD  1 
ATOM   1025 N  NE  . ARG A 1 149 ? -6.066  -12.828 -6.562  1.00 17.64 ? 137 ARG A NE  1 
ATOM   1026 C  CZ  . ARG A 1 149 ? -6.559  -11.964 -7.451  1.00 17.76 ? 137 ARG A CZ  1 
ATOM   1027 N  NH1 . ARG A 1 149 ? -7.832  -11.593 -7.411  1.00 17.60 ? 137 ARG A NH1 1 
ATOM   1028 N  NH2 . ARG A 1 149 ? -5.765  -11.472 -8.394  1.00 19.62 ? 137 ARG A NH2 1 
ATOM   1029 N  N   . PHE A 1 150 ? -3.068  -12.080 -1.413  1.00 9.51  ? 138 PHE A N   1 
ATOM   1030 C  CA  . PHE A 1 150 ? -2.071  -11.146 -0.906  1.00 8.56  ? 138 PHE A CA  1 
ATOM   1031 C  C   . PHE A 1 150 ? -0.844  -11.872 -0.359  1.00 8.73  ? 138 PHE A C   1 
ATOM   1032 O  O   . PHE A 1 150 ? 0.300   -11.464 -0.599  1.00 8.87  ? 138 PHE A O   1 
ATOM   1033 C  CB  . PHE A 1 150 ? -2.685  -10.234 0.156   1.00 8.71  ? 138 PHE A CB  1 
ATOM   1034 C  CG  . PHE A 1 150 ? -1.751  -9.180  0.655   1.00 8.45  ? 138 PHE A CG  1 
ATOM   1035 C  CD1 . PHE A 1 150 ? -1.331  -8.151  -0.175  1.00 7.80  ? 138 PHE A CD1 1 
ATOM   1036 C  CD2 . PHE A 1 150 ? -1.289  -9.220  1.957   1.00 8.26  ? 138 PHE A CD2 1 
ATOM   1037 C  CE1 . PHE A 1 150 ? -0.465  -7.162  0.310   1.00 9.19  ? 138 PHE A CE1 1 
ATOM   1038 C  CE2 . PHE A 1 150 ? -0.433  -8.243  2.445   1.00 9.84  ? 138 PHE A CE2 1 
ATOM   1039 C  CZ  . PHE A 1 150 ? -0.025  -7.221  1.636   1.00 8.86  ? 138 PHE A CZ  1 
ATOM   1040 N  N   . ALA A 1 151 ? -1.084  -12.959 0.371   1.00 8.52  ? 139 ALA A N   1 
ATOM   1041 C  CA  . ALA A 1 151 ? 0.008   -13.747 0.904   1.00 8.54  ? 139 ALA A CA  1 
ATOM   1042 C  C   . ALA A 1 151 ? 0.874   -14.298 -0.223  1.00 8.86  ? 139 ALA A C   1 
ATOM   1043 O  O   . ALA A 1 151 ? 2.088   -14.352 -0.095  1.00 9.12  ? 139 ALA A O   1 
ATOM   1044 C  CB  . ALA A 1 151 ? -0.528  -14.875 1.762   1.00 9.34  ? 139 ALA A CB  1 
ATOM   1045 N  N   . GLN A 1 152 ? 0.241   -14.697 -1.321  1.00 8.19  ? 140 GLN A N   1 
ATOM   1046 C  CA  . GLN A 1 152 ? 0.981   -15.167 -2.485  1.00 8.29  ? 140 GLN A CA  1 
ATOM   1047 C  C   . GLN A 1 152 ? 1.836   -14.067 -3.107  1.00 8.56  ? 140 GLN A C   1 
ATOM   1048 O  O   . GLN A 1 152 ? 2.976   -14.318 -3.508  1.00 8.97  ? 140 GLN A O   1 
ATOM   1049 C  CB  . GLN A 1 152 ? 0.059   -15.793 -3.533  1.00 8.71  ? 140 GLN A CB  1 
ATOM   1050 C  CG  . GLN A 1 152 ? -0.687  -17.042 -3.055  1.00 8.55  ? 140 GLN A CG  1 
ATOM   1051 C  CD  . GLN A 1 152 ? 0.242   -18.210 -2.671  1.00 8.15  ? 140 GLN A CD  1 
ATOM   1052 O  OE1 . GLN A 1 152 ? -0.039  -18.984 -1.717  1.00 13.21 ? 140 GLN A OE1 1 
ATOM   1053 N  NE2 . GLN A 1 152 ? 1.345   -18.348 -3.399  1.00 7.97  ? 140 GLN A NE2 1 
ATOM   1054 N  N   . LEU A 1 153 ? 1.290   -12.847 -3.177  1.00 8.88  ? 141 LEU A N   1 
ATOM   1055 C  CA  . LEU A 1 153 ? 2.040   -11.732 -3.721  1.00 9.25  ? 141 LEU A CA  1 
ATOM   1056 C  C   . LEU A 1 153 ? 3.235   -11.412 -2.822  1.00 8.94  ? 141 LEU A C   1 
ATOM   1057 O  O   . LEU A 1 153 ? 4.340   -11.134 -3.309  1.00 8.97  ? 141 LEU A O   1 
ATOM   1058 C  CB  . LEU A 1 153 ? 1.139   -10.510 -3.904  1.00 9.85  ? 141 LEU A CB  1 
ATOM   1059 C  CG  . LEU A 1 153 ? 1.796   -9.299  -4.567  1.00 11.97 ? 141 LEU A CG  1 
ATOM   1060 C  CD1 . LEU A 1 153 ? 2.026   -9.534  -6.059  1.00 14.98 ? 141 LEU A CD1 1 
ATOM   1061 C  CD2 . LEU A 1 153 ? 0.939   -8.062  -4.306  1.00 14.64 ? 141 LEU A CD2 1 
ATOM   1062 N  N   . CYS A 1 154 ? 3.033   -11.468 -1.505  1.00 8.34  ? 142 CYS A N   1 
ATOM   1063 C  CA  . CYS A 1 154 ? 4.146   -11.249 -0.571  1.00 8.39  ? 142 CYS A CA  1 
ATOM   1064 C  C   . CYS A 1 154 ? 5.258   -12.285 -0.781  1.00 8.22  ? 142 CYS A C   1 
ATOM   1065 O  O   . CYS A 1 154 ? 6.450   -11.959 -0.756  1.00 8.61  ? 142 CYS A O   1 
ATOM   1066 C  CB  . CYS A 1 154 ? 3.641   -11.293 0.867   1.00 8.89  ? 142 CYS A CB  1 
ATOM   1067 S  SG  . CYS A 1 154 ? 2.631   -9.861  1.329   1.00 9.61  ? 142 CYS A SG  1 
ATOM   1068 N  N   . GLU A 1 155 ? 4.854   -13.538 -0.968  1.00 8.19  ? 143 GLU A N   1 
ATOM   1069 C  CA  . GLU A 1 155 ? 5.800   -14.639 -1.186  1.00 8.52  ? 143 GLU A CA  1 
ATOM   1070 C  C   . GLU A 1 155 ? 6.652   -14.361 -2.423  1.00 8.71  ? 143 GLU A C   1 
ATOM   1071 O  O   . GLU A 1 155 ? 7.873   -14.589 -2.420  1.00 9.19  ? 143 GLU A O   1 
ATOM   1072 C  CB  . GLU A 1 155 ? 5.029   -15.945 -1.328  1.00 8.33  ? 143 GLU A CB  1 
ATOM   1073 C  CG  . GLU A 1 155 ? 5.924   -17.134 -1.623  1.00 9.34  ? 143 GLU A CG  1 
ATOM   1074 C  CD  . GLU A 1 155 ? 5.174   -18.452 -1.660  1.00 9.20  ? 143 GLU A CD  1 
ATOM   1075 O  OE1 . GLU A 1 155 ? 5.803   -19.477 -2.000  1.00 10.98 ? 143 GLU A OE1 1 
ATOM   1076 O  OE2 . GLU A 1 155 ? 3.982   -18.475 -1.312  1.00 8.30  ? 143 GLU A OE2 1 
ATOM   1077 N  N   . GLU A 1 156 ? 6.018   -13.826 -3.463  1.00 8.81  ? 144 GLU A N   1 
ATOM   1078 C  CA  . GLU A 1 156 ? 6.722   -13.491 -4.703  1.00 10.31 ? 144 GLU A CA  1 
ATOM   1079 C  C   . GLU A 1 156 ? 7.796   -12.426 -4.496  1.00 10.36 ? 144 GLU A C   1 
ATOM   1080 O  O   . GLU A 1 156 ? 8.698   -12.302 -5.319  1.00 11.50 ? 144 GLU A O   1 
ATOM   1081 C  CB  . GLU A 1 156 ? 5.724   -13.039 -5.775  1.00 9.91  ? 144 GLU A CB  1 
ATOM   1082 C  CG  . GLU A 1 156 ? 4.896   -14.188 -6.350  1.00 13.02 ? 144 GLU A CG  1 
ATOM   1083 C  CD  . GLU A 1 156 ? 3.736   -13.721 -7.227  1.00 14.74 ? 144 GLU A CD  1 
ATOM   1084 O  OE1 . GLU A 1 156 ? 3.567   -12.503 -7.427  1.00 20.10 ? 144 GLU A OE1 1 
ATOM   1085 O  OE2 . GLU A 1 156 ? 2.987   -14.582 -7.729  1.00 21.31 ? 144 GLU A OE2 1 
ATOM   1086 N  N   . HIS A 1 157 ? 7.686   -11.667 -3.406  1.00 9.55  ? 145 HIS A N   1 
ATOM   1087 C  CA  . HIS A 1 157 ? 8.645   -10.601 -3.081  1.00 9.68  ? 145 HIS A CA  1 
ATOM   1088 C  C   . HIS A 1 157 ? 9.567   -10.968 -1.921  1.00 9.62  ? 145 HIS A C   1 
ATOM   1089 O  O   . HIS A 1 157 ? 10.252  -10.103 -1.373  1.00 9.84  ? 145 HIS A O   1 
ATOM   1090 C  CB  . HIS A 1 157 ? 7.904   -9.281  -2.812  1.00 9.81  ? 145 HIS A CB  1 
ATOM   1091 C  CG  . HIS A 1 157 ? 7.249   -8.721  -4.032  1.00 12.80 ? 145 HIS A CG  1 
ATOM   1092 N  ND1 . HIS A 1 157 ? 7.898   -7.860  -4.894  1.00 14.19 ? 145 HIS A ND1 1 
ATOM   1093 C  CD2 . HIS A 1 157 ? 6.026   -8.946  -4.573  1.00 12.57 ? 145 HIS A CD2 1 
ATOM   1094 C  CE1 . HIS A 1 157 ? 7.085   -7.542  -5.887  1.00 14.66 ? 145 HIS A CE1 1 
ATOM   1095 N  NE2 . HIS A 1 157 ? 5.947   -8.187  -5.719  1.00 16.63 ? 145 HIS A NE2 1 
ATOM   1096 N  N   . GLY A 1 158 ? 9.576   -12.247 -1.551  1.00 9.02  ? 146 GLY A N   1 
ATOM   1097 C  CA  . GLY A 1 158 ? 10.472  -12.749 -0.502  1.00 10.03 ? 146 GLY A CA  1 
ATOM   1098 C  C   . GLY A 1 158 ? 10.048  -12.336 0.902   1.00 9.88  ? 146 GLY A C   1 
ATOM   1099 O  O   . GLY A 1 158 ? 10.885  -12.207 1.796   1.00 11.13 ? 146 GLY A O   1 
ATOM   1100 N  N   . ILE A 1 159 ? 8.746   -12.105 1.099   1.00 10.24 ? 147 ILE A N   1 
ATOM   1101 C  CA  . ILE A 1 159 ? 8.222   -11.757 2.421   1.00 10.24 ? 147 ILE A CA  1 
ATOM   1102 C  C   . ILE A 1 159 ? 7.438   -12.944 2.999   1.00 10.52 ? 147 ILE A C   1 
ATOM   1103 O  O   . ILE A 1 159 ? 6.407   -13.350 2.441   1.00 11.59 ? 147 ILE A O   1 
ATOM   1104 C  CB  . ILE A 1 159 ? 7.344   -10.492 2.361   1.00 10.22 ? 147 ILE A CB  1 
ATOM   1105 C  CG1 . ILE A 1 159 ? 8.165   -9.297  1.836   1.00 9.80  ? 147 ILE A CG1 1 
ATOM   1106 C  CG2 . ILE A 1 159 ? 6.764   -10.182 3.742   1.00 8.87  ? 147 ILE A CG2 1 
ATOM   1107 C  CD1 . ILE A 1 159 ? 7.376   -8.045  1.634   1.00 12.12 ? 147 ILE A CD1 1 
ATOM   1108 N  N   . LEU A 1 160 ? 7.946   -13.485 4.110   1.00 11.31 ? 148 LEU A N   1 
ATOM   1109 C  CA  . LEU A 1 160 ? 7.348   -14.646 4.775   1.00 11.68 ? 148 LEU A CA  1 
ATOM   1110 C  C   . LEU A 1 160 ? 6.013   -14.266 5.399   1.00 11.39 ? 148 LEU A C   1 
ATOM   1111 O  O   . LEU A 1 160 ? 5.852   -13.123 5.829   1.00 11.10 ? 148 LEU A O   1 
ATOM   1112 C  CB  . LEU A 1 160 ? 8.274   -15.151 5.896   1.00 12.77 ? 148 LEU A CB  1 
ATOM   1113 C  CG  . LEU A 1 160 ? 9.620   -15.799 5.543   1.00 15.40 ? 148 LEU A CG  1 
ATOM   1114 C  CD1 . LEU A 1 160 ? 10.536  -15.807 6.749   1.00 19.37 ? 148 LEU A CD1 1 
ATOM   1115 C  CD2 . LEU A 1 160 ? 9.417   -17.206 5.007   1.00 16.89 ? 148 LEU A CD2 1 
ATOM   1116 N  N   . ARG A 1 161 ? 5.078   -15.226 5.468   1.00 11.77 ? 149 ARG A N   1 
ATOM   1117 C  CA  . ARG A 1 161 ? 3.797   -15.023 6.144   1.00 11.96 ? 149 ARG A CA  1 
ATOM   1118 C  C   . ARG A 1 161 ? 3.950   -14.557 7.586   1.00 11.46 ? 149 ARG A C   1 
ATOM   1119 O  O   . ARG A 1 161 ? 3.119   -13.802 8.095   1.00 11.46 ? 149 ARG A O   1 
ATOM   1120 C  CB  . ARG A 1 161 ? 2.947   -16.288 6.119   1.00 12.63 ? 149 ARG A CB  1 
ATOM   1121 C  CG  . ARG A 1 161 ? 2.370   -16.602 4.774   1.00 12.96 ? 149 ARG A CG  1 
ATOM   1122 C  CD  . ARG A 1 161 ? 1.832   -18.001 4.740   1.00 13.82 ? 149 ARG A CD  1 
ATOM   1123 N  NE  . ARG A 1 161 ? 1.430   -18.385 3.388   1.00 13.83 ? 149 ARG A NE  1 
ATOM   1124 C  CZ  . ARG A 1 161 ? 0.179   -18.321 2.937   1.00 13.14 ? 149 ARG A CZ  1 
ATOM   1125 N  NH1 . ARG A 1 161 ? -0.794  -17.908 3.744   1.00 15.17 ? 149 ARG A NH1 1 
ATOM   1126 N  NH2 . ARG A 1 161 ? -0.095  -18.693 1.691   1.00 14.58 ? 149 ARG A NH2 1 
ATOM   1127 N  N   . GLU A 1 162 ? 5.014   -14.988 8.258   1.00 11.76 ? 150 GLU A N   1 
ATOM   1128 C  CA  . GLU A 1 162 ? 5.207   -14.557 9.632   1.00 12.05 ? 150 GLU A CA  1 
ATOM   1129 C  C   . GLU A 1 162 ? 5.500   -13.054 9.731   1.00 11.26 ? 150 GLU A C   1 
ATOM   1130 O  O   . GLU A 1 162 ? 5.394   -12.484 10.805  1.00 12.38 ? 150 GLU A O   1 
ATOM   1131 C  CB  . GLU A 1 162 ? 6.272   -15.392 10.333  1.00 12.45 ? 150 GLU A CB  1 
ATOM   1132 C  CG  . GLU A 1 162 ? 7.668   -15.150 9.844   1.00 14.48 ? 150 GLU A CG  1 
ATOM   1133 C  CD  . GLU A 1 162 ? 8.681   -16.078 10.486  1.00 18.78 ? 150 GLU A CD  1 
ATOM   1134 O  OE1 . GLU A 1 162 ? 8.353   -17.268 10.711  1.00 20.50 ? 150 GLU A OE1 1 
ATOM   1135 O  OE2 . GLU A 1 162 ? 9.818   -15.631 10.747  1.00 22.21 ? 150 GLU A OE2 1 
ATOM   1136 N  N   . ASN A 1 163 ? 5.796   -12.419 8.590   1.00 10.85 ? 151 ASN A N   1 
ATOM   1137 C  CA  . ASN A 1 163 ? 5.969   -10.967 8.516   1.00 10.52 ? 151 ASN A CA  1 
ATOM   1138 C  C   . ASN A 1 163 ? 4.769   -10.243 7.905   1.00 10.13 ? 151 ASN A C   1 
ATOM   1139 O  O   . ASN A 1 163 ? 4.885   -9.087  7.486   1.00 9.85  ? 151 ASN A O   1 
ATOM   1140 C  CB  . ASN A 1 163 ? 7.216   -10.618 7.702   1.00 10.38 ? 151 ASN A CB  1 
ATOM   1141 C  CG  . ASN A 1 163 ? 8.489   -11.083 8.360   1.00 13.41 ? 151 ASN A CG  1 
ATOM   1142 O  OD1 . ASN A 1 163 ? 9.474   -11.369 7.673   1.00 20.04 ? 151 ASN A OD1 1 
ATOM   1143 N  ND2 . ASN A 1 163 ? 8.486   -11.162 9.685   1.00 13.78 ? 151 ASN A ND2 1 
ATOM   1144 N  N   . ILE A 1 164 ? 3.637   -10.937 7.858   1.00 10.13 ? 152 ILE A N   1 
ATOM   1145 C  CA  . ILE A 1 164 ? 2.381   -10.387 7.359   1.00 10.16 ? 152 ILE A CA  1 
ATOM   1146 C  C   . ILE A 1 164 ? 1.450   -10.237 8.561   1.00 10.81 ? 152 ILE A C   1 
ATOM   1147 O  O   . ILE A 1 164 ? 1.186   -11.224 9.268   1.00 12.22 ? 152 ILE A O   1 
ATOM   1148 C  CB  . ILE A 1 164 ? 1.748   -11.331 6.301   1.00 9.11  ? 152 ILE A CB  1 
ATOM   1149 C  CG1 . ILE A 1 164 ? 2.699   -11.544 5.111   1.00 9.28  ? 152 ILE A CG1 1 
ATOM   1150 C  CG2 . ILE A 1 164 ? 0.373   -10.809 5.863   1.00 10.27 ? 152 ILE A CG2 1 
ATOM   1151 C  CD1 . ILE A 1 164 ? 2.169   -12.572 4.082   1.00 10.19 ? 152 ILE A CD1 1 
ATOM   1152 N  N   . ILE A 1 165 ? 0.945   -9.019  8.773   1.00 10.76 ? 153 ILE A N   1 
ATOM   1153 C  CA  . ILE A 1 165 ? 0.129   -8.700  9.952   1.00 10.99 ? 153 ILE A CA  1 
ATOM   1154 C  C   . ILE A 1 165 ? -1.262  -8.239  9.513   1.00 11.40 ? 153 ILE A C   1 
ATOM   1155 O  O   . ILE A 1 165 ? -1.408  -7.194  8.879   1.00 11.02 ? 153 ILE A O   1 
ATOM   1156 C  CB  . ILE A 1 165 ? 0.803   -7.622  10.849  1.00 11.48 ? 153 ILE A CB  1 
ATOM   1157 C  CG1 . ILE A 1 165 ? 2.249   -8.035  11.181  1.00 11.00 ? 153 ILE A CG1 1 
ATOM   1158 C  CG2 . ILE A 1 165 ? -0.042  -7.364  12.082  1.00 11.67 ? 153 ILE A CG2 1 
ATOM   1159 C  CD1 . ILE A 1 165 ? 3.035   -7.012  12.020  1.00 11.90 ? 153 ILE A CD1 1 
ATOM   1160 N  N   . ASP A 1 166 ? -2.272  -9.054  9.818   1.00 11.80 ? 154 ASP A N   1 
ATOM   1161 C  CA  . ASP A 1 166 ? -3.668  -8.684  9.555   1.00 12.25 ? 154 ASP A CA  1 
ATOM   1162 C  C   . ASP A 1 166 ? -4.131  -7.671  10.608  1.00 13.22 ? 154 ASP A C   1 
ATOM   1163 O  O   . ASP A 1 166 ? -4.122  -7.956  11.806  1.00 13.94 ? 154 ASP A O   1 
ATOM   1164 C  CB  . ASP A 1 166 ? -4.547  -9.944  9.544   1.00 12.76 ? 154 ASP A CB  1 
ATOM   1165 C  CG  . ASP A 1 166 ? -5.987  -9.669  9.141   1.00 14.29 ? 154 ASP A CG  1 
ATOM   1166 O  OD1 . ASP A 1 166 ? -6.505  -8.595  9.480   1.00 16.28 ? 154 ASP A OD1 1 
ATOM   1167 O  OD2 . ASP A 1 166 ? -6.601  -10.550 8.494   1.00 15.79 ? 154 ASP A OD2 1 
ATOM   1168 N  N   . LEU A 1 167 ? -4.544  -6.492  10.149  1.00 13.37 ? 155 LEU A N   1 
ATOM   1169 C  CA  . LEU A 1 167 ? -4.916  -5.395  11.036  1.00 14.82 ? 155 LEU A CA  1 
ATOM   1170 C  C   . LEU A 1 167 ? -6.421  -5.110  11.028  1.00 15.84 ? 155 LEU A C   1 
ATOM   1171 O  O   . LEU A 1 167 ? -6.856  -4.093  11.570  1.00 16.52 ? 155 LEU A O   1 
ATOM   1172 C  CB  . LEU A 1 167 ? -4.106  -4.133  10.692  1.00 14.07 ? 155 LEU A CB  1 
ATOM   1173 C  CG  . LEU A 1 167 ? -2.594  -4.251  10.894  1.00 15.38 ? 155 LEU A CG  1 
ATOM   1174 C  CD1 . LEU A 1 167 ? -1.879  -3.019  10.350  1.00 17.06 ? 155 LEU A CD1 1 
ATOM   1175 C  CD2 . LEU A 1 167 ? -2.283  -4.459  12.371  1.00 15.98 ? 155 LEU A CD2 1 
ATOM   1176 N  N   . SER A 1 168 ? -7.200  -6.017  10.437  1.00 17.38 ? 156 SER A N   1 
ATOM   1177 C  CA  . SER A 1 168 ? -8.660  -5.857  10.359  1.00 19.61 ? 156 SER A CA  1 
ATOM   1178 C  C   . SER A 1 168 ? -9.350  -5.945  11.727  1.00 21.20 ? 156 SER A C   1 
ATOM   1179 O  O   . SER A 1 168 ? -10.472 -5.478  11.889  1.00 21.60 ? 156 SER A O   1 
ATOM   1180 C  CB  . SER A 1 168 ? -9.280  -6.862  9.383   1.00 19.33 ? 156 SER A CB  1 
ATOM   1181 O  OG  . SER A 1 168 ? -9.104  -8.196  9.827   1.00 20.30 ? 156 SER A OG  1 
ATOM   1182 N  N   . ASN A 1 169 ? -8.661  -6.554  12.691  1.00 23.47 ? 157 ASN A N   1 
ATOM   1183 C  CA  . ASN A 1 169 ? -9.126  -6.718  14.073  1.00 26.16 ? 157 ASN A CA  1 
ATOM   1184 C  C   . ASN A 1 169 ? -8.635  -5.588  14.980  1.00 27.15 ? 157 ASN A C   1 
ATOM   1185 O  O   . ASN A 1 169 ? -9.110  -5.438  16.114  1.00 28.16 ? 157 ASN A O   1 
ATOM   1186 C  CB  . ASN A 1 169 ? -8.585  -8.042  14.618  1.00 26.83 ? 157 ASN A CB  1 
ATOM   1187 C  CG  . ASN A 1 169 ? -7.055  -8.087  14.629  1.00 28.46 ? 157 ASN A CG  1 
ATOM   1188 O  OD1 . ASN A 1 169 ? -6.398  -7.832  13.603  1.00 29.07 ? 157 ASN A OD1 1 
ATOM   1189 N  ND2 . ASN A 1 169 ? -6.481  -8.400  15.788  1.00 31.07 ? 157 ASN A ND2 1 
ATOM   1190 N  N   . ALA A 1 170 ? -7.661  -4.824  14.490  1.00 28.03 ? 158 ALA A N   1 
ATOM   1191 C  CA  . ALA A 1 170 ? -7.042  -3.740  15.254  1.00 28.82 ? 158 ALA A CA  1 
ATOM   1192 C  C   . ALA A 1 170 ? -7.862  -2.456  15.167  1.00 29.08 ? 158 ALA A C   1 
ATOM   1193 O  O   . ALA A 1 170 ? -7.519  -1.531  14.421  1.00 29.97 ? 158 ALA A O   1 
ATOM   1194 C  CB  . ALA A 1 170 ? -5.609  -3.501  14.777  1.00 28.81 ? 158 ALA A CB  1 
HETATM 1195 CD CD  . CD  B 2 .   ? 7.600   -3.136  -6.847  1.00 20.29 ? 167 CD  A CD  1 
HETATM 1196 CD CD  . CD  C 2 .   ? 4.043   -20.958 -1.609  1.00 10.26 ? 200 CD  A CD  1 
HETATM 1197 CD CD  . CD  D 2 .   ? -11.688 10.507  -16.703 1.00 21.28 ? 201 CD  A CD  1 
HETATM 1198 CD CD  . CD  E 2 .   ? 6.780   -6.514  -8.073  1.00 24.09 ? 373 CD  A CD  1 
HETATM 1199 C  C1  . GOL F 3 .   ? -0.681  3.382   -1.719  1.00 37.82 ? 300 GOL A C1  1 
HETATM 1200 O  O1  . GOL F 3 .   ? -2.078  3.309   -1.885  1.00 37.17 ? 300 GOL A O1  1 
HETATM 1201 C  C2  . GOL F 3 .   ? -0.288  2.841   -0.348  1.00 37.98 ? 300 GOL A C2  1 
HETATM 1202 O  O2  . GOL F 3 .   ? -1.073  3.457   0.649   1.00 37.54 ? 300 GOL A O2  1 
HETATM 1203 C  C3  . GOL F 3 .   ? 1.192   3.115   -0.094  1.00 38.23 ? 300 GOL A C3  1 
HETATM 1204 O  O3  . GOL F 3 .   ? 1.479   2.979   1.280   1.00 39.39 ? 300 GOL A O3  1 
HETATM 1205 O  O   . HOH G 4 .   ? 9.226   -7.906  16.334  1.00 15.83 ? 374 HOH A O   1 
HETATM 1206 O  O   . HOH G 4 .   ? -15.075 -5.797  -9.903  1.00 15.50 ? 375 HOH A O   1 
HETATM 1207 O  O   . HOH G 4 .   ? 14.838  -1.868  16.058  1.00 20.31 ? 376 HOH A O   1 
HETATM 1208 O  O   . HOH G 4 .   ? -14.906 -8.742  9.019   1.00 13.03 ? 377 HOH A O   1 
HETATM 1209 O  O   . HOH G 4 .   ? 11.703  9.892   10.781  1.00 15.42 ? 378 HOH A O   1 
HETATM 1210 O  O   . HOH G 4 .   ? -7.598  1.802   7.799   1.00 13.73 ? 379 HOH A O   1 
HETATM 1211 O  O   . HOH G 4 .   ? 18.914  6.446   2.356   1.00 9.30  ? 380 HOH A O   1 
HETATM 1212 O  O   . HOH G 4 .   ? 4.697   -20.987 0.769   1.00 12.26 ? 381 HOH A O   1 
HETATM 1213 O  O   . HOH G 4 .   ? 15.185  2.043   4.929   1.00 12.34 ? 382 HOH A O   1 
HETATM 1214 O  O   . HOH G 4 .   ? 8.247   -10.018 -7.738  1.00 8.41  ? 383 HOH A O   1 
HETATM 1215 O  O   . HOH G 4 .   ? 16.004  -1.210  -2.222  1.00 12.44 ? 384 HOH A O   1 
HETATM 1216 O  O   . HOH G 4 .   ? -8.885  -19.069 -0.518  1.00 25.67 ? 385 HOH A O   1 
HETATM 1217 O  O   . HOH G 4 .   ? -17.925 -3.121  -11.228 1.00 19.79 ? 386 HOH A O   1 
HETATM 1218 O  O   . HOH G 4 .   ? 12.684  4.418   -2.078  1.00 14.92 ? 387 HOH A O   1 
HETATM 1219 O  O   . HOH G 4 .   ? -16.937 0.233   -13.734 1.00 16.96 ? 388 HOH A O   1 
HETATM 1220 O  O   . HOH G 4 .   ? -15.020 -6.221  -0.488  1.00 18.98 ? 389 HOH A O   1 
HETATM 1221 O  O   . HOH G 4 .   ? 10.747  -8.066  -4.129  0.50 11.89 ? 390 HOH A O   1 
HETATM 1222 O  O   . HOH G 4 .   ? -3.072  -5.156  -17.166 1.00 22.67 ? 391 HOH A O   1 
HETATM 1223 O  O   . HOH G 4 .   ? 20.003  -1.169  10.471  1.00 34.33 ? 392 HOH A O   1 
HETATM 1224 O  O   . HOH G 4 .   ? 14.638  -9.003  2.293   0.50 22.11 ? 393 HOH A O   1 
HETATM 1225 O  O   . HOH G 4 .   ? -8.101  -1.268  -15.705 1.00 23.55 ? 394 HOH A O   1 
HETATM 1226 O  O   . HOH G 4 .   ? -13.390 -4.512  1.264   1.00 11.47 ? 395 HOH A O   1 
HETATM 1227 O  O   . HOH G 4 .   ? 11.883  -8.796  10.014  1.00 25.28 ? 396 HOH A O   1 
HETATM 1228 O  O   . HOH G 4 .   ? -20.674 -2.024  0.369   1.00 23.51 ? 397 HOH A O   1 
HETATM 1229 O  O   . HOH G 4 .   ? 11.119  -17.939 9.807   1.00 9.72  ? 398 HOH A O   1 
HETATM 1230 O  O   . HOH G 4 .   ? 18.956  -2.161  4.703   1.00 19.01 ? 399 HOH A O   1 
HETATM 1231 O  O   . HOH G 4 .   ? 3.407   14.591  1.809   1.00 39.30 ? 400 HOH A O   1 
HETATM 1232 O  O   . HOH G 4 .   ? 8.905   0.982   -5.873  1.00 30.87 ? 401 HOH A O   1 
HETATM 1233 O  O   . HOH G 4 .   ? 13.615  -12.716 1.176   1.00 13.74 ? 402 HOH A O   1 
HETATM 1234 O  O   . HOH G 4 .   ? -3.727  11.171  -12.405 1.00 34.33 ? 403 HOH A O   1 
HETATM 1235 O  O   . HOH G 4 .   ? -14.211 8.224   -7.590  1.00 23.78 ? 404 HOH A O   1 
HETATM 1236 O  O   . HOH G 4 .   ? 3.312   15.765  -8.942  1.00 35.30 ? 405 HOH A O   1 
HETATM 1237 O  O   . HOH G 4 .   ? 16.880  8.243   1.821   1.00 13.35 ? 406 HOH A O   1 
HETATM 1238 O  O   . HOH G 4 .   ? 5.662   13.918  -2.488  1.00 23.31 ? 407 HOH A O   1 
HETATM 1239 O  O   . HOH G 4 .   ? 3.894   17.434  -4.042  1.00 39.11 ? 408 HOH A O   1 
HETATM 1240 O  O   . HOH G 4 .   ? -14.138 -14.904 3.309   1.00 16.29 ? 409 HOH A O   1 
HETATM 1241 O  O   . HOH G 4 .   ? -4.551  5.952   -15.341 1.00 19.73 ? 410 HOH A O   1 
HETATM 1242 O  O   . HOH G 4 .   ? -10.391 13.089  -12.686 1.00 40.01 ? 411 HOH A O   1 
HETATM 1243 O  O   . HOH G 4 .   ? -13.743 -9.282  -0.332  1.00 14.81 ? 412 HOH A O   1 
HETATM 1244 O  O   . HOH G 4 .   ? -12.380 -7.798  -11.739 1.00 40.15 ? 413 HOH A O   1 
HETATM 1245 O  O   . HOH G 4 .   ? -13.339 -12.937 -2.763  1.00 26.23 ? 414 HOH A O   1 
HETATM 1246 O  O   . HOH G 4 .   ? 8.002   12.833  -3.773  1.00 21.34 ? 415 HOH A O   1 
HETATM 1247 O  O   . HOH G 4 .   ? -11.662 -12.390 6.153   1.00 22.65 ? 416 HOH A O   1 
HETATM 1248 O  O   . HOH G 4 .   ? -2.654  -6.521  -13.892 1.00 48.15 ? 417 HOH A O   1 
HETATM 1249 O  O   . HOH G 4 .   ? -10.401 1.666   8.699   1.00 22.24 ? 418 HOH A O   1 
HETATM 1250 O  O   . HOH G 4 .   ? 2.286   -17.298 0.355   1.00 21.44 ? 419 HOH A O   1 
HETATM 1251 O  O   . HOH G 4 .   ? 1.487   -6.861  -11.277 1.00 35.71 ? 420 HOH A O   1 
HETATM 1252 O  O   . HOH G 4 .   ? -6.964  1.385   14.327  1.00 41.14 ? 421 HOH A O   1 
HETATM 1253 O  O   . HOH G 4 .   ? -5.266  -12.881 8.259   1.00 24.87 ? 422 HOH A O   1 
HETATM 1254 O  O   . HOH G 4 .   ? 10.242  -17.917 12.295  1.00 35.23 ? 423 HOH A O   1 
HETATM 1255 O  O   . HOH G 4 .   ? 18.443  4.281   10.784  1.00 41.69 ? 424 HOH A O   1 
HETATM 1256 O  O   . HOH G 4 .   ? -3.202  -20.331 -2.391  1.00 22.27 ? 425 HOH A O   1 
HETATM 1257 O  O   . HOH G 4 .   ? 8.584   11.751  8.106   1.00 24.76 ? 426 HOH A O   1 
HETATM 1258 O  O   . HOH G 4 .   ? 13.423  3.441   -4.608  1.00 19.31 ? 427 HOH A O   1 
HETATM 1259 O  O   . HOH G 4 .   ? 11.930  11.722  5.821   1.00 24.22 ? 428 HOH A O   1 
HETATM 1260 O  O   . HOH G 4 .   ? 12.236  3.952   7.607   1.00 15.73 ? 429 HOH A O   1 
HETATM 1261 O  O   . HOH G 4 .   ? -16.432 -2.439  -13.227 1.00 16.48 ? 430 HOH A O   1 
HETATM 1262 O  O   . HOH G 4 .   ? 6.780   -1.125  -6.251  1.00 15.38 ? 431 HOH A O   1 
HETATM 1263 O  O   . HOH G 4 .   ? -13.862 9.626   -16.419 1.00 18.47 ? 432 HOH A O   1 
HETATM 1264 O  O   . HOH G 4 .   ? 12.330  1.429   -5.960  1.00 25.63 ? 433 HOH A O   1 
HETATM 1265 O  O   . HOH G 4 .   ? -12.031 11.106  -18.912 1.00 18.50 ? 434 HOH A O   1 
HETATM 1266 O  O   . HOH G 4 .   ? 7.134   14.056  -0.336  1.00 23.62 ? 435 HOH A O   1 
HETATM 1267 O  O   . HOH G 4 .   ? 13.814  4.947   -6.969  1.00 21.49 ? 436 HOH A O   1 
HETATM 1268 O  O   . HOH G 4 .   ? 15.972  -4.782  4.003   1.00 17.87 ? 437 HOH A O   1 
HETATM 1269 O  O   . HOH G 4 .   ? -17.506 0.422   -9.521  1.00 22.20 ? 438 HOH A O   1 
HETATM 1270 O  O   . HOH G 4 .   ? 21.956  3.461   8.742   1.00 17.80 ? 439 HOH A O   1 
HETATM 1271 O  O   . HOH G 4 .   ? 12.372  -5.876  12.135  1.00 30.64 ? 440 HOH A O   1 
HETATM 1272 O  O   . HOH G 4 .   ? 11.421  3.716   11.305  1.00 25.57 ? 441 HOH A O   1 
HETATM 1273 O  O   . HOH G 4 .   ? 6.465   -17.471 7.713   1.00 17.54 ? 442 HOH A O   1 
HETATM 1274 O  O   . HOH G 4 .   ? -9.433  9.439   11.159  1.00 40.05 ? 443 HOH A O   1 
HETATM 1275 O  O   . HOH G 4 .   ? 4.174   -18.674 2.166   1.00 21.24 ? 444 HOH A O   1 
HETATM 1276 O  O   . HOH G 4 .   ? 1.280   -13.040 -9.164  1.00 35.95 ? 445 HOH A O   1 
HETATM 1277 O  O   . HOH G 4 .   ? -10.008 11.429  -16.832 1.00 29.37 ? 446 HOH A O   1 
HETATM 1278 O  O   . HOH G 4 .   ? 4.082   -15.051 2.008   1.00 18.84 ? 447 HOH A O   1 
HETATM 1279 O  O   . HOH G 4 .   ? 2.676   -4.629  -15.016 1.00 45.03 ? 448 HOH A O   1 
HETATM 1280 O  O   . HOH G 4 .   ? -14.076 -1.674  -11.778 1.00 29.28 ? 449 HOH A O   1 
HETATM 1281 O  O   . HOH G 4 .   ? -2.040  6.599   -14.682 1.00 26.55 ? 450 HOH A O   1 
HETATM 1282 O  O   . HOH G 4 .   ? -12.134 -19.293 2.130   1.00 38.29 ? 451 HOH A O   1 
HETATM 1283 O  O   . HOH G 4 .   ? -0.733  -16.989 6.748   1.00 19.02 ? 452 HOH A O   1 
HETATM 1284 O  O   . HOH G 4 .   ? 2.837   -17.138 -7.055  1.00 6.41  ? 453 HOH A O   1 
HETATM 1285 O  O   . HOH G 4 .   ? 10.114  -20.275 11.192  1.00 53.85 ? 454 HOH A O   1 
HETATM 1286 O  O   . HOH G 4 .   ? 23.599  1.252   8.474   1.00 21.03 ? 455 HOH A O   1 
HETATM 1287 O  O   . HOH G 4 .   ? 12.180  2.658   -8.201  1.00 25.74 ? 456 HOH A O   1 
HETATM 1288 O  O   . HOH G 4 .   ? 9.522   2.418   12.755  1.00 22.26 ? 457 HOH A O   1 
HETATM 1289 O  O   . HOH G 4 .   ? 3.203   -5.852  17.251  1.00 39.68 ? 458 HOH A O   1 
HETATM 1290 O  O   . HOH G 4 .   ? -17.857 2.495   -7.622  1.00 19.87 ? 459 HOH A O   1 
HETATM 1291 O  O   . HOH G 4 .   ? 4.850   12.867  4.877   1.00 38.43 ? 460 HOH A O   1 
HETATM 1292 O  O   . HOH G 4 .   ? -15.158 5.964   -6.405  1.00 32.03 ? 461 HOH A O   1 
HETATM 1293 O  O   . HOH G 4 .   ? -1.409  16.826  -9.074  1.00 29.13 ? 462 HOH A O   1 
HETATM 1294 O  O   . HOH G 4 .   ? 0.796   -13.658 -6.594  1.00 36.40 ? 463 HOH A O   1 
HETATM 1295 O  O   . HOH G 4 .   ? 10.027  -12.581 11.315  1.00 31.31 ? 464 HOH A O   1 
HETATM 1296 O  O   . HOH G 4 .   ? -13.414 7.811   -10.255 1.00 27.88 ? 465 HOH A O   1 
HETATM 1297 O  O   . HOH G 4 .   ? 2.568   2.956   15.199  1.00 25.77 ? 466 HOH A O   1 
HETATM 1298 O  O   . HOH G 4 .   ? -5.831  15.706  3.199   1.00 35.93 ? 467 HOH A O   1 
HETATM 1299 O  O   . HOH G 4 .   ? -14.276 -0.035  11.321  1.00 32.79 ? 468 HOH A O   1 
HETATM 1300 O  O   . HOH G 4 .   ? 1.171   -6.535  15.579  1.00 28.03 ? 469 HOH A O   1 
HETATM 1301 O  O   . HOH G 4 .   ? -1.424  -12.878 -5.862  1.00 22.86 ? 470 HOH A O   1 
HETATM 1302 O  O   . HOH G 4 .   ? -0.623  6.381   -12.430 1.00 27.69 ? 471 HOH A O   1 
HETATM 1303 O  O   . HOH G 4 .   ? 0.220   2.649   -16.281 1.00 23.69 ? 472 HOH A O   1 
HETATM 1304 O  O   . HOH G 4 .   ? 4.031   7.913   -12.253 1.00 23.53 ? 473 HOH A O   1 
HETATM 1305 O  O   . HOH G 4 .   ? -2.737  -1.222  16.021  1.00 29.42 ? 474 HOH A O   1 
HETATM 1306 O  O   . HOH G 4 .   ? -13.735 2.787   -8.761  1.00 21.92 ? 475 HOH A O   1 
HETATM 1307 O  O   . HOH G 4 .   ? 16.251  10.394  3.364   1.00 18.37 ? 476 HOH A O   1 
HETATM 1308 O  O   . HOH G 4 .   ? -7.013  -17.398 -2.806  1.00 21.50 ? 477 HOH A O   1 
HETATM 1309 O  O   . HOH G 4 .   ? 4.781   -7.594  -8.720  1.00 22.14 ? 478 HOH A O   1 
HETATM 1310 O  O   . HOH G 4 .   ? -9.582  -2.270  8.608   1.00 23.82 ? 479 HOH A O   1 
HETATM 1311 O  O   . HOH G 4 .   ? -13.662 -18.574 0.044   1.00 23.18 ? 480 HOH A O   1 
HETATM 1312 O  O   . HOH G 4 .   ? 8.183   -1.198  16.283  1.00 28.10 ? 481 HOH A O   1 
HETATM 1313 O  O   . HOH G 4 .   ? 5.947   -19.677 6.136   1.00 22.85 ? 482 HOH A O   1 
HETATM 1314 O  O   . HOH G 4 .   ? 3.463   -17.008 -4.554  1.00 21.37 ? 483 HOH A O   1 
HETATM 1315 O  O   . HOH G 4 .   ? 9.412   -1.824  -6.386  1.00 17.94 ? 484 HOH A O   1 
HETATM 1316 O  O   . HOH G 4 .   ? -17.617 5.072   -8.057  1.00 25.61 ? 485 HOH A O   1 
HETATM 1317 O  O   . HOH G 4 .   ? 21.467  -1.584  5.574   1.00 28.35 ? 486 HOH A O   1 
HETATM 1318 O  O   . HOH G 4 .   ? 1.699   7.200   -13.490 1.00 29.86 ? 487 HOH A O   1 
HETATM 1319 O  O   . HOH G 4 .   ? -0.168  2.995   14.440  1.00 25.55 ? 488 HOH A O   1 
HETATM 1320 O  O   . HOH G 4 .   ? 5.592   -17.911 4.415   1.00 23.24 ? 489 HOH A O   1 
HETATM 1321 O  O   . HOH G 4 .   ? 15.653  0.865   7.456   1.00 19.70 ? 490 HOH A O   1 
HETATM 1322 O  O   . HOH G 4 .   ? 18.810  -4.547  3.375   1.00 25.85 ? 491 HOH A O   1 
HETATM 1323 O  O   . HOH G 4 .   ? -0.899  17.416  -5.032  1.00 29.26 ? 492 HOH A O   1 
HETATM 1324 O  O   . HOH G 4 .   ? 5.931   14.442  2.058   1.00 31.84 ? 493 HOH A O   1 
HETATM 1325 O  O   . HOH G 4 .   ? -15.330 -5.755  12.849  1.00 25.13 ? 494 HOH A O   1 
HETATM 1326 O  O   . HOH G 4 .   ? 0.290   17.326  3.831   1.00 45.16 ? 495 HOH A O   1 
HETATM 1327 O  O   . HOH G 4 .   ? -3.211  -13.355 -7.640  1.00 28.24 ? 496 HOH A O   1 
HETATM 1328 O  O   . HOH G 4 .   ? 3.456   -2.707  -10.376 1.00 24.53 ? 497 HOH A O   1 
HETATM 1329 O  O   . HOH G 4 .   ? -12.328 -4.790  10.141  1.00 18.63 ? 498 HOH A O   1 
HETATM 1330 O  O   . HOH G 4 .   ? -7.779  -21.632 0.098   1.00 28.59 ? 499 HOH A O   1 
HETATM 1331 O  O   . HOH G 4 .   ? -6.159  11.005  -13.570 1.00 32.21 ? 500 HOH A O   1 
HETATM 1332 O  O   . HOH G 4 .   ? 2.094   -9.339  15.426  1.00 30.23 ? 501 HOH A O   1 
HETATM 1333 O  O   . HOH G 4 .   ? 10.064  12.450  -2.079  1.00 29.91 ? 502 HOH A O   1 
HETATM 1334 O  O   . HOH G 4 .   ? 12.969  11.129  8.586   1.00 37.46 ? 503 HOH A O   1 
HETATM 1335 O  O   . HOH G 4 .   ? 14.003  7.622   -7.465  1.00 29.38 ? 504 HOH A O   1 
HETATM 1336 O  O   . HOH G 4 .   ? 2.829   14.556  4.739   1.00 33.24 ? 505 HOH A O   1 
HETATM 1337 O  O   . HOH G 4 .   ? -17.515 -6.909  -10.622 1.00 31.49 ? 506 HOH A O   1 
HETATM 1338 O  O   . HOH G 4 .   ? 8.286   -3.591  17.753  1.00 29.23 ? 507 HOH A O   1 
HETATM 1339 O  O   . HOH G 4 .   ? -10.010 -12.541 -6.079  1.00 35.48 ? 508 HOH A O   1 
HETATM 1340 O  O   . HOH G 4 .   ? 8.470   12.489  -8.363  1.00 43.48 ? 509 HOH A O   1 
HETATM 1341 O  O   . HOH G 4 .   ? -12.842 -18.277 5.184   1.00 25.99 ? 510 HOH A O   1 
HETATM 1342 O  O   . HOH G 4 .   ? 3.701   -5.262  -11.102 1.00 34.78 ? 511 HOH A O   1 
HETATM 1343 O  O   . HOH G 4 .   ? -12.085 5.004   5.353   1.00 32.71 ? 512 HOH A O   1 
HETATM 1344 O  O   . HOH G 4 .   ? -14.845 1.870   9.602   1.00 29.03 ? 513 HOH A O   1 
HETATM 1345 O  O   . HOH G 4 .   ? -2.939  -12.507 6.919   1.00 37.72 ? 514 HOH A O   1 
HETATM 1346 O  O   . HOH G 4 .   ? -13.205 10.095  -0.542  1.00 45.23 ? 515 HOH A O   1 
HETATM 1347 O  O   . HOH G 4 .   ? -5.150  -10.532 -12.395 1.00 38.84 ? 516 HOH A O   1 
HETATM 1348 O  O   . HOH G 4 .   ? -13.686 -2.513  11.726  1.00 33.49 ? 517 HOH A O   1 
HETATM 1349 O  O   . HOH G 4 .   ? 12.544  -11.660 9.433   1.00 40.82 ? 518 HOH A O   1 
HETATM 1350 O  O   . HOH G 4 .   ? 11.299  -10.309 12.369  1.00 44.17 ? 519 HOH A O   1 
HETATM 1351 O  O   . HOH G 4 .   ? 8.869   0.492   -8.749  1.00 38.98 ? 520 HOH A O   1 
HETATM 1352 O  O   . HOH G 4 .   ? -1.513  -6.433  15.695  1.00 34.24 ? 521 HOH A O   1 
HETATM 1353 O  O   . HOH G 4 .   ? 5.854   13.243  7.380   1.00 48.37 ? 522 HOH A O   1 
HETATM 1354 O  O   . HOH G 4 .   ? -5.457  14.271  14.441  1.00 41.46 ? 523 HOH A O   1 
HETATM 1355 O  O   . HOH G 4 .   ? 11.995  6.518   -8.809  1.00 38.78 ? 524 HOH A O   1 
HETATM 1356 O  O   . HOH G 4 .   ? -12.410 -9.175  -7.436  1.00 35.97 ? 525 HOH A O   1 
HETATM 1357 O  O   . HOH G 4 .   ? 5.476   -4.367  -7.599  1.00 8.59  ? 526 HOH A O   1 
HETATM 1358 O  O   . HOH G 4 .   ? 7.636   -16.915 13.344  1.00 46.26 ? 527 HOH A O   1 
HETATM 1359 O  O   . HOH G 4 .   ? -4.348  -17.753 -3.818  1.00 32.31 ? 528 HOH A O   1 
HETATM 1360 O  O   . HOH G 4 .   ? -16.007 2.778   7.377   1.00 21.66 ? 529 HOH A O   1 
HETATM 1361 O  O   . HOH G 4 .   ? 7.210   -12.503 -9.939  1.00 20.28 ? 530 HOH A O   1 
HETATM 1362 O  O   . HOH G 4 .   ? -13.872 8.383   -13.193 1.00 30.58 ? 531 HOH A O   1 
HETATM 1363 O  O   . HOH G 4 .   ? -2.854  -16.508 -5.709  1.00 29.99 ? 532 HOH A O   1 
HETATM 1364 O  O   . HOH G 4 .   ? -0.703  17.430  6.251   1.00 37.96 ? 533 HOH A O   1 
HETATM 1365 O  O   . HOH G 4 .   ? -1.421  16.467  2.008   1.00 42.98 ? 534 HOH A O   1 
HETATM 1366 O  O   . HOH G 4 .   ? -2.545  18.413  -2.834  1.00 40.54 ? 535 HOH A O   1 
HETATM 1367 O  O   . HOH G 4 .   ? -14.768 5.145   6.553   1.00 33.53 ? 536 HOH A O   1 
HETATM 1368 O  O   . HOH G 4 .   ? -10.358 3.887   7.506   1.00 33.36 ? 537 HOH A O   1 
HETATM 1369 O  O   . HOH G 4 .   ? 16.250  -2.184  14.076  1.00 51.49 ? 538 HOH A O   1 
HETATM 1370 O  O   . HOH G 4 .   ? 12.132  9.477   -7.961  1.00 32.83 ? 539 HOH A O   1 
HETATM 1371 O  O   . HOH G 4 .   ? 1.816   17.702  -6.014  1.00 44.52 ? 540 HOH A O   1 
HETATM 1372 O  O   . HOH G 4 .   ? -16.829 -0.018  -16.685 1.00 34.42 ? 541 HOH A O   1 
HETATM 1373 O  O   . HOH G 4 .   ? -14.358 0.548   -10.359 1.00 26.14 ? 542 HOH A O   1 
HETATM 1374 O  O   . HOH G 4 .   ? -9.020  -16.684 -4.608  1.00 41.66 ? 543 HOH A O   1 
HETATM 1375 O  O   . HOH G 4 .   ? -16.398 6.268   4.711   1.00 25.68 ? 544 HOH A O   1 
HETATM 1376 O  O   . HOH G 4 .   ? 16.735  6.244   -4.750  1.00 16.17 ? 545 HOH A O   1 
HETATM 1377 O  O   . HOH G 4 .   ? -16.155 -7.418  -12.903 1.00 44.82 ? 546 HOH A O   1 
HETATM 1378 O  O   . HOH G 4 .   ? 15.307  -6.645  5.849   1.00 29.89 ? 547 HOH A O   1 
HETATM 1379 O  O   . HOH G 4 .   ? 2.960   -20.482 -3.773  1.00 11.35 ? 548 HOH A O   1 
HETATM 1380 O  O   . HOH G 4 .   ? 7.508   3.744   -17.943 1.00 38.17 ? 549 HOH A O   1 
HETATM 1381 O  O   . HOH G 4 .   ? -10.518 11.051  9.321   1.00 29.01 ? 550 HOH A O   1 
HETATM 1382 O  O   . HOH G 4 .   ? -13.159 -16.252 0.716   1.00 25.13 ? 551 HOH A O   1 
HETATM 1383 O  O   . HOH G 4 .   ? -15.950 -3.090  13.086  1.00 26.05 ? 552 HOH A O   1 
HETATM 1384 O  O   . HOH G 4 .   ? 10.793  -12.199 4.729   1.00 26.65 ? 553 HOH A O   1 
HETATM 1385 O  O   . HOH G 4 .   ? 23.216  0.178   6.155   1.00 36.76 ? 554 HOH A O   1 
HETATM 1386 O  O   . HOH G 4 .   ? 12.320  13.443  -3.265  1.00 29.56 ? 555 HOH A O   1 
HETATM 1387 O  O   . HOH G 4 .   ? -2.609  -13.188 9.405   1.00 35.91 ? 556 HOH A O   1 
HETATM 1388 O  O   . HOH G 4 .   ? -11.105 0.869   -16.602 1.00 41.00 ? 557 HOH A O   1 
HETATM 1389 O  O   . HOH G 4 .   ? -9.600  -14.577 -7.851  1.00 50.37 ? 558 HOH A O   1 
HETATM 1390 O  O   . HOH G 4 .   ? 8.966   15.139  -5.022  1.00 42.92 ? 559 HOH A O   1 
HETATM 1391 O  O   . HOH G 4 .   ? -6.395  12.101  24.194  1.00 44.12 ? 560 HOH A O   1 
HETATM 1392 O  O   . HOH G 4 .   ? -2.532  0.597   -28.622 1.00 46.63 ? 561 HOH A O   1 
HETATM 1393 O  O   . HOH G 4 .   ? -2.141  19.562  -6.498  1.00 36.61 ? 562 HOH A O   1 
HETATM 1394 O  O   . HOH G 4 .   ? -13.478 -7.141  16.535  1.00 42.30 ? 563 HOH A O   1 
HETATM 1395 O  O   . HOH G 4 .   ? 15.018  4.170   11.538  1.00 31.59 ? 564 HOH A O   1 
HETATM 1396 O  O   . HOH G 4 .   ? -6.685  16.705  5.555   1.00 51.06 ? 565 HOH A O   1 
HETATM 1397 O  O   . HOH G 4 .   ? -3.279  -2.836  -16.085 1.00 27.58 ? 566 HOH A O   1 
HETATM 1398 O  O   . HOH G 4 .   ? 17.556  2.652   8.239   1.00 25.51 ? 567 HOH A O   1 
HETATM 1399 O  O   . HOH G 4 .   ? -0.683  1.783   5.071   1.00 12.53 ? 568 HOH A O   1 
# 
loop_
_pdbx_poly_seq_scheme.asym_id 
_pdbx_poly_seq_scheme.entity_id 
_pdbx_poly_seq_scheme.seq_id 
_pdbx_poly_seq_scheme.mon_id 
_pdbx_poly_seq_scheme.ndb_seq_num 
_pdbx_poly_seq_scheme.pdb_seq_num 
_pdbx_poly_seq_scheme.auth_seq_num 
_pdbx_poly_seq_scheme.pdb_mon_id 
_pdbx_poly_seq_scheme.auth_mon_id 
_pdbx_poly_seq_scheme.pdb_strand_id 
_pdbx_poly_seq_scheme.pdb_ins_code 
_pdbx_poly_seq_scheme.hetero 
A 1 1   MET 1   -11 ?   ?   ?   A . n 
A 1 2   ARG 2   -10 ?   ?   ?   A . n 
A 1 3   GLY 3   -9  ?   ?   ?   A . n 
A 1 4   SER 4   -8  ?   ?   ?   A . n 
A 1 5   HIS 5   -7  ?   ?   ?   A . n 
A 1 6   HIS 6   -6  ?   ?   ?   A . n 
A 1 7   HIS 7   -5  ?   ?   ?   A . n 
A 1 8   HIS 8   -4  ?   ?   ?   A . n 
A 1 9   HIS 9   -3  ?   ?   ?   A . n 
A 1 10  HIS 10  -2  ?   ?   ?   A . n 
A 1 11  GLY 11  -1  ?   ?   ?   A . n 
A 1 12  SER 12  0   ?   ?   ?   A . n 
A 1 13  GLU 13  1   1   GLU GLU A . n 
A 1 14  GLU 14  2   2   GLU GLU A . n 
A 1 15  ALA 15  3   3   ALA ALA A . n 
A 1 16  SER 16  4   4   SER SER A . n 
A 1 17  SER 17  5   5   SER SER A . n 
A 1 18  THR 18  6   6   THR THR A . n 
A 1 19  GLY 19  7   7   GLY GLY A . n 
A 1 20  ARG 20  8   8   ARG ARG A . n 
A 1 21  ASN 21  9   9   ASN ASN A . n 
A 1 22  PHE 22  10  10  PHE PHE A . n 
A 1 23  ASN 23  11  11  ASN ASN A . n 
A 1 24  VAL 24  12  12  VAL VAL A . n 
A 1 25  GLU 25  13  13  GLU GLU A . n 
A 1 26  LYS 26  14  14  LYS LYS A . n 
A 1 27  ILE 27  15  15  ILE ILE A . n 
A 1 28  ASN 28  16  16  ASN ASN A . n 
A 1 29  GLY 29  17  17  GLY GLY A . n 
A 1 30  GLU 30  18  18  GLU GLU A . n 
A 1 31  TRP 31  19  19  TRP TRP A . n 
A 1 32  HIS 32  20  20  HIS HIS A . n 
A 1 33  THR 33  21  21  THR THR A . n 
A 1 34  ILE 34  22  22  ILE ILE A . n 
A 1 35  ILE 35  23  23  ILE ILE A . n 
A 1 36  LEU 36  24  24  LEU LEU A . n 
A 1 37  ALA 37  25  25  ALA ALA A . n 
A 1 38  SER 38  26  26  SER SER A . n 
A 1 39  ASP 39  27  27  ASP ASP A . n 
A 1 40  LYS 40  28  28  LYS LYS A . n 
A 1 41  ARG 41  29  29  ARG ARG A . n 
A 1 42  GLU 42  30  30  GLU GLU A . n 
A 1 43  LYS 43  31  31  LYS LYS A . n 
A 1 44  ILE 44  32  32  ILE ILE A . n 
A 1 45  GLU 45  33  33  GLU GLU A . n 
A 1 46  ASP 46  34  34  ASP ASP A . n 
A 1 47  ASN 47  35  35  ASN ASN A . n 
A 1 48  GLY 48  36  36  GLY GLY A . n 
A 1 49  ASN 49  37  37  ASN ASN A . n 
A 1 50  PHE 50  38  38  PHE PHE A . n 
A 1 51  ARG 51  39  39  ARG ARG A . n 
A 1 52  LEU 52  40  40  LEU LEU A . n 
A 1 53  PHE 53  41  41  PHE PHE A . n 
A 1 54  LEU 54  42  42  LEU LEU A . n 
A 1 55  GLU 55  43  43  GLU GLU A . n 
A 1 56  GLN 56  44  44  GLN GLN A . n 
A 1 57  ILE 57  45  45  ILE ILE A . n 
A 1 58  HIS 58  46  46  HIS HIS A . n 
A 1 59  VAL 59  47  47  VAL VAL A . n 
A 1 60  LEU 60  48  48  LEU LEU A . n 
A 1 61  GLU 61  49  49  GLU GLU A . n 
A 1 62  LYS 62  50  50  LYS LYS A . n 
A 1 63  SER 63  51  51  SER SER A . n 
A 1 64  LEU 64  52  52  LEU LEU A . n 
A 1 65  VAL 65  53  53  VAL VAL A . n 
A 1 66  LEU 66  54  54  LEU LEU A . n 
A 1 67  LYS 67  55  55  LYS LYS A . n 
A 1 68  PHE 68  56  56  PHE PHE A . n 
A 1 69  HIS 69  57  57  HIS HIS A . n 
A 1 70  GLY 70  58  58  GLY GLY A . n 
A 1 71  ARG 71  59  ?   ?   ?   A . n 
A 1 72  VAL 72  60  ?   ?   ?   A . n 
A 1 73  ARG 73  61  ?   ?   ?   A . n 
A 1 74  LEU 74  62  ?   ?   ?   A . n 
A 1 75  LEU 75  63  ?   ?   ?   A . n 
A 1 76  ASN 76  64  ?   ?   ?   A . n 
A 1 77  ASN 77  65  ?   ?   ?   A . n 
A 1 78  TRP 78  66  ?   ?   ?   A . n 
A 1 79  ASP 79  67  ?   ?   ?   A . n 
A 1 80  CYS 80  68  ?   ?   ?   A . n 
A 1 81  SER 81  69  69  SER SER A . n 
A 1 82  GLU 82  70  70  GLU GLU A . n 
A 1 83  LEU 83  71  71  LEU LEU A . n 
A 1 84  SER 84  72  72  SER SER A . n 
A 1 85  MET 85  73  73  MET MET A . n 
A 1 86  VAL 86  74  74  VAL VAL A . n 
A 1 87  ALA 87  75  75  ALA ALA A . n 
A 1 88  ASP 88  76  76  ASP ASP A . n 
A 1 89  LYS 89  77  77  LYS LYS A . n 
A 1 90  THR 90  78  78  THR THR A . n 
A 1 91  GLU 91  79  79  GLU GLU A . n 
A 1 92  LYS 92  80  80  LYS LYS A . n 
A 1 93  ALA 93  81  81  ALA ALA A . n 
A 1 94  GLY 94  82  82  GLY GLY A . n 
A 1 95  GLU 95  83  83  GLU GLU A . n 
A 1 96  TYR 96  84  84  TYR TYR A . n 
A 1 97  SER 97  85  85  SER SER A . n 
A 1 98  VAL 98  86  86  VAL VAL A . n 
A 1 99  THR 99  87  87  THR THR A . n 
A 1 100 TYR 100 88  88  TYR TYR A . n 
A 1 101 ASP 101 89  89  ASP ASP A . n 
A 1 102 GLY 102 90  90  GLY GLY A . n 
A 1 103 PHE 103 91  91  PHE PHE A . n 
A 1 104 ASN 104 92  92  ASN ASN A . n 
A 1 105 THR 105 93  93  THR THR A . n 
A 1 106 PHE 106 94  94  PHE PHE A . n 
A 1 107 THR 107 95  95  THR THR A . n 
A 1 108 ILE 108 96  96  ILE ILE A . n 
A 1 109 PRO 109 97  97  PRO PRO A . n 
A 1 110 LYS 110 98  98  LYS LYS A . n 
A 1 111 THR 111 99  99  THR THR A . n 
A 1 112 ASP 112 100 100 ASP ASP A . n 
A 1 113 TYR 113 101 101 TYR TYR A . n 
A 1 114 ASP 114 102 102 ASP ASP A . n 
A 1 115 ASN 115 103 103 ASN ASN A . n 
A 1 116 PHE 116 104 104 PHE PHE A . n 
A 1 117 LEU 117 105 105 LEU LEU A . n 
A 1 118 MET 118 106 106 MET MET A . n 
A 1 119 ALA 119 107 107 ALA ALA A . n 
A 1 120 HIS 120 108 108 HIS HIS A . n 
A 1 121 LEU 121 109 109 LEU LEU A . n 
A 1 122 ILE 122 110 110 ILE ILE A . n 
A 1 123 ASN 123 111 111 ASN ASN A . n 
A 1 124 GLU 124 112 112 GLU GLU A . n 
A 1 125 LYS 125 113 113 LYS LYS A . n 
A 1 126 ASP 126 114 114 ASP ASP A . n 
A 1 127 GLY 127 115 115 GLY GLY A . n 
A 1 128 GLU 128 116 116 GLU GLU A . n 
A 1 129 THR 129 117 117 THR THR A . n 
A 1 130 PHE 130 118 118 PHE PHE A . n 
A 1 131 GLN 131 119 119 GLN GLN A . n 
A 1 132 LEU 132 120 120 LEU LEU A . n 
A 1 133 MET 133 121 121 MET MET A . n 
A 1 134 GLY 134 122 122 GLY GLY A . n 
A 1 135 LEU 135 123 123 LEU LEU A . n 
A 1 136 TYR 136 124 124 TYR TYR A . n 
A 1 137 GLY 137 125 125 GLY GLY A . n 
A 1 138 ARG 138 126 126 ARG ARG A . n 
A 1 139 GLU 139 127 127 GLU GLU A . n 
A 1 140 PRO 140 128 128 PRO PRO A . n 
A 1 141 ASP 141 129 129 ASP ASP A . n 
A 1 142 LEU 142 130 130 LEU LEU A . n 
A 1 143 SER 143 131 131 SER SER A . n 
A 1 144 SER 144 132 132 SER SER A . n 
A 1 145 ASP 145 133 133 ASP ASP A . n 
A 1 146 ILE 146 134 134 ILE ILE A . n 
A 1 147 LYS 147 135 135 LYS LYS A . n 
A 1 148 GLU 148 136 136 GLU GLU A . n 
A 1 149 ARG 149 137 137 ARG ARG A . n 
A 1 150 PHE 150 138 138 PHE PHE A . n 
A 1 151 ALA 151 139 139 ALA ALA A . n 
A 1 152 GLN 152 140 140 GLN GLN A . n 
A 1 153 LEU 153 141 141 LEU LEU A . n 
A 1 154 CYS 154 142 142 CYS CYS A . n 
A 1 155 GLU 155 143 143 GLU GLU A . n 
A 1 156 GLU 156 144 144 GLU GLU A . n 
A 1 157 HIS 157 145 145 HIS HIS A . n 
A 1 158 GLY 158 146 146 GLY GLY A . n 
A 1 159 ILE 159 147 147 ILE ILE A . n 
A 1 160 LEU 160 148 148 LEU LEU A . n 
A 1 161 ARG 161 149 149 ARG ARG A . n 
A 1 162 GLU 162 150 150 GLU GLU A . n 
A 1 163 ASN 163 151 151 ASN ASN A . n 
A 1 164 ILE 164 152 152 ILE ILE A . n 
A 1 165 ILE 165 153 153 ILE ILE A . n 
A 1 166 ASP 166 154 154 ASP ASP A . n 
A 1 167 LEU 167 155 155 LEU LEU A . n 
A 1 168 SER 168 156 156 SER SER A . n 
A 1 169 ASN 169 157 157 ASN ASN A . n 
A 1 170 ALA 170 158 158 ALA ALA A . n 
A 1 171 ASN 171 159 ?   ?   ?   A . n 
A 1 172 ARG 172 160 ?   ?   ?   A . n 
A 1 173 CYS 173 161 ?   ?   ?   A . n 
A 1 174 LEU 174 162 ?   ?   ?   A . n 
A 1 175 GLN 175 163 ?   ?   ?   A . n 
A 1 176 ALA 176 164 ?   ?   ?   A . n 
A 1 177 ARG 177 165 ?   ?   ?   A . n 
A 1 178 GLU 178 166 ?   ?   ?   A . n 
# 
loop_
_pdbx_nonpoly_scheme.asym_id 
_pdbx_nonpoly_scheme.entity_id 
_pdbx_nonpoly_scheme.mon_id 
_pdbx_nonpoly_scheme.ndb_seq_num 
_pdbx_nonpoly_scheme.pdb_seq_num 
_pdbx_nonpoly_scheme.auth_seq_num 
_pdbx_nonpoly_scheme.pdb_mon_id 
_pdbx_nonpoly_scheme.auth_mon_id 
_pdbx_nonpoly_scheme.pdb_strand_id 
_pdbx_nonpoly_scheme.pdb_ins_code 
B 2 CD  1   167 7   CD  CD  A . 
C 2 CD  1   200 200 CD  CD  A . 
D 2 CD  1   201 201 CD  CD  A . 
E 2 CD  1   373 373 CD  CD  A . 
F 3 GOL 1   300 300 GOL GOL A . 
G 4 HOH 1   374 1   HOH HOH A . 
G 4 HOH 2   375 2   HOH HOH A . 
G 4 HOH 3   376 3   HOH HOH A . 
G 4 HOH 4   377 4   HOH HOH A . 
G 4 HOH 5   378 5   HOH HOH A . 
G 4 HOH 6   379 6   HOH HOH A . 
G 4 HOH 7   380 8   HOH HOH A . 
G 4 HOH 8   381 10  HOH HOH A . 
G 4 HOH 9   382 11  HOH HOH A . 
G 4 HOH 10  383 12  HOH HOH A . 
G 4 HOH 11  384 13  HOH HOH A . 
G 4 HOH 12  385 15  HOH HOH A . 
G 4 HOH 13  386 16  HOH HOH A . 
G 4 HOH 14  387 17  HOH HOH A . 
G 4 HOH 15  388 18  HOH HOH A . 
G 4 HOH 16  389 19  HOH HOH A . 
G 4 HOH 17  390 20  HOH HOH A . 
G 4 HOH 18  391 21  HOH HOH A . 
G 4 HOH 19  392 22  HOH HOH A . 
G 4 HOH 20  393 23  HOH HOH A . 
G 4 HOH 21  394 24  HOH HOH A . 
G 4 HOH 22  395 25  HOH HOH A . 
G 4 HOH 23  396 26  HOH HOH A . 
G 4 HOH 24  397 27  HOH HOH A . 
G 4 HOH 25  398 28  HOH HOH A . 
G 4 HOH 26  399 29  HOH HOH A . 
G 4 HOH 27  400 30  HOH HOH A . 
G 4 HOH 28  401 31  HOH HOH A . 
G 4 HOH 29  402 32  HOH HOH A . 
G 4 HOH 30  403 33  HOH HOH A . 
G 4 HOH 31  404 34  HOH HOH A . 
G 4 HOH 32  405 35  HOH HOH A . 
G 4 HOH 33  406 36  HOH HOH A . 
G 4 HOH 34  407 37  HOH HOH A . 
G 4 HOH 35  408 38  HOH HOH A . 
G 4 HOH 36  409 39  HOH HOH A . 
G 4 HOH 37  410 41  HOH HOH A . 
G 4 HOH 38  411 42  HOH HOH A . 
G 4 HOH 39  412 43  HOH HOH A . 
G 4 HOH 40  413 45  HOH HOH A . 
G 4 HOH 41  414 46  HOH HOH A . 
G 4 HOH 42  415 47  HOH HOH A . 
G 4 HOH 43  416 49  HOH HOH A . 
G 4 HOH 44  417 50  HOH HOH A . 
G 4 HOH 45  418 51  HOH HOH A . 
G 4 HOH 46  419 52  HOH HOH A . 
G 4 HOH 47  420 53  HOH HOH A . 
G 4 HOH 48  421 54  HOH HOH A . 
G 4 HOH 49  422 55  HOH HOH A . 
G 4 HOH 50  423 56  HOH HOH A . 
G 4 HOH 51  424 57  HOH HOH A . 
G 4 HOH 52  425 58  HOH HOH A . 
G 4 HOH 53  426 60  HOH HOH A . 
G 4 HOH 54  427 61  HOH HOH A . 
G 4 HOH 55  428 63  HOH HOH A . 
G 4 HOH 56  429 65  HOH HOH A . 
G 4 HOH 57  430 66  HOH HOH A . 
G 4 HOH 58  431 67  HOH HOH A . 
G 4 HOH 59  432 68  HOH HOH A . 
G 4 HOH 60  433 69  HOH HOH A . 
G 4 HOH 61  434 70  HOH HOH A . 
G 4 HOH 62  435 71  HOH HOH A . 
G 4 HOH 63  436 72  HOH HOH A . 
G 4 HOH 64  437 73  HOH HOH A . 
G 4 HOH 65  438 74  HOH HOH A . 
G 4 HOH 66  439 76  HOH HOH A . 
G 4 HOH 67  440 77  HOH HOH A . 
G 4 HOH 68  441 78  HOH HOH A . 
G 4 HOH 69  442 79  HOH HOH A . 
G 4 HOH 70  443 81  HOH HOH A . 
G 4 HOH 71  444 83  HOH HOH A . 
G 4 HOH 72  445 84  HOH HOH A . 
G 4 HOH 73  446 85  HOH HOH A . 
G 4 HOH 74  447 86  HOH HOH A . 
G 4 HOH 75  448 87  HOH HOH A . 
G 4 HOH 76  449 88  HOH HOH A . 
G 4 HOH 77  450 89  HOH HOH A . 
G 4 HOH 78  451 91  HOH HOH A . 
G 4 HOH 79  452 92  HOH HOH A . 
G 4 HOH 80  453 93  HOH HOH A . 
G 4 HOH 81  454 94  HOH HOH A . 
G 4 HOH 82  455 95  HOH HOH A . 
G 4 HOH 83  456 96  HOH HOH A . 
G 4 HOH 84  457 97  HOH HOH A . 
G 4 HOH 85  458 98  HOH HOH A . 
G 4 HOH 86  459 99  HOH HOH A . 
G 4 HOH 87  460 100 HOH HOH A . 
G 4 HOH 88  461 101 HOH HOH A . 
G 4 HOH 89  462 102 HOH HOH A . 
G 4 HOH 90  463 103 HOH HOH A . 
G 4 HOH 91  464 104 HOH HOH A . 
G 4 HOH 92  465 105 HOH HOH A . 
G 4 HOH 93  466 107 HOH HOH A . 
G 4 HOH 94  467 108 HOH HOH A . 
G 4 HOH 95  468 110 HOH HOH A . 
G 4 HOH 96  469 111 HOH HOH A . 
G 4 HOH 97  470 112 HOH HOH A . 
G 4 HOH 98  471 113 HOH HOH A . 
G 4 HOH 99  472 114 HOH HOH A . 
G 4 HOH 100 473 115 HOH HOH A . 
G 4 HOH 101 474 116 HOH HOH A . 
G 4 HOH 102 475 301 HOH HOH A . 
G 4 HOH 103 476 302 HOH HOH A . 
G 4 HOH 104 477 303 HOH HOH A . 
G 4 HOH 105 478 304 HOH HOH A . 
G 4 HOH 106 479 305 HOH HOH A . 
G 4 HOH 107 480 306 HOH HOH A . 
G 4 HOH 108 481 307 HOH HOH A . 
G 4 HOH 109 482 308 HOH HOH A . 
G 4 HOH 110 483 309 HOH HOH A . 
G 4 HOH 111 484 311 HOH HOH A . 
G 4 HOH 112 485 312 HOH HOH A . 
G 4 HOH 113 486 313 HOH HOH A . 
G 4 HOH 114 487 314 HOH HOH A . 
G 4 HOH 115 488 315 HOH HOH A . 
G 4 HOH 116 489 316 HOH HOH A . 
G 4 HOH 117 490 317 HOH HOH A . 
G 4 HOH 118 491 318 HOH HOH A . 
G 4 HOH 119 492 321 HOH HOH A . 
G 4 HOH 120 493 322 HOH HOH A . 
G 4 HOH 121 494 324 HOH HOH A . 
G 4 HOH 122 495 325 HOH HOH A . 
G 4 HOH 123 496 326 HOH HOH A . 
G 4 HOH 124 497 327 HOH HOH A . 
G 4 HOH 125 498 328 HOH HOH A . 
G 4 HOH 126 499 330 HOH HOH A . 
G 4 HOH 127 500 331 HOH HOH A . 
G 4 HOH 128 501 332 HOH HOH A . 
G 4 HOH 129 502 334 HOH HOH A . 
G 4 HOH 130 503 335 HOH HOH A . 
G 4 HOH 131 504 336 HOH HOH A . 
G 4 HOH 132 505 337 HOH HOH A . 
G 4 HOH 133 506 340 HOH HOH A . 
G 4 HOH 134 507 342 HOH HOH A . 
G 4 HOH 135 508 343 HOH HOH A . 
G 4 HOH 136 509 344 HOH HOH A . 
G 4 HOH 137 510 345 HOH HOH A . 
G 4 HOH 138 511 347 HOH HOH A . 
G 4 HOH 139 512 348 HOH HOH A . 
G 4 HOH 140 513 350 HOH HOH A . 
G 4 HOH 141 514 351 HOH HOH A . 
G 4 HOH 142 515 353 HOH HOH A . 
G 4 HOH 143 516 354 HOH HOH A . 
G 4 HOH 144 517 355 HOH HOH A . 
G 4 HOH 145 518 356 HOH HOH A . 
G 4 HOH 146 519 357 HOH HOH A . 
G 4 HOH 147 520 358 HOH HOH A . 
G 4 HOH 148 521 363 HOH HOH A . 
G 4 HOH 149 522 364 HOH HOH A . 
G 4 HOH 150 523 365 HOH HOH A . 
G 4 HOH 151 524 366 HOH HOH A . 
G 4 HOH 152 525 368 HOH HOH A . 
G 4 HOH 153 526 371 HOH HOH A . 
G 4 HOH 154 527 372 HOH HOH A . 
G 4 HOH 155 528 374 HOH HOH A . 
G 4 HOH 156 529 375 HOH HOH A . 
G 4 HOH 157 530 376 HOH HOH A . 
G 4 HOH 158 531 377 HOH HOH A . 
G 4 HOH 159 532 380 HOH HOH A . 
G 4 HOH 160 533 381 HOH HOH A . 
G 4 HOH 161 534 383 HOH HOH A . 
G 4 HOH 162 535 384 HOH HOH A . 
G 4 HOH 163 536 385 HOH HOH A . 
G 4 HOH 164 537 386 HOH HOH A . 
G 4 HOH 165 538 389 HOH HOH A . 
G 4 HOH 166 539 397 HOH HOH A . 
G 4 HOH 167 540 398 HOH HOH A . 
G 4 HOH 168 541 400 HOH HOH A . 
G 4 HOH 169 542 401 HOH HOH A . 
G 4 HOH 170 543 406 HOH HOH A . 
G 4 HOH 171 544 408 HOH HOH A . 
G 4 HOH 172 545 411 HOH HOH A . 
G 4 HOH 173 546 418 HOH HOH A . 
G 4 HOH 174 547 419 HOH HOH A . 
G 4 HOH 175 548 422 HOH HOH A . 
G 4 HOH 176 549 424 HOH HOH A . 
G 4 HOH 177 550 425 HOH HOH A . 
G 4 HOH 178 551 426 HOH HOH A . 
G 4 HOH 179 552 427 HOH HOH A . 
G 4 HOH 180 553 428 HOH HOH A . 
G 4 HOH 181 554 430 HOH HOH A . 
G 4 HOH 182 555 433 HOH HOH A . 
G 4 HOH 183 556 434 HOH HOH A . 
G 4 HOH 184 557 435 HOH HOH A . 
G 4 HOH 185 558 436 HOH HOH A . 
G 4 HOH 186 559 437 HOH HOH A . 
G 4 HOH 187 560 438 HOH HOH A . 
G 4 HOH 188 561 440 HOH HOH A . 
G 4 HOH 189 562 441 HOH HOH A . 
G 4 HOH 190 563 443 HOH HOH A . 
G 4 HOH 191 564 444 HOH HOH A . 
G 4 HOH 192 565 445 HOH HOH A . 
G 4 HOH 193 566 447 HOH HOH A . 
G 4 HOH 194 567 448 HOH HOH A . 
G 4 HOH 195 568 450 HOH HOH A . 
# 
_pdbx_struct_assembly.id                   1 
_pdbx_struct_assembly.details              author_defined_assembly 
_pdbx_struct_assembly.method_details       ? 
_pdbx_struct_assembly.oligomeric_details   monomeric 
_pdbx_struct_assembly.oligomeric_count     1 
# 
_pdbx_struct_assembly_gen.assembly_id       1 
_pdbx_struct_assembly_gen.oper_expression   1 
_pdbx_struct_assembly_gen.asym_id_list      A,B,C,D,E,F,G 
# 
_pdbx_struct_oper_list.id                   1 
_pdbx_struct_oper_list.type                 'identity operation' 
_pdbx_struct_oper_list.name                 1_555 
_pdbx_struct_oper_list.symmetry_operation   x,y,z 
_pdbx_struct_oper_list.matrix[1][1]         1.0000000000 
_pdbx_struct_oper_list.matrix[1][2]         0.0000000000 
_pdbx_struct_oper_list.matrix[1][3]         0.0000000000 
_pdbx_struct_oper_list.vector[1]            0.0000000000 
_pdbx_struct_oper_list.matrix[2][1]         0.0000000000 
_pdbx_struct_oper_list.matrix[2][2]         1.0000000000 
_pdbx_struct_oper_list.matrix[2][3]         0.0000000000 
_pdbx_struct_oper_list.vector[2]            0.0000000000 
_pdbx_struct_oper_list.matrix[3][1]         0.0000000000 
_pdbx_struct_oper_list.matrix[3][2]         0.0000000000 
_pdbx_struct_oper_list.matrix[3][3]         1.0000000000 
_pdbx_struct_oper_list.vector[3]            0.0000000000 
# 
loop_
_pdbx_struct_special_symmetry.id 
_pdbx_struct_special_symmetry.PDB_model_num 
_pdbx_struct_special_symmetry.auth_asym_id 
_pdbx_struct_special_symmetry.auth_comp_id 
_pdbx_struct_special_symmetry.auth_seq_id 
_pdbx_struct_special_symmetry.PDB_ins_code 
_pdbx_struct_special_symmetry.label_asym_id 
_pdbx_struct_special_symmetry.label_comp_id 
_pdbx_struct_special_symmetry.label_seq_id 
1 1 A HOH 390 ? G HOH . 
2 1 A HOH 393 ? G HOH . 
# 
loop_
_pdbx_audit_revision_history.ordinal 
_pdbx_audit_revision_history.data_content_type 
_pdbx_audit_revision_history.major_revision 
_pdbx_audit_revision_history.minor_revision 
_pdbx_audit_revision_history.revision_date 
1 'Structure model' 1 0 2007-10-30 
2 'Structure model' 1 1 2011-07-13 
3 'Structure model' 1 2 2017-08-23 
4 'Structure model' 1 3 2023-10-25 
# 
_pdbx_audit_revision_details.ordinal             1 
_pdbx_audit_revision_details.revision_ordinal    1 
_pdbx_audit_revision_details.data_content_type   'Structure model' 
_pdbx_audit_revision_details.provider            repository 
_pdbx_audit_revision_details.type                'Initial release' 
_pdbx_audit_revision_details.description         ? 
_pdbx_audit_revision_details.details             ? 
# 
loop_
_pdbx_audit_revision_group.ordinal 
_pdbx_audit_revision_group.revision_ordinal 
_pdbx_audit_revision_group.data_content_type 
_pdbx_audit_revision_group.group 
1 2 'Structure model' 'Non-polymer description'   
2 2 'Structure model' 'Version format compliance' 
3 3 'Structure model' 'Source and taxonomy'       
4 4 'Structure model' 'Data collection'           
5 4 'Structure model' 'Database references'       
6 4 'Structure model' 'Derived calculations'      
7 4 'Structure model' 'Refinement description'    
# 
loop_
_pdbx_audit_revision_category.ordinal 
_pdbx_audit_revision_category.revision_ordinal 
_pdbx_audit_revision_category.data_content_type 
_pdbx_audit_revision_category.category 
1 3 'Structure model' entity_src_gen                
2 4 'Structure model' chem_comp_atom                
3 4 'Structure model' chem_comp_bond                
4 4 'Structure model' database_2                    
5 4 'Structure model' pdbx_initial_refinement_model 
6 4 'Structure model' struct_ref_seq_dif            
7 4 'Structure model' struct_site                   
# 
loop_
_pdbx_audit_revision_item.ordinal 
_pdbx_audit_revision_item.revision_ordinal 
_pdbx_audit_revision_item.data_content_type 
_pdbx_audit_revision_item.item 
1 4 'Structure model' '_database_2.pdbx_DOI'                
2 4 'Structure model' '_database_2.pdbx_database_accession' 
3 4 'Structure model' '_struct_ref_seq_dif.details'         
4 4 'Structure model' '_struct_site.pdbx_auth_asym_id'      
5 4 'Structure model' '_struct_site.pdbx_auth_comp_id'      
6 4 'Structure model' '_struct_site.pdbx_auth_seq_id'       
# 
loop_
_software.name 
_software.classification 
_software.version 
_software.citation_id 
_software.pdbx_ordinal 
REFMAC refinement        5.2.0019 ? 1 
ADSC   'data collection' Quantum  ? 2 
MOSFLM 'data reduction'  .        ? 3 
SCALA  'data scaling'    .        ? 4 
CNS    phasing           .        ? 5 
# 
_pdbx_database_remark.id     999 
_pdbx_database_remark.text   
;SEQUENCE 
UniProt(P11589) shows "Conflict(K -> Q)".
;
# 
loop_
_pdbx_validate_close_contact.id 
_pdbx_validate_close_contact.PDB_model_num 
_pdbx_validate_close_contact.auth_atom_id_1 
_pdbx_validate_close_contact.auth_asym_id_1 
_pdbx_validate_close_contact.auth_comp_id_1 
_pdbx_validate_close_contact.auth_seq_id_1 
_pdbx_validate_close_contact.PDB_ins_code_1 
_pdbx_validate_close_contact.label_alt_id_1 
_pdbx_validate_close_contact.auth_atom_id_2 
_pdbx_validate_close_contact.auth_asym_id_2 
_pdbx_validate_close_contact.auth_comp_id_2 
_pdbx_validate_close_contact.auth_seq_id_2 
_pdbx_validate_close_contact.PDB_ins_code_2 
_pdbx_validate_close_contact.label_alt_id_2 
_pdbx_validate_close_contact.dist 
1 1 CD  A CD  201 ? ? O A HOH 446 ? ? 1.92 
2 1 OE1 A GLU 30  ? ? O A HOH 376 ? ? 2.12 
# 
loop_
_pdbx_validate_torsion.id 
_pdbx_validate_torsion.PDB_model_num 
_pdbx_validate_torsion.auth_comp_id 
_pdbx_validate_torsion.auth_asym_id 
_pdbx_validate_torsion.auth_seq_id 
_pdbx_validate_torsion.PDB_ins_code 
_pdbx_validate_torsion.label_alt_id 
_pdbx_validate_torsion.phi 
_pdbx_validate_torsion.psi 
1 1 TYR A 88  ? ? -161.83 118.76 
2 1 TYR A 101 ? ? 70.61   -42.20 
3 1 ASN A 103 ? ? -125.89 -55.85 
# 
loop_
_pdbx_unobs_or_zero_occ_residues.id 
_pdbx_unobs_or_zero_occ_residues.PDB_model_num 
_pdbx_unobs_or_zero_occ_residues.polymer_flag 
_pdbx_unobs_or_zero_occ_residues.occupancy_flag 
_pdbx_unobs_or_zero_occ_residues.auth_asym_id 
_pdbx_unobs_or_zero_occ_residues.auth_comp_id 
_pdbx_unobs_or_zero_occ_residues.auth_seq_id 
_pdbx_unobs_or_zero_occ_residues.PDB_ins_code 
_pdbx_unobs_or_zero_occ_residues.label_asym_id 
_pdbx_unobs_or_zero_occ_residues.label_comp_id 
_pdbx_unobs_or_zero_occ_residues.label_seq_id 
1  1 Y 1 A MET -11 ? A MET 1   
2  1 Y 1 A ARG -10 ? A ARG 2   
3  1 Y 1 A GLY -9  ? A GLY 3   
4  1 Y 1 A SER -8  ? A SER 4   
5  1 Y 1 A HIS -7  ? A HIS 5   
6  1 Y 1 A HIS -6  ? A HIS 6   
7  1 Y 1 A HIS -5  ? A HIS 7   
8  1 Y 1 A HIS -4  ? A HIS 8   
9  1 Y 1 A HIS -3  ? A HIS 9   
10 1 Y 1 A HIS -2  ? A HIS 10  
11 1 Y 1 A GLY -1  ? A GLY 11  
12 1 Y 1 A SER 0   ? A SER 12  
13 1 Y 1 A ARG 59  ? A ARG 71  
14 1 Y 1 A VAL 60  ? A VAL 72  
15 1 Y 1 A ARG 61  ? A ARG 73  
16 1 Y 1 A LEU 62  ? A LEU 74  
17 1 Y 1 A LEU 63  ? A LEU 75  
18 1 Y 1 A ASN 64  ? A ASN 76  
19 1 Y 1 A ASN 65  ? A ASN 77  
20 1 Y 1 A TRP 66  ? A TRP 78  
21 1 Y 1 A ASP 67  ? A ASP 79  
22 1 Y 1 A CYS 68  ? A CYS 80  
23 1 Y 1 A ASN 159 ? A ASN 171 
24 1 Y 1 A ARG 160 ? A ARG 172 
25 1 Y 1 A CYS 161 ? A CYS 173 
26 1 Y 1 A LEU 162 ? A LEU 174 
27 1 Y 1 A GLN 163 ? A GLN 175 
28 1 Y 1 A ALA 164 ? A ALA 176 
29 1 Y 1 A ARG 165 ? A ARG 177 
30 1 Y 1 A GLU 166 ? A GLU 178 
# 
loop_
_chem_comp_atom.comp_id 
_chem_comp_atom.atom_id 
_chem_comp_atom.type_symbol 
_chem_comp_atom.pdbx_aromatic_flag 
_chem_comp_atom.pdbx_stereo_config 
_chem_comp_atom.pdbx_ordinal 
ALA N    N  N N 1   
ALA CA   C  N S 2   
ALA C    C  N N 3   
ALA O    O  N N 4   
ALA CB   C  N N 5   
ALA OXT  O  N N 6   
ALA H    H  N N 7   
ALA H2   H  N N 8   
ALA HA   H  N N 9   
ALA HB1  H  N N 10  
ALA HB2  H  N N 11  
ALA HB3  H  N N 12  
ALA HXT  H  N N 13  
ARG N    N  N N 14  
ARG CA   C  N S 15  
ARG C    C  N N 16  
ARG O    O  N N 17  
ARG CB   C  N N 18  
ARG CG   C  N N 19  
ARG CD   C  N N 20  
ARG NE   N  N N 21  
ARG CZ   C  N N 22  
ARG NH1  N  N N 23  
ARG NH2  N  N N 24  
ARG OXT  O  N N 25  
ARG H    H  N N 26  
ARG H2   H  N N 27  
ARG HA   H  N N 28  
ARG HB2  H  N N 29  
ARG HB3  H  N N 30  
ARG HG2  H  N N 31  
ARG HG3  H  N N 32  
ARG HD2  H  N N 33  
ARG HD3  H  N N 34  
ARG HE   H  N N 35  
ARG HH11 H  N N 36  
ARG HH12 H  N N 37  
ARG HH21 H  N N 38  
ARG HH22 H  N N 39  
ARG HXT  H  N N 40  
ASN N    N  N N 41  
ASN CA   C  N S 42  
ASN C    C  N N 43  
ASN O    O  N N 44  
ASN CB   C  N N 45  
ASN CG   C  N N 46  
ASN OD1  O  N N 47  
ASN ND2  N  N N 48  
ASN OXT  O  N N 49  
ASN H    H  N N 50  
ASN H2   H  N N 51  
ASN HA   H  N N 52  
ASN HB2  H  N N 53  
ASN HB3  H  N N 54  
ASN HD21 H  N N 55  
ASN HD22 H  N N 56  
ASN HXT  H  N N 57  
ASP N    N  N N 58  
ASP CA   C  N S 59  
ASP C    C  N N 60  
ASP O    O  N N 61  
ASP CB   C  N N 62  
ASP CG   C  N N 63  
ASP OD1  O  N N 64  
ASP OD2  O  N N 65  
ASP OXT  O  N N 66  
ASP H    H  N N 67  
ASP H2   H  N N 68  
ASP HA   H  N N 69  
ASP HB2  H  N N 70  
ASP HB3  H  N N 71  
ASP HD2  H  N N 72  
ASP HXT  H  N N 73  
CD  CD   CD N N 74  
CYS N    N  N N 75  
CYS CA   C  N R 76  
CYS C    C  N N 77  
CYS O    O  N N 78  
CYS CB   C  N N 79  
CYS SG   S  N N 80  
CYS OXT  O  N N 81  
CYS H    H  N N 82  
CYS H2   H  N N 83  
CYS HA   H  N N 84  
CYS HB2  H  N N 85  
CYS HB3  H  N N 86  
CYS HG   H  N N 87  
CYS HXT  H  N N 88  
GLN N    N  N N 89  
GLN CA   C  N S 90  
GLN C    C  N N 91  
GLN O    O  N N 92  
GLN CB   C  N N 93  
GLN CG   C  N N 94  
GLN CD   C  N N 95  
GLN OE1  O  N N 96  
GLN NE2  N  N N 97  
GLN OXT  O  N N 98  
GLN H    H  N N 99  
GLN H2   H  N N 100 
GLN HA   H  N N 101 
GLN HB2  H  N N 102 
GLN HB3  H  N N 103 
GLN HG2  H  N N 104 
GLN HG3  H  N N 105 
GLN HE21 H  N N 106 
GLN HE22 H  N N 107 
GLN HXT  H  N N 108 
GLU N    N  N N 109 
GLU CA   C  N S 110 
GLU C    C  N N 111 
GLU O    O  N N 112 
GLU CB   C  N N 113 
GLU CG   C  N N 114 
GLU CD   C  N N 115 
GLU OE1  O  N N 116 
GLU OE2  O  N N 117 
GLU OXT  O  N N 118 
GLU H    H  N N 119 
GLU H2   H  N N 120 
GLU HA   H  N N 121 
GLU HB2  H  N N 122 
GLU HB3  H  N N 123 
GLU HG2  H  N N 124 
GLU HG3  H  N N 125 
GLU HE2  H  N N 126 
GLU HXT  H  N N 127 
GLY N    N  N N 128 
GLY CA   C  N N 129 
GLY C    C  N N 130 
GLY O    O  N N 131 
GLY OXT  O  N N 132 
GLY H    H  N N 133 
GLY H2   H  N N 134 
GLY HA2  H  N N 135 
GLY HA3  H  N N 136 
GLY HXT  H  N N 137 
GOL C1   C  N N 138 
GOL O1   O  N N 139 
GOL C2   C  N N 140 
GOL O2   O  N N 141 
GOL C3   C  N N 142 
GOL O3   O  N N 143 
GOL H11  H  N N 144 
GOL H12  H  N N 145 
GOL HO1  H  N N 146 
GOL H2   H  N N 147 
GOL HO2  H  N N 148 
GOL H31  H  N N 149 
GOL H32  H  N N 150 
GOL HO3  H  N N 151 
HIS N    N  N N 152 
HIS CA   C  N S 153 
HIS C    C  N N 154 
HIS O    O  N N 155 
HIS CB   C  N N 156 
HIS CG   C  Y N 157 
HIS ND1  N  Y N 158 
HIS CD2  C  Y N 159 
HIS CE1  C  Y N 160 
HIS NE2  N  Y N 161 
HIS OXT  O  N N 162 
HIS H    H  N N 163 
HIS H2   H  N N 164 
HIS HA   H  N N 165 
HIS HB2  H  N N 166 
HIS HB3  H  N N 167 
HIS HD1  H  N N 168 
HIS HD2  H  N N 169 
HIS HE1  H  N N 170 
HIS HE2  H  N N 171 
HIS HXT  H  N N 172 
HOH O    O  N N 173 
HOH H1   H  N N 174 
HOH H2   H  N N 175 
ILE N    N  N N 176 
ILE CA   C  N S 177 
ILE C    C  N N 178 
ILE O    O  N N 179 
ILE CB   C  N S 180 
ILE CG1  C  N N 181 
ILE CG2  C  N N 182 
ILE CD1  C  N N 183 
ILE OXT  O  N N 184 
ILE H    H  N N 185 
ILE H2   H  N N 186 
ILE HA   H  N N 187 
ILE HB   H  N N 188 
ILE HG12 H  N N 189 
ILE HG13 H  N N 190 
ILE HG21 H  N N 191 
ILE HG22 H  N N 192 
ILE HG23 H  N N 193 
ILE HD11 H  N N 194 
ILE HD12 H  N N 195 
ILE HD13 H  N N 196 
ILE HXT  H  N N 197 
LEU N    N  N N 198 
LEU CA   C  N S 199 
LEU C    C  N N 200 
LEU O    O  N N 201 
LEU CB   C  N N 202 
LEU CG   C  N N 203 
LEU CD1  C  N N 204 
LEU CD2  C  N N 205 
LEU OXT  O  N N 206 
LEU H    H  N N 207 
LEU H2   H  N N 208 
LEU HA   H  N N 209 
LEU HB2  H  N N 210 
LEU HB3  H  N N 211 
LEU HG   H  N N 212 
LEU HD11 H  N N 213 
LEU HD12 H  N N 214 
LEU HD13 H  N N 215 
LEU HD21 H  N N 216 
LEU HD22 H  N N 217 
LEU HD23 H  N N 218 
LEU HXT  H  N N 219 
LYS N    N  N N 220 
LYS CA   C  N S 221 
LYS C    C  N N 222 
LYS O    O  N N 223 
LYS CB   C  N N 224 
LYS CG   C  N N 225 
LYS CD   C  N N 226 
LYS CE   C  N N 227 
LYS NZ   N  N N 228 
LYS OXT  O  N N 229 
LYS H    H  N N 230 
LYS H2   H  N N 231 
LYS HA   H  N N 232 
LYS HB2  H  N N 233 
LYS HB3  H  N N 234 
LYS HG2  H  N N 235 
LYS HG3  H  N N 236 
LYS HD2  H  N N 237 
LYS HD3  H  N N 238 
LYS HE2  H  N N 239 
LYS HE3  H  N N 240 
LYS HZ1  H  N N 241 
LYS HZ2  H  N N 242 
LYS HZ3  H  N N 243 
LYS HXT  H  N N 244 
MET N    N  N N 245 
MET CA   C  N S 246 
MET C    C  N N 247 
MET O    O  N N 248 
MET CB   C  N N 249 
MET CG   C  N N 250 
MET SD   S  N N 251 
MET CE   C  N N 252 
MET OXT  O  N N 253 
MET H    H  N N 254 
MET H2   H  N N 255 
MET HA   H  N N 256 
MET HB2  H  N N 257 
MET HB3  H  N N 258 
MET HG2  H  N N 259 
MET HG3  H  N N 260 
MET HE1  H  N N 261 
MET HE2  H  N N 262 
MET HE3  H  N N 263 
MET HXT  H  N N 264 
PHE N    N  N N 265 
PHE CA   C  N S 266 
PHE C    C  N N 267 
PHE O    O  N N 268 
PHE CB   C  N N 269 
PHE CG   C  Y N 270 
PHE CD1  C  Y N 271 
PHE CD2  C  Y N 272 
PHE CE1  C  Y N 273 
PHE CE2  C  Y N 274 
PHE CZ   C  Y N 275 
PHE OXT  O  N N 276 
PHE H    H  N N 277 
PHE H2   H  N N 278 
PHE HA   H  N N 279 
PHE HB2  H  N N 280 
PHE HB3  H  N N 281 
PHE HD1  H  N N 282 
PHE HD2  H  N N 283 
PHE HE1  H  N N 284 
PHE HE2  H  N N 285 
PHE HZ   H  N N 286 
PHE HXT  H  N N 287 
PRO N    N  N N 288 
PRO CA   C  N S 289 
PRO C    C  N N 290 
PRO O    O  N N 291 
PRO CB   C  N N 292 
PRO CG   C  N N 293 
PRO CD   C  N N 294 
PRO OXT  O  N N 295 
PRO H    H  N N 296 
PRO HA   H  N N 297 
PRO HB2  H  N N 298 
PRO HB3  H  N N 299 
PRO HG2  H  N N 300 
PRO HG3  H  N N 301 
PRO HD2  H  N N 302 
PRO HD3  H  N N 303 
PRO HXT  H  N N 304 
SER N    N  N N 305 
SER CA   C  N S 306 
SER C    C  N N 307 
SER O    O  N N 308 
SER CB   C  N N 309 
SER OG   O  N N 310 
SER OXT  O  N N 311 
SER H    H  N N 312 
SER H2   H  N N 313 
SER HA   H  N N 314 
SER HB2  H  N N 315 
SER HB3  H  N N 316 
SER HG   H  N N 317 
SER HXT  H  N N 318 
THR N    N  N N 319 
THR CA   C  N S 320 
THR C    C  N N 321 
THR O    O  N N 322 
THR CB   C  N R 323 
THR OG1  O  N N 324 
THR CG2  C  N N 325 
THR OXT  O  N N 326 
THR H    H  N N 327 
THR H2   H  N N 328 
THR HA   H  N N 329 
THR HB   H  N N 330 
THR HG1  H  N N 331 
THR HG21 H  N N 332 
THR HG22 H  N N 333 
THR HG23 H  N N 334 
THR HXT  H  N N 335 
TRP N    N  N N 336 
TRP CA   C  N S 337 
TRP C    C  N N 338 
TRP O    O  N N 339 
TRP CB   C  N N 340 
TRP CG   C  Y N 341 
TRP CD1  C  Y N 342 
TRP CD2  C  Y N 343 
TRP NE1  N  Y N 344 
TRP CE2  C  Y N 345 
TRP CE3  C  Y N 346 
TRP CZ2  C  Y N 347 
TRP CZ3  C  Y N 348 
TRP CH2  C  Y N 349 
TRP OXT  O  N N 350 
TRP H    H  N N 351 
TRP H2   H  N N 352 
TRP HA   H  N N 353 
TRP HB2  H  N N 354 
TRP HB3  H  N N 355 
TRP HD1  H  N N 356 
TRP HE1  H  N N 357 
TRP HE3  H  N N 358 
TRP HZ2  H  N N 359 
TRP HZ3  H  N N 360 
TRP HH2  H  N N 361 
TRP HXT  H  N N 362 
TYR N    N  N N 363 
TYR CA   C  N S 364 
TYR C    C  N N 365 
TYR O    O  N N 366 
TYR CB   C  N N 367 
TYR CG   C  Y N 368 
TYR CD1  C  Y N 369 
TYR CD2  C  Y N 370 
TYR CE1  C  Y N 371 
TYR CE2  C  Y N 372 
TYR CZ   C  Y N 373 
TYR OH   O  N N 374 
TYR OXT  O  N N 375 
TYR H    H  N N 376 
TYR H2   H  N N 377 
TYR HA   H  N N 378 
TYR HB2  H  N N 379 
TYR HB3  H  N N 380 
TYR HD1  H  N N 381 
TYR HD2  H  N N 382 
TYR HE1  H  N N 383 
TYR HE2  H  N N 384 
TYR HH   H  N N 385 
TYR HXT  H  N N 386 
VAL N    N  N N 387 
VAL CA   C  N S 388 
VAL C    C  N N 389 
VAL O    O  N N 390 
VAL CB   C  N N 391 
VAL CG1  C  N N 392 
VAL CG2  C  N N 393 
VAL OXT  O  N N 394 
VAL H    H  N N 395 
VAL H2   H  N N 396 
VAL HA   H  N N 397 
VAL HB   H  N N 398 
VAL HG11 H  N N 399 
VAL HG12 H  N N 400 
VAL HG13 H  N N 401 
VAL HG21 H  N N 402 
VAL HG22 H  N N 403 
VAL HG23 H  N N 404 
VAL HXT  H  N N 405 
# 
loop_
_chem_comp_bond.comp_id 
_chem_comp_bond.atom_id_1 
_chem_comp_bond.atom_id_2 
_chem_comp_bond.value_order 
_chem_comp_bond.pdbx_aromatic_flag 
_chem_comp_bond.pdbx_stereo_config 
_chem_comp_bond.pdbx_ordinal 
ALA N   CA   sing N N 1   
ALA N   H    sing N N 2   
ALA N   H2   sing N N 3   
ALA CA  C    sing N N 4   
ALA CA  CB   sing N N 5   
ALA CA  HA   sing N N 6   
ALA C   O    doub N N 7   
ALA C   OXT  sing N N 8   
ALA CB  HB1  sing N N 9   
ALA CB  HB2  sing N N 10  
ALA CB  HB3  sing N N 11  
ALA OXT HXT  sing N N 12  
ARG N   CA   sing N N 13  
ARG N   H    sing N N 14  
ARG N   H2   sing N N 15  
ARG CA  C    sing N N 16  
ARG CA  CB   sing N N 17  
ARG CA  HA   sing N N 18  
ARG C   O    doub N N 19  
ARG C   OXT  sing N N 20  
ARG CB  CG   sing N N 21  
ARG CB  HB2  sing N N 22  
ARG CB  HB3  sing N N 23  
ARG CG  CD   sing N N 24  
ARG CG  HG2  sing N N 25  
ARG CG  HG3  sing N N 26  
ARG CD  NE   sing N N 27  
ARG CD  HD2  sing N N 28  
ARG CD  HD3  sing N N 29  
ARG NE  CZ   sing N N 30  
ARG NE  HE   sing N N 31  
ARG CZ  NH1  sing N N 32  
ARG CZ  NH2  doub N N 33  
ARG NH1 HH11 sing N N 34  
ARG NH1 HH12 sing N N 35  
ARG NH2 HH21 sing N N 36  
ARG NH2 HH22 sing N N 37  
ARG OXT HXT  sing N N 38  
ASN N   CA   sing N N 39  
ASN N   H    sing N N 40  
ASN N   H2   sing N N 41  
ASN CA  C    sing N N 42  
ASN CA  CB   sing N N 43  
ASN CA  HA   sing N N 44  
ASN C   O    doub N N 45  
ASN C   OXT  sing N N 46  
ASN CB  CG   sing N N 47  
ASN CB  HB2  sing N N 48  
ASN CB  HB3  sing N N 49  
ASN CG  OD1  doub N N 50  
ASN CG  ND2  sing N N 51  
ASN ND2 HD21 sing N N 52  
ASN ND2 HD22 sing N N 53  
ASN OXT HXT  sing N N 54  
ASP N   CA   sing N N 55  
ASP N   H    sing N N 56  
ASP N   H2   sing N N 57  
ASP CA  C    sing N N 58  
ASP CA  CB   sing N N 59  
ASP CA  HA   sing N N 60  
ASP C   O    doub N N 61  
ASP C   OXT  sing N N 62  
ASP CB  CG   sing N N 63  
ASP CB  HB2  sing N N 64  
ASP CB  HB3  sing N N 65  
ASP CG  OD1  doub N N 66  
ASP CG  OD2  sing N N 67  
ASP OD2 HD2  sing N N 68  
ASP OXT HXT  sing N N 69  
CYS N   CA   sing N N 70  
CYS N   H    sing N N 71  
CYS N   H2   sing N N 72  
CYS CA  C    sing N N 73  
CYS CA  CB   sing N N 74  
CYS CA  HA   sing N N 75  
CYS C   O    doub N N 76  
CYS C   OXT  sing N N 77  
CYS CB  SG   sing N N 78  
CYS CB  HB2  sing N N 79  
CYS CB  HB3  sing N N 80  
CYS SG  HG   sing N N 81  
CYS OXT HXT  sing N N 82  
GLN N   CA   sing N N 83  
GLN N   H    sing N N 84  
GLN N   H2   sing N N 85  
GLN CA  C    sing N N 86  
GLN CA  CB   sing N N 87  
GLN CA  HA   sing N N 88  
GLN C   O    doub N N 89  
GLN C   OXT  sing N N 90  
GLN CB  CG   sing N N 91  
GLN CB  HB2  sing N N 92  
GLN CB  HB3  sing N N 93  
GLN CG  CD   sing N N 94  
GLN CG  HG2  sing N N 95  
GLN CG  HG3  sing N N 96  
GLN CD  OE1  doub N N 97  
GLN CD  NE2  sing N N 98  
GLN NE2 HE21 sing N N 99  
GLN NE2 HE22 sing N N 100 
GLN OXT HXT  sing N N 101 
GLU N   CA   sing N N 102 
GLU N   H    sing N N 103 
GLU N   H2   sing N N 104 
GLU CA  C    sing N N 105 
GLU CA  CB   sing N N 106 
GLU CA  HA   sing N N 107 
GLU C   O    doub N N 108 
GLU C   OXT  sing N N 109 
GLU CB  CG   sing N N 110 
GLU CB  HB2  sing N N 111 
GLU CB  HB3  sing N N 112 
GLU CG  CD   sing N N 113 
GLU CG  HG2  sing N N 114 
GLU CG  HG3  sing N N 115 
GLU CD  OE1  doub N N 116 
GLU CD  OE2  sing N N 117 
GLU OE2 HE2  sing N N 118 
GLU OXT HXT  sing N N 119 
GLY N   CA   sing N N 120 
GLY N   H    sing N N 121 
GLY N   H2   sing N N 122 
GLY CA  C    sing N N 123 
GLY CA  HA2  sing N N 124 
GLY CA  HA3  sing N N 125 
GLY C   O    doub N N 126 
GLY C   OXT  sing N N 127 
GLY OXT HXT  sing N N 128 
GOL C1  O1   sing N N 129 
GOL C1  C2   sing N N 130 
GOL C1  H11  sing N N 131 
GOL C1  H12  sing N N 132 
GOL O1  HO1  sing N N 133 
GOL C2  O2   sing N N 134 
GOL C2  C3   sing N N 135 
GOL C2  H2   sing N N 136 
GOL O2  HO2  sing N N 137 
GOL C3  O3   sing N N 138 
GOL C3  H31  sing N N 139 
GOL C3  H32  sing N N 140 
GOL O3  HO3  sing N N 141 
HIS N   CA   sing N N 142 
HIS N   H    sing N N 143 
HIS N   H2   sing N N 144 
HIS CA  C    sing N N 145 
HIS CA  CB   sing N N 146 
HIS CA  HA   sing N N 147 
HIS C   O    doub N N 148 
HIS C   OXT  sing N N 149 
HIS CB  CG   sing N N 150 
HIS CB  HB2  sing N N 151 
HIS CB  HB3  sing N N 152 
HIS CG  ND1  sing Y N 153 
HIS CG  CD2  doub Y N 154 
HIS ND1 CE1  doub Y N 155 
HIS ND1 HD1  sing N N 156 
HIS CD2 NE2  sing Y N 157 
HIS CD2 HD2  sing N N 158 
HIS CE1 NE2  sing Y N 159 
HIS CE1 HE1  sing N N 160 
HIS NE2 HE2  sing N N 161 
HIS OXT HXT  sing N N 162 
HOH O   H1   sing N N 163 
HOH O   H2   sing N N 164 
ILE N   CA   sing N N 165 
ILE N   H    sing N N 166 
ILE N   H2   sing N N 167 
ILE CA  C    sing N N 168 
ILE CA  CB   sing N N 169 
ILE CA  HA   sing N N 170 
ILE C   O    doub N N 171 
ILE C   OXT  sing N N 172 
ILE CB  CG1  sing N N 173 
ILE CB  CG2  sing N N 174 
ILE CB  HB   sing N N 175 
ILE CG1 CD1  sing N N 176 
ILE CG1 HG12 sing N N 177 
ILE CG1 HG13 sing N N 178 
ILE CG2 HG21 sing N N 179 
ILE CG2 HG22 sing N N 180 
ILE CG2 HG23 sing N N 181 
ILE CD1 HD11 sing N N 182 
ILE CD1 HD12 sing N N 183 
ILE CD1 HD13 sing N N 184 
ILE OXT HXT  sing N N 185 
LEU N   CA   sing N N 186 
LEU N   H    sing N N 187 
LEU N   H2   sing N N 188 
LEU CA  C    sing N N 189 
LEU CA  CB   sing N N 190 
LEU CA  HA   sing N N 191 
LEU C   O    doub N N 192 
LEU C   OXT  sing N N 193 
LEU CB  CG   sing N N 194 
LEU CB  HB2  sing N N 195 
LEU CB  HB3  sing N N 196 
LEU CG  CD1  sing N N 197 
LEU CG  CD2  sing N N 198 
LEU CG  HG   sing N N 199 
LEU CD1 HD11 sing N N 200 
LEU CD1 HD12 sing N N 201 
LEU CD1 HD13 sing N N 202 
LEU CD2 HD21 sing N N 203 
LEU CD2 HD22 sing N N 204 
LEU CD2 HD23 sing N N 205 
LEU OXT HXT  sing N N 206 
LYS N   CA   sing N N 207 
LYS N   H    sing N N 208 
LYS N   H2   sing N N 209 
LYS CA  C    sing N N 210 
LYS CA  CB   sing N N 211 
LYS CA  HA   sing N N 212 
LYS C   O    doub N N 213 
LYS C   OXT  sing N N 214 
LYS CB  CG   sing N N 215 
LYS CB  HB2  sing N N 216 
LYS CB  HB3  sing N N 217 
LYS CG  CD   sing N N 218 
LYS CG  HG2  sing N N 219 
LYS CG  HG3  sing N N 220 
LYS CD  CE   sing N N 221 
LYS CD  HD2  sing N N 222 
LYS CD  HD3  sing N N 223 
LYS CE  NZ   sing N N 224 
LYS CE  HE2  sing N N 225 
LYS CE  HE3  sing N N 226 
LYS NZ  HZ1  sing N N 227 
LYS NZ  HZ2  sing N N 228 
LYS NZ  HZ3  sing N N 229 
LYS OXT HXT  sing N N 230 
MET N   CA   sing N N 231 
MET N   H    sing N N 232 
MET N   H2   sing N N 233 
MET CA  C    sing N N 234 
MET CA  CB   sing N N 235 
MET CA  HA   sing N N 236 
MET C   O    doub N N 237 
MET C   OXT  sing N N 238 
MET CB  CG   sing N N 239 
MET CB  HB2  sing N N 240 
MET CB  HB3  sing N N 241 
MET CG  SD   sing N N 242 
MET CG  HG2  sing N N 243 
MET CG  HG3  sing N N 244 
MET SD  CE   sing N N 245 
MET CE  HE1  sing N N 246 
MET CE  HE2  sing N N 247 
MET CE  HE3  sing N N 248 
MET OXT HXT  sing N N 249 
PHE N   CA   sing N N 250 
PHE N   H    sing N N 251 
PHE N   H2   sing N N 252 
PHE CA  C    sing N N 253 
PHE CA  CB   sing N N 254 
PHE CA  HA   sing N N 255 
PHE C   O    doub N N 256 
PHE C   OXT  sing N N 257 
PHE CB  CG   sing N N 258 
PHE CB  HB2  sing N N 259 
PHE CB  HB3  sing N N 260 
PHE CG  CD1  doub Y N 261 
PHE CG  CD2  sing Y N 262 
PHE CD1 CE1  sing Y N 263 
PHE CD1 HD1  sing N N 264 
PHE CD2 CE2  doub Y N 265 
PHE CD2 HD2  sing N N 266 
PHE CE1 CZ   doub Y N 267 
PHE CE1 HE1  sing N N 268 
PHE CE2 CZ   sing Y N 269 
PHE CE2 HE2  sing N N 270 
PHE CZ  HZ   sing N N 271 
PHE OXT HXT  sing N N 272 
PRO N   CA   sing N N 273 
PRO N   CD   sing N N 274 
PRO N   H    sing N N 275 
PRO CA  C    sing N N 276 
PRO CA  CB   sing N N 277 
PRO CA  HA   sing N N 278 
PRO C   O    doub N N 279 
PRO C   OXT  sing N N 280 
PRO CB  CG   sing N N 281 
PRO CB  HB2  sing N N 282 
PRO CB  HB3  sing N N 283 
PRO CG  CD   sing N N 284 
PRO CG  HG2  sing N N 285 
PRO CG  HG3  sing N N 286 
PRO CD  HD2  sing N N 287 
PRO CD  HD3  sing N N 288 
PRO OXT HXT  sing N N 289 
SER N   CA   sing N N 290 
SER N   H    sing N N 291 
SER N   H2   sing N N 292 
SER CA  C    sing N N 293 
SER CA  CB   sing N N 294 
SER CA  HA   sing N N 295 
SER C   O    doub N N 296 
SER C   OXT  sing N N 297 
SER CB  OG   sing N N 298 
SER CB  HB2  sing N N 299 
SER CB  HB3  sing N N 300 
SER OG  HG   sing N N 301 
SER OXT HXT  sing N N 302 
THR N   CA   sing N N 303 
THR N   H    sing N N 304 
THR N   H2   sing N N 305 
THR CA  C    sing N N 306 
THR CA  CB   sing N N 307 
THR CA  HA   sing N N 308 
THR C   O    doub N N 309 
THR C   OXT  sing N N 310 
THR CB  OG1  sing N N 311 
THR CB  CG2  sing N N 312 
THR CB  HB   sing N N 313 
THR OG1 HG1  sing N N 314 
THR CG2 HG21 sing N N 315 
THR CG2 HG22 sing N N 316 
THR CG2 HG23 sing N N 317 
THR OXT HXT  sing N N 318 
TRP N   CA   sing N N 319 
TRP N   H    sing N N 320 
TRP N   H2   sing N N 321 
TRP CA  C    sing N N 322 
TRP CA  CB   sing N N 323 
TRP CA  HA   sing N N 324 
TRP C   O    doub N N 325 
TRP C   OXT  sing N N 326 
TRP CB  CG   sing N N 327 
TRP CB  HB2  sing N N 328 
TRP CB  HB3  sing N N 329 
TRP CG  CD1  doub Y N 330 
TRP CG  CD2  sing Y N 331 
TRP CD1 NE1  sing Y N 332 
TRP CD1 HD1  sing N N 333 
TRP CD2 CE2  doub Y N 334 
TRP CD2 CE3  sing Y N 335 
TRP NE1 CE2  sing Y N 336 
TRP NE1 HE1  sing N N 337 
TRP CE2 CZ2  sing Y N 338 
TRP CE3 CZ3  doub Y N 339 
TRP CE3 HE3  sing N N 340 
TRP CZ2 CH2  doub Y N 341 
TRP CZ2 HZ2  sing N N 342 
TRP CZ3 CH2  sing Y N 343 
TRP CZ3 HZ3  sing N N 344 
TRP CH2 HH2  sing N N 345 
TRP OXT HXT  sing N N 346 
TYR N   CA   sing N N 347 
TYR N   H    sing N N 348 
TYR N   H2   sing N N 349 
TYR CA  C    sing N N 350 
TYR CA  CB   sing N N 351 
TYR CA  HA   sing N N 352 
TYR C   O    doub N N 353 
TYR C   OXT  sing N N 354 
TYR CB  CG   sing N N 355 
TYR CB  HB2  sing N N 356 
TYR CB  HB3  sing N N 357 
TYR CG  CD1  doub Y N 358 
TYR CG  CD2  sing Y N 359 
TYR CD1 CE1  sing Y N 360 
TYR CD1 HD1  sing N N 361 
TYR CD2 CE2  doub Y N 362 
TYR CD2 HD2  sing N N 363 
TYR CE1 CZ   doub Y N 364 
TYR CE1 HE1  sing N N 365 
TYR CE2 CZ   sing Y N 366 
TYR CE2 HE2  sing N N 367 
TYR CZ  OH   sing N N 368 
TYR OH  HH   sing N N 369 
TYR OXT HXT  sing N N 370 
VAL N   CA   sing N N 371 
VAL N   H    sing N N 372 
VAL N   H2   sing N N 373 
VAL CA  C    sing N N 374 
VAL CA  CB   sing N N 375 
VAL CA  HA   sing N N 376 
VAL C   O    doub N N 377 
VAL C   OXT  sing N N 378 
VAL CB  CG1  sing N N 379 
VAL CB  CG2  sing N N 380 
VAL CB  HB   sing N N 381 
VAL CG1 HG11 sing N N 382 
VAL CG1 HG12 sing N N 383 
VAL CG1 HG13 sing N N 384 
VAL CG2 HG21 sing N N 385 
VAL CG2 HG22 sing N N 386 
VAL CG2 HG23 sing N N 387 
VAL OXT HXT  sing N N 388 
# 
loop_
_pdbx_entity_nonpoly.entity_id 
_pdbx_entity_nonpoly.name 
_pdbx_entity_nonpoly.comp_id 
2 'CADMIUM ION' CD  
3 GLYCEROL      GOL 
4 water         HOH 
# 
_pdbx_initial_refinement_model.id               1 
_pdbx_initial_refinement_model.entity_id_list   ? 
_pdbx_initial_refinement_model.type             'experimental model' 
_pdbx_initial_refinement_model.source_name      PDB 
_pdbx_initial_refinement_model.accession_code   1QY0 
_pdbx_initial_refinement_model.details          ? 
# 
